data_6LCP
#
_entry.id   6LCP
#
_cell.length_a   1.00
_cell.length_b   1.00
_cell.length_c   1.00
_cell.angle_alpha   90.00
_cell.angle_beta   90.00
_cell.angle_gamma   90.00
#
_symmetry.space_group_name_H-M   'P 1'
#
loop_
_entity.id
_entity.type
_entity.pdbx_description
1 polymer 'Phospholipid-transporting ATPase'
2 polymer Cdc50
3 branched alpha-D-mannopyranose-(1-3)-alpha-D-mannopyranose
4 branched beta-D-mannopyranose-(1-4)-2-acetamido-2-deoxy-beta-D-glucopyranose-(1-4)-2-acetamido-2-deoxy-beta-D-glucopyranose
5 branched alpha-D-mannopyranose-(1-3)-beta-D-mannopyranose-(1-4)-2-acetamido-2-deoxy-beta-D-glucopyranose-(1-4)-2-acetamido-2-deoxy-beta-D-glucopyranose
6 branched 2-acetamido-2-deoxy-beta-D-glucopyranose-(1-4)-2-acetamido-2-deoxy-beta-D-glucopyranose
7 non-polymer 'MAGNESIUM ION'
8 non-polymer 'BERYLLIUM TRIFLUORIDE ION'
9 non-polymer '(2S)-3-(hexadecanoyloxy)-2-[(9Z)-octadec-9-enoyloxy]propyl 2-(trimethylammonio)ethyl phosphate'
10 non-polymer O-[(R)-{[(2R)-2,3-bis(octadecanoyloxy)propyl]oxy}(hydroxy)phosphoryl]-L-serine
11 non-polymer 2-acetamido-2-deoxy-beta-D-glucopyranose
#
loop_
_entity_poly.entity_id
_entity_poly.type
_entity_poly.pdbx_seq_one_letter_code
_entity_poly.pdbx_strand_id
1 'polypeptide(L)'
;MAPPQEEGGGNGTELSMQRSRWATRRLTVKSGARKRLSLMTRAQAKNSATEKRQSGVTDDGSPAADGDQKEGSISSSNNG
GSAPRKLYFNLPLPPELKDEEGHPIQQFPRNKIRTAKYTPLSFIPKNLWFQFHNIANIFFLFLVILVIFPIFGGVNPGLN
SVPLIVIITVTAIKDAIEDYRRTILDIELNNAPVHRLQGWENVNVEKDNVSLWRRFKKANSRFFGSIWHLIERLWKEDAQ
SMRQRFASADPRMSIETRTAPWDPSHRRSVASHTEEIQMTPVPSPVPHDPDVPTVSSAIENEATLLQNLKGDLINHEIPV
SGKARFHKDAWKNLVVGDFVRIYNDDELPADIIILATSDPDGACYVETKNLDGETNLKVRQALRCGRTLKHARDCERAQF
VIESEPPQPNLYKYNGAIRWKQRVPWDPHGEPREMSEPIGIDNLLLRGCHLRNTEWALGVVVFTGHDTKIMMNAGITPSK
RARIARELNFNVICNFGILLIMCLIAAIANGIAWGKTDASLAWFEYGSIGGTPALTGFITFWAAVIVFQNLVPISLYISL
EIVRTLQAFFIYSDVGMYYEKIDQPCIPKSWNISDDVGQIEYIFSDKTGTLTQNVMEFKKATINGQPYGEAYTEAQAGMD
RRRGINVEEEAKVIREEIAAAKVRAIRGLRELHDNPYLHDEDMTFIAPDFVEDLAGKNGPEQQQATEHFMLALALCHTVV
AEKQPGDPPKMIFKAQSPDEAALVATARDMGFTVLGMSDGGINVNVMGKDMHFPVLSIIEFNSSRKRMSTIVRMPDGRIL
LFCKGADSVIYSRLKKGEQADMRRETAQHLEMFAVEGLRTLCIAERELSEEEYREWRREHDLAATALENREEKLEEVADK
IERDLTLLGGTAIEDRLQDGVPDTIALLADAGIKLWVLTGDKVETAINIGFSCNLLNNDMDLLRLQVNESDASTEDDYLQ
LAEEQLKTNLERFNMTGDDEELKRARKDHNAPSPTYALVIDGFTLRWVLSDSLKQKFLLLCKQCKSVLCCRVSPAQKAAV
VSMVKNGLDVMTLSIGDGANDVAMIQEADVGVGIAGEEGRQAVMSSDFAIGQFRFLQRLVLVHGRWSYRRLAETISNFFY
KNMIWTWSIFWYQCYCNFDIAYIFEYTYILMFNLFFTSVPVILMGVLDQDVSDTVSLAVPQLYRRGIERKEWTQTKFWLY
MIDGVYQSVMSFFIPFIFVVLTPTAAGNGLDVSERTRLGAYIAHPAVITINGYILINTYRWDWLMLLSIVLSDVFIFFWT
GVYTATTYSAGFYQAAPQVYQELTFWMCLIVTPALCLLPRLVVKCIQKQRFPYDVDIIREQANRGDFAAADAAAVAALGG
PERVEGESLGSLSSSGKGSGRSKKSKHQQYASVDEDRRPIYPPSIATHNTRAQNGSDGTTYIMQSRTSTELQQEMPFDRD
REEETPAVRPSIERTRPSYDRIRRSIDRVRPSFEASNDFTSAARLSRIESTHSSLGHTYSHQRESYAGESSGAQQGQEPG
QRRFNLATVRKRGLSAFSKKSIDTTEGEPPREPPM
;
A
2 'polypeptide(L)'
;MAPRRRRGAGQDGSDDGRSDSDAPKNRPPNTAFRQQRMRAWQCVLTPKLIVTVFSILAAIYLGFGAWLTYLAHTVRDLKI
DYTDCLTSAPKDDFETIPQNHITAHFSAKDSTFDPYKAQWKTTEREVQVANYTDNRQFCIVRFNIPEDLQPTISFFYYLE
NFYQNHRRYVNSFNAKQLLGDAVDGKTINDSTCDPITHDPKGTGKIVYPCGLVANSIFNDTFSSPLALAVRNSSDSSRPY
NMTTKGIAWPGLKDLYGKTSYSLDQIVPPPNWERRYKYGYQENNPPPDLKTDELFQNWMMLAAAPNFYKLYQKNDTHPML
AGQYEIEIESNFDVTVYKGRKAFVITTLSTMGSRNIWPGIIFLIVGGICLVLDIYFILSFFIWRPRKLGDPSYLSWNQPS
APGGHSS
;
B
#
# COMPACT_ATOMS: atom_id res chain seq x y z
N ALA A 83 -31.76 23.26 14.31
CA ALA A 83 -32.53 24.32 13.64
C ALA A 83 -33.94 23.87 13.34
N PRO A 84 -34.83 23.92 14.34
CA PRO A 84 -36.23 23.55 14.11
C PRO A 84 -36.86 24.37 13.00
N ARG A 85 -37.34 23.69 11.95
CA ARG A 85 -37.82 24.34 10.75
C ARG A 85 -39.34 24.27 10.68
N LYS A 86 -39.88 24.97 9.69
CA LYS A 86 -41.31 24.96 9.40
C LYS A 86 -41.50 24.90 7.89
N LEU A 87 -42.66 24.42 7.46
CA LEU A 87 -42.96 24.28 6.04
C LEU A 87 -44.36 24.78 5.78
N TYR A 88 -44.54 25.49 4.69
CA TYR A 88 -45.85 25.96 4.26
C TYR A 88 -46.18 25.39 2.89
N PHE A 89 -47.47 25.12 2.68
CA PHE A 89 -47.96 24.56 1.43
C PHE A 89 -49.22 25.30 1.04
N ASN A 90 -49.11 26.16 0.02
CA ASN A 90 -50.23 26.92 -0.50
C ASN A 90 -50.90 27.75 0.60
N LEU A 93 -49.20 30.25 1.09
CA LEU A 93 -48.75 31.53 1.62
C LEU A 93 -47.57 31.34 2.58
N PRO A 94 -46.52 32.13 2.37
CA PRO A 94 -45.37 32.09 3.27
C PRO A 94 -45.64 32.91 4.52
N PRO A 95 -44.84 32.75 5.57
CA PRO A 95 -45.01 33.57 6.78
C PRO A 95 -44.33 34.92 6.62
N GLU A 96 -45.12 35.99 6.77
CA GLU A 96 -44.60 37.33 6.55
C GLU A 96 -43.48 37.70 7.52
N LEU A 97 -43.32 36.93 8.60
CA LEU A 97 -42.21 37.18 9.53
C LEU A 97 -40.86 36.79 8.93
N LYS A 98 -40.86 36.12 7.77
CA LYS A 98 -39.65 35.89 6.99
C LYS A 98 -39.93 36.45 5.59
N ASP A 99 -39.63 37.74 5.43
CA ASP A 99 -39.96 38.47 4.22
C ASP A 99 -38.96 38.14 3.10
N GLU A 100 -39.08 38.88 2.00
CA GLU A 100 -38.09 38.80 0.93
C GLU A 100 -36.72 39.17 1.48
N GLU A 101 -35.71 38.39 1.10
CA GLU A 101 -34.34 38.41 1.61
C GLU A 101 -34.31 38.01 3.09
N GLY A 102 -35.45 37.70 3.70
CA GLY A 102 -35.50 37.20 5.05
C GLY A 102 -36.15 35.83 5.09
N HIS A 103 -36.83 35.46 4.02
CA HIS A 103 -37.35 34.10 3.90
C HIS A 103 -36.28 33.05 3.66
N PRO A 104 -35.17 33.30 2.95
CA PRO A 104 -34.18 32.23 2.75
C PRO A 104 -33.57 31.71 4.03
N ILE A 105 -33.80 32.36 5.18
CA ILE A 105 -33.41 31.77 6.44
C ILE A 105 -34.07 30.39 6.53
N GLN A 106 -33.48 29.52 7.35
CA GLN A 106 -33.71 28.07 7.28
C GLN A 106 -33.20 27.54 5.94
N GLN A 107 -31.96 27.92 5.60
CA GLN A 107 -31.36 27.43 4.37
C GLN A 107 -31.18 25.93 4.44
N PHE A 108 -31.84 25.22 3.52
CA PHE A 108 -31.83 23.78 3.54
C PHE A 108 -30.85 23.25 2.50
N PRO A 109 -30.03 22.25 2.85
CA PRO A 109 -29.01 21.76 1.91
C PRO A 109 -29.61 21.24 0.62
N ARG A 110 -28.81 21.19 -0.44
CA ARG A 110 -29.27 20.65 -1.71
C ARG A 110 -29.32 19.13 -1.62
N ASN A 111 -30.32 18.54 -2.29
CA ASN A 111 -30.53 17.10 -2.18
C ASN A 111 -29.37 16.28 -2.74
N LYS A 112 -28.41 16.92 -3.40
CA LYS A 112 -27.24 16.19 -3.87
C LYS A 112 -26.47 15.61 -2.68
N ILE A 113 -25.65 14.61 -2.97
CA ILE A 113 -24.85 13.94 -1.96
C ILE A 113 -23.43 13.85 -2.49
N ARG A 114 -22.48 14.38 -1.73
CA ARG A 114 -21.08 14.43 -2.16
C ARG A 114 -20.27 13.46 -1.30
N THR A 115 -19.93 12.31 -1.89
CA THR A 115 -18.94 11.41 -1.30
C THR A 115 -17.57 11.59 -1.92
N ALA A 116 -17.47 12.37 -3.01
CA ALA A 116 -16.18 12.69 -3.58
C ALA A 116 -15.36 13.51 -2.59
N LYS A 117 -14.05 13.30 -2.60
CA LYS A 117 -13.20 14.02 -1.67
C LYS A 117 -12.94 15.46 -2.11
N TYR A 118 -13.07 15.75 -3.40
CA TYR A 118 -12.74 17.05 -3.94
C TYR A 118 -13.84 17.56 -4.86
N THR A 119 -14.14 18.85 -4.74
CA THR A 119 -14.93 19.55 -5.74
C THR A 119 -14.03 20.08 -6.84
N PRO A 120 -14.56 20.32 -8.04
CA PRO A 120 -13.72 20.93 -9.08
C PRO A 120 -13.17 22.29 -8.70
N LEU A 121 -13.94 23.07 -7.94
CA LEU A 121 -13.53 24.44 -7.60
C LEU A 121 -12.55 24.47 -6.43
N SER A 122 -12.43 23.39 -5.66
CA SER A 122 -11.54 23.38 -4.50
C SER A 122 -10.70 22.10 -4.44
N PHE A 123 -10.47 21.45 -5.59
CA PHE A 123 -9.65 20.25 -5.60
C PHE A 123 -8.19 20.60 -5.37
N ILE A 124 -7.71 21.68 -5.99
CA ILE A 124 -6.28 21.98 -5.95
C ILE A 124 -5.77 22.25 -4.53
N PRO A 125 -6.36 23.17 -3.76
CA PRO A 125 -5.81 23.41 -2.42
C PRO A 125 -5.93 22.21 -1.49
N LYS A 126 -7.07 21.52 -1.53
CA LYS A 126 -7.26 20.34 -0.69
C LYS A 126 -6.23 19.28 -1.00
N ASN A 127 -6.04 18.99 -2.30
CA ASN A 127 -5.10 17.93 -2.67
C ASN A 127 -3.66 18.34 -2.40
N LEU A 128 -3.33 19.62 -2.57
CA LEU A 128 -1.99 20.07 -2.24
C LEU A 128 -1.74 19.94 -0.74
N TRP A 129 -2.71 20.33 0.09
CA TRP A 129 -2.53 20.16 1.53
C TRP A 129 -2.45 18.70 1.92
N PHE A 130 -3.14 17.82 1.19
CA PHE A 130 -3.07 16.39 1.49
C PHE A 130 -1.70 15.83 1.13
N GLN A 131 -1.18 16.18 -0.04
CA GLN A 131 0.13 15.67 -0.44
C GLN A 131 1.23 16.18 0.47
N PHE A 132 1.07 17.37 1.04
CA PHE A 132 2.09 17.93 1.91
C PHE A 132 2.02 17.38 3.33
N HIS A 133 1.02 16.56 3.64
CA HIS A 133 1.07 15.79 4.88
C HIS A 133 2.33 14.95 4.94
N ASN A 134 2.80 14.48 3.79
CA ASN A 134 4.17 14.00 3.68
C ASN A 134 5.11 15.16 3.96
N ILE A 135 5.93 15.02 4.99
CA ILE A 135 6.76 16.13 5.45
C ILE A 135 7.86 16.45 4.43
N ALA A 136 8.37 15.43 3.74
CA ALA A 136 9.51 15.65 2.85
C ALA A 136 9.21 16.69 1.78
N ASN A 137 7.95 16.80 1.35
CA ASN A 137 7.61 17.78 0.32
C ASN A 137 7.94 19.21 0.77
N ILE A 138 7.85 19.48 2.07
CA ILE A 138 8.30 20.78 2.57
C ILE A 138 9.78 20.98 2.28
N PHE A 139 10.59 19.95 2.57
CA PHE A 139 12.02 20.04 2.32
C PHE A 139 12.31 20.21 0.83
N PHE A 140 11.55 19.54 -0.02
CA PHE A 140 11.80 19.63 -1.46
C PHE A 140 11.40 21.00 -1.99
N LEU A 141 10.28 21.55 -1.52
CA LEU A 141 9.88 22.89 -1.97
C LEU A 141 10.88 23.93 -1.49
N PHE A 142 11.35 23.81 -0.25
CA PHE A 142 12.37 24.73 0.24
C PHE A 142 13.65 24.62 -0.56
N LEU A 143 14.05 23.40 -0.93
CA LEU A 143 15.25 23.21 -1.73
C LEU A 143 15.08 23.70 -3.16
N VAL A 144 13.86 23.72 -3.67
CA VAL A 144 13.63 24.29 -4.99
C VAL A 144 13.71 25.81 -4.94
N ILE A 145 13.07 26.44 -3.96
CA ILE A 145 13.19 27.89 -3.84
C ILE A 145 14.59 28.32 -3.40
N LEU A 146 15.42 27.38 -2.94
CA LEU A 146 16.77 27.72 -2.51
C LEU A 146 17.77 27.72 -3.66
N VAL A 147 17.53 26.93 -4.73
CA VAL A 147 18.44 26.95 -5.87
C VAL A 147 18.24 28.17 -6.75
N ILE A 148 17.19 28.95 -6.50
CA ILE A 148 16.97 30.19 -7.26
C ILE A 148 18.08 31.19 -6.97
N PHE A 149 18.61 31.20 -5.76
CA PHE A 149 19.73 32.08 -5.43
C PHE A 149 20.95 31.66 -6.24
N PRO A 150 21.39 32.47 -7.21
CA PRO A 150 22.41 32.02 -8.17
C PRO A 150 23.83 32.05 -7.62
N ILE A 151 24.04 31.30 -6.53
CA ILE A 151 25.37 31.17 -5.95
C ILE A 151 25.81 29.72 -5.81
N PHE A 152 24.88 28.77 -5.69
CA PHE A 152 25.22 27.36 -5.51
C PHE A 152 25.37 26.69 -6.88
N GLY A 153 25.47 25.36 -6.87
CA GLY A 153 25.85 24.61 -8.05
C GLY A 153 24.87 24.63 -9.22
N GLY A 154 23.73 23.97 -9.06
CA GLY A 154 22.81 23.74 -10.16
C GLY A 154 21.88 24.92 -10.38
N VAL A 155 21.79 25.36 -11.64
CA VAL A 155 20.87 26.44 -11.98
C VAL A 155 19.43 25.95 -11.81
N ASN A 156 18.53 26.88 -11.55
CA ASN A 156 17.17 26.57 -11.12
C ASN A 156 16.20 26.03 -12.18
N PRO A 157 16.21 26.51 -13.45
CA PRO A 157 15.01 26.31 -14.29
C PRO A 157 14.60 24.85 -14.50
N GLY A 158 15.48 24.04 -15.08
CA GLY A 158 15.10 22.68 -15.39
C GLY A 158 15.46 21.63 -14.35
N LEU A 159 16.75 21.57 -14.01
CA LEU A 159 17.30 20.41 -13.31
C LEU A 159 16.60 20.17 -11.98
N ASN A 160 16.40 21.21 -11.19
CA ASN A 160 15.87 21.05 -9.84
C ASN A 160 14.40 21.40 -9.71
N SER A 161 13.82 22.08 -10.70
CA SER A 161 12.42 22.48 -10.60
C SER A 161 11.48 21.63 -11.45
N VAL A 162 11.99 20.90 -12.44
CA VAL A 162 11.15 20.01 -13.23
C VAL A 162 10.69 18.81 -12.40
N PRO A 163 11.56 18.15 -11.62
CA PRO A 163 11.09 16.99 -10.87
C PRO A 163 9.94 17.27 -9.92
N LEU A 164 10.00 18.37 -9.17
CA LEU A 164 8.93 18.66 -8.22
C LEU A 164 7.60 18.93 -8.92
N ILE A 165 7.62 19.79 -9.94
CA ILE A 165 6.37 20.11 -10.64
C ILE A 165 5.79 18.86 -11.28
N VAL A 166 6.65 18.02 -11.88
CA VAL A 166 6.16 16.82 -12.54
C VAL A 166 5.58 15.84 -11.53
N ILE A 167 6.25 15.68 -10.39
CA ILE A 167 5.78 14.73 -9.37
C ILE A 167 4.46 15.20 -8.79
N ILE A 168 4.38 16.47 -8.40
CA ILE A 168 3.13 17.02 -7.88
C ILE A 168 2.02 16.86 -8.90
N THR A 169 2.32 17.11 -10.18
CA THR A 169 1.29 17.06 -11.20
C THR A 169 0.79 15.64 -11.43
N VAL A 170 1.69 14.65 -11.47
CA VAL A 170 1.25 13.29 -11.71
C VAL A 170 0.50 12.74 -10.49
N THR A 171 0.92 13.11 -9.29
CA THR A 171 0.19 12.69 -8.09
C THR A 171 -1.20 13.29 -8.08
N ALA A 172 -1.31 14.59 -8.39
CA ALA A 172 -2.63 15.22 -8.44
C ALA A 172 -3.48 14.64 -9.56
N ILE A 173 -2.86 14.23 -10.66
CA ILE A 173 -3.63 13.63 -11.75
C ILE A 173 -4.20 12.27 -11.31
N LYS A 174 -3.38 11.46 -10.65
CA LYS A 174 -3.88 10.17 -10.15
C LYS A 174 -5.02 10.38 -9.16
N ASP A 175 -4.83 11.29 -8.20
CA ASP A 175 -5.87 11.53 -7.21
C ASP A 175 -7.13 12.11 -7.83
N ALA A 176 -6.99 12.95 -8.86
CA ALA A 176 -8.16 13.51 -9.52
C ALA A 176 -8.90 12.46 -10.33
N ILE A 177 -8.18 11.54 -10.97
CA ILE A 177 -8.84 10.47 -11.69
C ILE A 177 -9.62 9.58 -10.74
N GLU A 178 -8.99 9.20 -9.62
CA GLU A 178 -9.65 8.36 -8.62
C GLU A 178 -10.90 9.06 -8.10
N ASP A 179 -10.77 10.33 -7.71
CA ASP A 179 -11.92 11.08 -7.24
C ASP A 179 -12.97 11.23 -8.33
N TYR A 180 -12.58 11.24 -9.60
CA TYR A 180 -13.59 11.36 -10.65
C TYR A 180 -14.32 10.05 -10.88
N ARG A 181 -13.67 8.91 -10.66
CA ARG A 181 -14.42 7.65 -10.72
C ARG A 181 -15.45 7.60 -9.61
N ARG A 182 -15.04 7.97 -8.39
CA ARG A 182 -16.01 8.08 -7.31
C ARG A 182 -17.11 9.07 -7.67
N THR A 183 -16.76 10.17 -8.34
CA THR A 183 -17.74 11.20 -8.66
C THR A 183 -18.68 10.77 -9.78
N ILE A 184 -18.21 9.91 -10.69
CA ILE A 184 -19.10 9.49 -11.78
C ILE A 184 -20.12 8.49 -11.26
N LEU A 185 -19.71 7.60 -10.34
CA LEU A 185 -20.75 6.77 -9.74
C LEU A 185 -21.66 7.58 -8.82
N ASP A 186 -21.12 8.63 -8.18
CA ASP A 186 -21.95 9.53 -7.40
C ASP A 186 -23.02 10.19 -8.26
N ILE A 187 -22.63 10.76 -9.40
CA ILE A 187 -23.58 11.44 -10.27
C ILE A 187 -24.49 10.46 -10.98
N GLU A 188 -24.08 9.19 -11.10
CA GLU A 188 -25.01 8.18 -11.55
C GLU A 188 -26.11 7.97 -10.53
N LEU A 189 -25.76 7.89 -9.25
CA LEU A 189 -26.77 7.78 -8.20
C LEU A 189 -27.66 9.01 -8.15
N ASN A 190 -27.08 10.19 -8.32
CA ASN A 190 -27.82 11.44 -8.11
C ASN A 190 -28.87 11.69 -9.17
N ASN A 191 -28.84 10.97 -10.29
CA ASN A 191 -29.82 11.14 -11.35
C ASN A 191 -30.93 10.11 -11.32
N ALA A 192 -31.08 9.39 -10.20
CA ALA A 192 -32.14 8.40 -10.09
C ALA A 192 -33.50 9.08 -10.15
N PRO A 193 -34.47 8.47 -10.83
CA PRO A 193 -35.73 9.17 -11.09
C PRO A 193 -36.69 9.13 -9.90
N VAL A 194 -37.45 10.22 -9.76
CA VAL A 194 -38.51 10.34 -8.77
C VAL A 194 -39.64 11.14 -9.40
N HIS A 195 -40.87 10.71 -9.18
CA HIS A 195 -42.03 11.43 -9.69
C HIS A 195 -42.27 12.67 -8.86
N ARG A 196 -41.88 13.84 -9.37
CA ARG A 196 -42.04 15.10 -8.67
C ARG A 196 -43.28 15.82 -9.17
N LEU A 197 -43.64 16.87 -8.44
CA LEU A 197 -44.81 17.66 -8.74
C LEU A 197 -44.49 19.14 -8.61
N SER A 321 -46.71 21.31 -6.47
CA SER A 321 -46.14 22.57 -6.04
C SER A 321 -45.41 23.28 -7.18
N GLY A 322 -45.93 23.16 -8.39
CA GLY A 322 -45.35 23.86 -9.52
C GLY A 322 -45.36 23.11 -10.85
N LYS A 323 -45.60 21.81 -10.83
CA LYS A 323 -45.57 21.02 -12.06
C LYS A 323 -46.93 20.50 -12.50
N ALA A 324 -47.93 20.50 -11.63
CA ALA A 324 -49.29 20.06 -11.93
C ALA A 324 -49.37 18.61 -12.38
N ARG A 325 -48.27 17.85 -12.25
CA ARG A 325 -48.24 16.43 -12.57
C ARG A 325 -46.94 15.87 -12.01
N PHE A 326 -46.97 14.57 -11.68
CA PHE A 326 -45.82 13.91 -11.07
C PHE A 326 -44.88 13.40 -12.18
N HIS A 327 -44.27 14.37 -12.87
CA HIS A 327 -43.36 14.04 -13.95
C HIS A 327 -42.06 13.48 -13.39
N LYS A 328 -41.38 12.68 -14.22
CA LYS A 328 -40.14 12.06 -13.79
C LYS A 328 -39.03 13.11 -13.71
N ASP A 329 -38.28 13.10 -12.61
CA ASP A 329 -37.13 13.98 -12.44
C ASP A 329 -36.04 13.19 -11.73
N ALA A 330 -35.03 13.90 -11.23
CA ALA A 330 -33.90 13.28 -10.55
C ALA A 330 -33.93 13.63 -9.07
N TRP A 331 -33.04 12.98 -8.31
CA TRP A 331 -32.99 13.20 -6.87
C TRP A 331 -32.57 14.63 -6.55
N LYS A 332 -31.57 15.16 -7.27
CA LYS A 332 -31.05 16.48 -6.96
C LYS A 332 -32.10 17.57 -7.07
N ASN A 333 -33.15 17.36 -7.85
CA ASN A 333 -34.19 18.36 -8.06
C ASN A 333 -35.23 18.39 -6.96
N LEU A 334 -34.93 17.86 -5.77
CA LEU A 334 -35.90 17.75 -4.68
C LEU A 334 -35.65 18.85 -3.66
N VAL A 335 -36.32 19.99 -3.84
CA VAL A 335 -36.34 21.02 -2.81
C VAL A 335 -37.28 20.58 -1.69
N VAL A 336 -36.99 21.01 -0.47
CA VAL A 336 -37.87 20.75 0.66
C VAL A 336 -39.25 21.30 0.35
N GLY A 337 -40.28 20.55 0.73
CA GLY A 337 -41.63 21.02 0.55
C GLY A 337 -42.25 20.76 -0.81
N ASP A 338 -41.77 19.74 -1.52
CA ASP A 338 -42.28 19.39 -2.83
C ASP A 338 -42.94 18.03 -2.75
N PHE A 339 -44.15 17.90 -3.28
CA PHE A 339 -44.83 16.62 -3.24
C PHE A 339 -44.05 15.58 -4.04
N VAL A 340 -44.24 14.32 -3.67
CA VAL A 340 -43.53 13.21 -4.31
C VAL A 340 -44.44 12.00 -4.31
N ARG A 341 -44.46 11.28 -5.43
CA ARG A 341 -45.10 9.98 -5.53
C ARG A 341 -44.03 8.90 -5.62
N ILE A 342 -44.30 7.76 -5.00
CA ILE A 342 -43.35 6.66 -4.95
C ILE A 342 -44.08 5.36 -5.28
N TYR A 343 -43.41 4.46 -5.99
CA TYR A 343 -43.99 3.19 -6.40
C TYR A 343 -43.26 2.04 -5.70
N ASN A 344 -43.66 0.82 -6.04
CA ASN A 344 -43.16 -0.36 -5.34
C ASN A 344 -41.65 -0.50 -5.48
N ASP A 345 -41.00 -0.87 -4.38
CA ASP A 345 -39.57 -1.16 -4.31
C ASP A 345 -38.69 0.02 -4.70
N ASP A 346 -39.26 1.21 -4.84
CA ASP A 346 -38.48 2.38 -5.20
C ASP A 346 -37.62 2.80 -4.02
N GLU A 347 -36.31 2.90 -4.24
CA GLU A 347 -35.43 3.55 -3.27
C GLU A 347 -35.97 4.93 -2.93
N LEU A 348 -35.87 5.30 -1.67
CA LEU A 348 -36.54 6.56 -1.38
C LEU A 348 -35.57 7.72 -1.46
N PRO A 349 -35.95 8.82 -2.11
CA PRO A 349 -34.98 9.88 -2.38
C PRO A 349 -34.57 10.65 -1.14
N ALA A 350 -35.52 11.02 -0.28
CA ALA A 350 -35.21 11.78 0.92
C ALA A 350 -36.29 11.53 1.96
N ASP A 351 -36.04 12.00 3.18
CA ASP A 351 -36.95 11.76 4.29
C ASP A 351 -38.30 12.45 4.03
N ILE A 352 -39.34 11.63 3.90
CA ILE A 352 -40.64 12.04 3.40
C ILE A 352 -41.69 11.73 4.45
N ILE A 353 -42.61 12.68 4.66
CA ILE A 353 -43.82 12.44 5.45
C ILE A 353 -44.91 11.93 4.54
N ILE A 354 -45.62 10.89 4.98
CA ILE A 354 -46.68 10.29 4.19
C ILE A 354 -47.88 11.22 4.20
N LEU A 355 -48.66 11.16 3.13
CA LEU A 355 -49.93 11.88 3.07
C LEU A 355 -51.08 11.01 2.57
N ALA A 356 -50.82 9.95 1.83
CA ALA A 356 -51.83 9.00 1.37
C ALA A 356 -51.09 7.76 0.90
N THR A 357 -51.83 6.79 0.35
CA THR A 357 -51.22 5.60 -0.22
C THR A 357 -52.25 4.89 -1.07
N SER A 358 -51.82 3.77 -1.66
CA SER A 358 -52.67 3.03 -2.59
C SER A 358 -53.90 2.47 -1.89
N ASP A 359 -53.69 1.61 -0.89
CA ASP A 359 -54.81 1.05 -0.16
C ASP A 359 -55.34 2.07 0.84
N PRO A 360 -56.61 1.96 1.23
CA PRO A 360 -57.11 2.79 2.33
C PRO A 360 -56.40 2.46 3.64
N ASP A 361 -56.75 3.23 4.66
CA ASP A 361 -56.24 3.09 6.03
C ASP A 361 -54.76 3.44 6.14
N GLY A 362 -54.08 3.76 5.04
CA GLY A 362 -52.77 4.35 5.11
C GLY A 362 -51.61 3.39 5.30
N ALA A 363 -51.82 2.10 5.17
CA ALA A 363 -50.77 1.13 5.47
C ALA A 363 -49.85 0.95 4.27
N CYS A 364 -48.59 1.37 4.42
CA CYS A 364 -47.52 1.06 3.49
C CYS A 364 -46.52 0.17 4.22
N TYR A 365 -45.63 -0.49 3.49
CA TYR A 365 -44.60 -1.27 4.13
C TYR A 365 -43.25 -0.72 3.73
N VAL A 366 -42.33 -0.63 4.68
CA VAL A 366 -40.98 -0.17 4.41
C VAL A 366 -40.01 -1.27 4.79
N GLU A 367 -39.15 -1.64 3.86
CA GLU A 367 -38.01 -2.49 4.15
C GLU A 367 -36.90 -1.59 4.65
N THR A 368 -36.63 -1.67 5.94
CA THR A 368 -35.65 -0.83 6.61
C THR A 368 -34.27 -1.50 6.65
N LYS A 369 -34.15 -2.70 6.08
CA LYS A 369 -32.91 -3.46 6.10
C LYS A 369 -31.69 -2.63 5.70
N ASN A 370 -31.88 -1.58 4.91
CA ASN A 370 -30.76 -0.74 4.52
C ASN A 370 -30.31 0.18 5.65
N LEU A 371 -31.24 0.72 6.43
CA LEU A 371 -30.87 1.57 7.57
C LEU A 371 -30.64 0.73 8.82
N ASP A 372 -31.67 0.02 9.25
CA ASP A 372 -31.60 -0.86 10.40
C ASP A 372 -31.72 -2.30 9.94
N GLY A 373 -30.90 -3.18 10.51
CA GLY A 373 -30.80 -4.55 10.04
C GLY A 373 -32.02 -5.41 10.24
N GLU A 374 -33.16 -4.80 10.56
CA GLU A 374 -34.40 -5.55 10.71
C GLU A 374 -34.95 -5.96 9.35
N THR A 375 -35.39 -7.22 9.26
CA THR A 375 -35.78 -7.81 7.98
C THR A 375 -37.25 -7.57 7.64
N ASN A 376 -38.12 -7.52 8.64
CA ASN A 376 -39.54 -7.46 8.41
C ASN A 376 -39.97 -6.14 7.79
N LEU A 377 -41.04 -6.19 7.02
CA LEU A 377 -41.59 -5.01 6.36
C LEU A 377 -42.37 -4.21 7.40
N LYS A 378 -41.76 -3.15 7.92
CA LYS A 378 -42.42 -2.38 8.97
C LYS A 378 -43.57 -1.57 8.39
N VAL A 379 -44.68 -1.53 9.12
CA VAL A 379 -45.88 -0.87 8.64
C VAL A 379 -45.81 0.61 8.97
N ARG A 380 -46.25 1.44 8.03
CA ARG A 380 -46.28 2.88 8.22
C ARG A 380 -47.66 3.40 7.83
N GLN A 381 -48.12 4.40 8.56
CA GLN A 381 -49.49 4.88 8.45
C GLN A 381 -49.52 6.28 7.82
N ALA A 382 -50.43 6.47 6.87
CA ALA A 382 -50.71 7.80 6.36
C ALA A 382 -51.46 8.60 7.41
N LEU A 383 -51.10 9.86 7.57
CA LEU A 383 -51.76 10.69 8.56
C LEU A 383 -53.26 10.79 8.28
N ARG A 384 -54.03 11.03 9.34
CA ARG A 384 -55.47 10.79 9.30
C ARG A 384 -56.17 11.66 8.26
N CYS A 385 -56.00 12.99 8.38
CA CYS A 385 -56.69 13.94 7.51
C CYS A 385 -55.75 14.35 6.38
N GLY A 386 -56.09 13.96 5.16
CA GLY A 386 -55.23 14.19 4.01
C GLY A 386 -55.01 12.94 3.21
N ARG A 387 -55.48 11.81 3.75
CA ARG A 387 -55.38 10.53 3.05
C ARG A 387 -56.16 10.52 1.75
N THR A 388 -57.17 11.38 1.62
CA THR A 388 -58.11 11.39 0.49
C THR A 388 -57.55 11.99 -0.79
N LEU A 389 -56.25 12.29 -0.94
CA LEU A 389 -55.73 12.86 -2.18
C LEU A 389 -55.14 11.74 -3.03
N LYS A 390 -56.04 10.98 -3.67
CA LYS A 390 -55.63 9.85 -4.48
C LYS A 390 -55.03 10.30 -5.81
N HIS A 391 -55.57 11.37 -6.39
CA HIS A 391 -55.14 11.83 -7.70
C HIS A 391 -53.70 12.34 -7.64
N ALA A 392 -53.16 12.68 -8.81
CA ALA A 392 -51.82 13.23 -8.91
C ALA A 392 -51.81 14.76 -9.04
N ARG A 393 -52.96 15.38 -9.28
CA ARG A 393 -53.03 16.82 -9.46
C ARG A 393 -54.04 17.47 -8.51
N ASP A 394 -54.64 16.71 -7.60
CA ASP A 394 -55.49 17.28 -6.55
C ASP A 394 -54.69 17.74 -5.35
N CYS A 395 -53.39 17.98 -5.52
CA CYS A 395 -52.56 18.50 -4.45
C CYS A 395 -52.47 20.02 -4.46
N GLU A 396 -52.76 20.67 -5.59
CA GLU A 396 -52.64 22.11 -5.69
C GLU A 396 -53.73 22.85 -4.95
N ARG A 397 -54.75 22.15 -4.45
CA ARG A 397 -55.72 22.72 -3.54
C ARG A 397 -55.56 22.22 -2.12
N ALA A 398 -54.54 21.40 -1.85
CA ALA A 398 -54.25 20.90 -0.52
C ALA A 398 -53.49 21.97 0.24
N GLN A 399 -54.21 22.78 1.02
CA GLN A 399 -53.64 23.89 1.76
C GLN A 399 -53.44 23.46 3.21
N PHE A 400 -52.19 23.35 3.64
CA PHE A 400 -51.88 22.93 4.99
C PHE A 400 -50.45 23.36 5.33
N VAL A 401 -50.08 23.19 6.59
CA VAL A 401 -48.80 23.64 7.11
C VAL A 401 -48.16 22.49 7.89
N ILE A 402 -46.84 22.37 7.79
CA ILE A 402 -46.09 21.33 8.49
C ILE A 402 -45.18 22.01 9.51
N GLU A 403 -45.13 21.45 10.70
CA GLU A 403 -44.18 21.84 11.73
C GLU A 403 -43.29 20.65 12.05
N SER A 404 -41.99 20.87 12.12
CA SER A 404 -41.06 19.77 12.32
C SER A 404 -40.04 20.18 13.38
N GLU A 405 -39.01 19.35 13.54
CA GLU A 405 -38.00 19.52 14.57
C GLU A 405 -36.61 19.53 13.95
N PRO A 406 -35.56 19.92 14.67
CA PRO A 406 -34.22 19.87 14.10
C PRO A 406 -33.82 18.45 13.77
N PRO A 407 -32.93 18.27 12.79
CA PRO A 407 -32.56 16.90 12.38
C PRO A 407 -31.83 16.18 13.50
N GLN A 408 -32.28 14.96 13.78
CA GLN A 408 -31.69 14.15 14.82
C GLN A 408 -31.22 12.83 14.21
N PRO A 409 -30.01 12.37 14.55
CA PRO A 409 -29.53 11.08 14.05
C PRO A 409 -30.15 9.86 14.72
N ASN A 410 -30.95 10.04 15.77
CA ASN A 410 -31.64 8.92 16.37
C ASN A 410 -32.77 8.45 15.45
N LEU A 411 -32.78 7.17 15.13
CA LEU A 411 -33.64 6.67 14.07
C LEU A 411 -35.11 6.58 14.48
N TYR A 412 -35.39 6.23 15.73
CA TYR A 412 -36.74 5.94 16.17
C TYR A 412 -37.31 7.04 17.06
N LYS A 413 -36.86 8.28 16.86
CA LYS A 413 -37.38 9.43 17.59
C LYS A 413 -37.58 10.57 16.63
N TYR A 414 -38.83 10.95 16.40
CA TYR A 414 -39.16 12.09 15.56
C TYR A 414 -40.58 12.55 15.90
N ASN A 415 -40.79 13.86 15.87
CA ASN A 415 -42.07 14.45 16.20
C ASN A 415 -42.29 15.70 15.37
N GLY A 416 -43.56 16.03 15.17
CA GLY A 416 -43.94 17.19 14.38
C GLY A 416 -45.41 17.53 14.54
N ALA A 417 -46.00 18.19 13.55
CA ALA A 417 -47.39 18.60 13.64
C ALA A 417 -47.86 19.05 12.26
N ILE A 418 -49.18 19.03 12.07
CA ILE A 418 -49.81 19.42 10.83
C ILE A 418 -50.97 20.36 11.14
N ARG A 419 -51.11 21.41 10.36
CA ARG A 419 -52.27 22.32 10.44
C ARG A 419 -53.00 22.22 9.11
N TRP A 420 -54.10 21.48 9.09
CA TRP A 420 -54.90 21.30 7.87
C TRP A 420 -55.99 22.36 7.78
N LYS A 421 -55.59 23.61 7.97
CA LYS A 421 -56.47 24.78 7.90
C LYS A 421 -57.83 24.55 8.55
N GLU A 431 -66.88 23.20 8.76
CA GLU A 431 -65.76 23.82 8.08
C GLU A 431 -64.48 23.72 8.91
N PRO A 432 -63.41 23.20 8.32
CA PRO A 432 -62.16 23.02 9.07
C PRO A 432 -61.54 24.35 9.44
N ARG A 433 -61.16 24.49 10.71
CA ARG A 433 -60.54 25.71 11.20
C ARG A 433 -59.09 25.49 11.63
N GLU A 434 -58.85 24.56 12.55
CA GLU A 434 -57.51 24.29 13.06
C GLU A 434 -57.38 22.81 13.36
N MET A 435 -56.36 22.18 12.79
CA MET A 435 -56.06 20.77 13.02
C MET A 435 -54.69 20.64 13.66
N SER A 436 -54.43 19.44 14.19
CA SER A 436 -53.13 19.11 14.76
C SER A 436 -52.99 17.60 14.90
N GLU A 437 -51.98 17.02 14.25
CA GLU A 437 -51.77 15.57 14.28
C GLU A 437 -50.29 15.29 14.44
N PRO A 438 -49.83 15.04 15.67
CA PRO A 438 -48.42 14.69 15.87
C PRO A 438 -48.02 13.51 15.00
N ILE A 439 -46.77 13.51 14.57
CA ILE A 439 -46.26 12.53 13.60
C ILE A 439 -44.97 11.94 14.15
N GLY A 440 -45.08 10.76 14.77
CA GLY A 440 -43.91 10.01 15.15
C GLY A 440 -43.29 9.34 13.95
N ILE A 441 -42.51 8.28 14.18
CA ILE A 441 -41.91 7.57 13.06
C ILE A 441 -42.97 6.92 12.18
N ASP A 442 -44.16 6.68 12.72
CA ASP A 442 -45.21 5.97 11.99
C ASP A 442 -45.75 6.78 10.82
N ASN A 443 -45.18 7.94 10.56
CA ASN A 443 -45.50 8.73 9.37
C ASN A 443 -44.26 9.09 8.57
N LEU A 444 -43.10 8.52 8.90
CA LEU A 444 -41.83 8.94 8.35
C LEU A 444 -41.22 7.82 7.51
N LEU A 445 -41.27 7.97 6.19
CA LEU A 445 -40.52 7.11 5.29
C LEU A 445 -39.08 7.62 5.21
N LEU A 446 -38.14 6.81 5.66
CA LEU A 446 -36.74 7.23 5.64
C LEU A 446 -36.22 7.16 4.20
N ARG A 447 -34.91 7.35 4.02
CA ARG A 447 -34.35 7.43 2.68
C ARG A 447 -33.93 6.08 2.12
N GLY A 448 -33.24 5.26 2.91
CA GLY A 448 -32.88 3.95 2.42
C GLY A 448 -33.98 2.92 2.48
N CYS A 449 -35.10 3.24 3.11
CA CYS A 449 -36.22 2.31 3.19
C CYS A 449 -36.81 2.07 1.81
N HIS A 450 -37.19 0.83 1.52
CA HIS A 450 -37.79 0.48 0.25
C HIS A 450 -39.29 0.29 0.43
N LEU A 451 -40.08 0.99 -0.38
CA LEU A 451 -41.54 0.93 -0.26
C LEU A 451 -42.06 -0.36 -0.88
N ARG A 452 -42.93 -1.07 -0.16
CA ARG A 452 -43.43 -2.36 -0.59
C ARG A 452 -44.89 -2.54 -0.18
N ASN A 453 -45.52 -3.49 -0.89
CA ASN A 453 -46.92 -3.88 -0.72
C ASN A 453 -47.88 -2.72 -0.93
N THR A 454 -47.42 -1.66 -1.60
CA THR A 454 -48.27 -0.51 -1.91
C THR A 454 -47.90 0.01 -3.29
N GLU A 455 -48.90 0.30 -4.10
CA GLU A 455 -48.64 0.72 -5.47
C GLU A 455 -48.09 2.13 -5.52
N TRP A 456 -48.67 3.05 -4.75
CA TRP A 456 -48.18 4.41 -4.70
C TRP A 456 -48.32 4.96 -3.28
N ALA A 457 -47.35 5.78 -2.88
CA ALA A 457 -47.33 6.40 -1.55
C ALA A 457 -47.08 7.89 -1.73
N LEU A 458 -48.15 8.66 -1.93
CA LEU A 458 -48.06 10.08 -2.26
C LEU A 458 -47.58 10.84 -1.03
N GLY A 459 -46.27 10.89 -0.87
CA GLY A 459 -45.66 11.56 0.27
C GLY A 459 -45.33 13.02 -0.02
N VAL A 460 -44.60 13.62 0.92
CA VAL A 460 -44.08 14.98 0.81
C VAL A 460 -42.70 15.00 1.43
N VAL A 461 -41.75 15.62 0.73
CA VAL A 461 -40.33 15.58 1.13
C VAL A 461 -40.13 16.65 2.19
N VAL A 462 -39.76 16.21 3.40
CA VAL A 462 -39.56 17.15 4.50
C VAL A 462 -38.08 17.38 4.75
N PHE A 463 -37.26 16.34 4.69
CA PHE A 463 -35.82 16.50 4.82
C PHE A 463 -35.19 16.26 3.46
N THR A 464 -34.06 16.93 3.23
CA THR A 464 -33.27 16.74 2.02
C THR A 464 -31.80 16.81 2.38
N GLY A 465 -30.95 16.49 1.41
CA GLY A 465 -29.52 16.70 1.58
C GLY A 465 -28.96 15.88 2.72
N HIS A 466 -28.23 16.55 3.61
CA HIS A 466 -27.62 15.91 4.76
C HIS A 466 -28.43 16.11 6.03
N ASP A 467 -29.67 16.59 5.92
CA ASP A 467 -30.56 16.61 7.07
C ASP A 467 -31.11 15.22 7.39
N THR A 468 -31.07 14.30 6.43
CA THR A 468 -31.67 12.98 6.60
C THR A 468 -30.83 12.12 7.53
N LYS A 469 -31.51 11.28 8.31
CA LYS A 469 -30.82 10.45 9.30
C LYS A 469 -29.89 9.43 8.65
N ILE A 470 -30.06 9.15 7.36
CA ILE A 470 -29.15 8.24 6.67
C ILE A 470 -27.82 8.92 6.39
N MET A 471 -27.83 10.22 6.11
CA MET A 471 -26.61 10.95 5.80
C MET A 471 -25.98 11.59 7.03
N MET A 472 -26.78 11.84 8.06
CA MET A 472 -26.30 12.53 9.25
C MET A 472 -25.29 11.71 10.05
N ASN A 473 -24.86 10.55 9.56
CA ASN A 473 -23.91 9.71 10.26
C ASN A 473 -22.65 9.42 9.44
N ALA A 474 -22.32 10.35 8.61
CA ALA A 474 -21.11 10.22 7.91
C ALA A 474 -20.53 11.62 7.78
N GLY A 475 -19.26 11.68 7.38
CA GLY A 475 -18.57 12.94 7.08
C GLY A 475 -18.67 13.05 5.57
N ILE A 476 -17.55 13.28 4.91
CA ILE A 476 -17.59 13.33 3.45
C ILE A 476 -16.41 12.50 2.98
N THR A 477 -16.50 11.22 3.25
CA THR A 477 -15.45 10.28 2.88
C THR A 477 -14.09 10.71 3.34
N PRO A 478 -13.90 10.84 4.66
CA PRO A 478 -12.65 11.26 5.26
C PRO A 478 -11.61 10.40 4.69
N SER A 479 -10.61 11.06 4.09
CA SER A 479 -9.50 10.48 3.35
C SER A 479 -8.59 9.76 4.26
N LYS A 480 -8.36 8.50 3.95
CA LYS A 480 -7.56 7.66 4.78
C LYS A 480 -6.17 7.63 4.27
N ARG A 481 -5.24 7.34 5.14
CA ARG A 481 -3.83 7.27 4.78
C ARG A 481 -3.26 5.94 5.28
N ALA A 482 -2.26 5.45 4.57
CA ALA A 482 -1.96 4.02 4.55
C ALA A 482 -1.16 3.50 5.74
N ARG A 483 -0.94 4.29 6.80
CA ARG A 483 -0.36 3.80 8.05
C ARG A 483 1.08 3.32 7.90
N ILE A 484 1.57 3.25 6.66
CA ILE A 484 2.99 3.06 6.41
C ILE A 484 3.55 4.44 6.12
N ALA A 485 2.68 5.33 5.64
CA ALA A 485 3.09 6.70 5.37
C ALA A 485 3.57 7.41 6.62
N ARG A 486 3.03 7.06 7.79
CA ARG A 486 3.39 7.79 9.01
C ARG A 486 4.75 7.35 9.55
N GLU A 487 4.99 6.04 9.64
CA GLU A 487 6.32 5.57 10.02
C GLU A 487 7.35 6.01 8.98
N LEU A 488 6.95 6.04 7.70
CA LEU A 488 7.83 6.56 6.67
C LEU A 488 8.13 8.04 6.89
N ASN A 489 7.16 8.79 7.42
CA ASN A 489 7.38 10.19 7.72
C ASN A 489 8.42 10.37 8.83
N PHE A 490 8.32 9.55 9.88
CA PHE A 490 9.36 9.60 10.91
C PHE A 490 10.73 9.23 10.34
N ASN A 491 10.77 8.22 9.46
CA ASN A 491 12.04 7.84 8.85
C ASN A 491 12.62 8.97 8.00
N VAL A 492 11.75 9.66 7.26
CA VAL A 492 12.19 10.82 6.49
C VAL A 492 12.80 11.87 7.40
N ILE A 493 12.18 12.10 8.55
CA ILE A 493 12.72 13.09 9.49
C ILE A 493 14.10 12.67 9.97
N CYS A 494 14.27 11.39 10.28
CA CYS A 494 15.57 10.92 10.75
C CYS A 494 16.65 11.04 9.67
N ASN A 495 16.27 10.75 8.43
CA ASN A 495 17.21 10.92 7.32
C ASN A 495 17.57 12.37 7.09
N PHE A 496 16.61 13.28 7.26
CA PHE A 496 16.92 14.70 7.17
C PHE A 496 17.86 15.11 8.28
N GLY A 497 17.71 14.55 9.47
CA GLY A 497 18.65 14.82 10.55
C GLY A 497 20.06 14.41 10.19
N ILE A 498 20.23 13.18 9.68
CA ILE A 498 21.58 12.76 9.33
C ILE A 498 22.12 13.58 8.15
N LEU A 499 21.24 14.00 7.24
CA LEU A 499 21.65 14.88 6.16
C LEU A 499 22.26 16.16 6.70
N LEU A 500 21.58 16.80 7.66
CA LEU A 500 22.11 18.03 8.22
C LEU A 500 23.41 17.78 8.97
N ILE A 501 23.52 16.65 9.66
CA ILE A 501 24.77 16.37 10.39
C ILE A 501 25.94 16.28 9.42
N MET A 502 25.76 15.52 8.33
CA MET A 502 26.85 15.36 7.37
C MET A 502 27.15 16.67 6.64
N CYS A 503 26.12 17.48 6.38
CA CYS A 503 26.37 18.76 5.73
C CYS A 503 27.10 19.73 6.65
N LEU A 504 26.84 19.66 7.97
CA LEU A 504 27.60 20.49 8.90
C LEU A 504 29.05 20.03 8.97
N ILE A 505 29.29 18.72 8.96
CA ILE A 505 30.67 18.24 8.84
C ILE A 505 31.33 18.82 7.61
N ALA A 506 30.63 18.78 6.47
CA ALA A 506 31.18 19.29 5.22
C ALA A 506 31.52 20.77 5.33
N ALA A 507 30.59 21.56 5.88
CA ALA A 507 30.81 22.99 5.97
C ALA A 507 32.00 23.32 6.86
N ILE A 508 32.07 22.70 8.03
CA ILE A 508 33.17 23.01 8.94
C ILE A 508 34.50 22.61 8.32
N ALA A 509 34.57 21.42 7.72
CA ALA A 509 35.83 20.99 7.13
C ALA A 509 36.21 21.85 5.93
N ASN A 510 35.23 22.29 5.14
CA ASN A 510 35.55 23.13 4.01
C ASN A 510 36.05 24.50 4.46
N GLY A 511 35.42 25.09 5.47
CA GLY A 511 35.92 26.34 5.99
C GLY A 511 37.33 26.21 6.54
N ILE A 512 37.57 25.16 7.33
CA ILE A 512 38.90 24.95 7.90
C ILE A 512 39.94 24.82 6.81
N ALA A 513 39.61 24.11 5.73
CA ALA A 513 40.59 23.90 4.66
C ALA A 513 40.74 25.10 3.75
N TRP A 514 39.70 25.95 3.65
CA TRP A 514 39.75 27.13 2.80
C TRP A 514 40.27 28.36 3.53
N GLY A 515 40.47 28.29 4.83
CA GLY A 515 41.04 29.40 5.55
C GLY A 515 42.49 29.19 5.88
N LYS A 516 43.24 28.60 4.94
CA LYS A 516 44.66 28.35 5.12
C LYS A 516 45.45 29.09 4.06
N THR A 517 46.59 29.64 4.46
CA THR A 517 47.53 30.29 3.55
C THR A 517 48.70 29.38 3.21
N ASP A 518 48.46 28.08 3.27
CA ASP A 518 49.48 27.08 2.96
C ASP A 518 48.99 26.00 2.02
N ALA A 519 47.69 25.91 1.76
CA ALA A 519 47.19 24.93 0.81
C ALA A 519 47.36 25.44 -0.62
N SER A 520 47.45 24.50 -1.56
CA SER A 520 47.58 24.83 -2.96
C SER A 520 46.36 25.54 -3.53
N LEU A 521 45.32 25.75 -2.72
CA LEU A 521 44.15 26.47 -3.21
C LEU A 521 44.34 27.97 -3.09
N ALA A 522 45.16 28.41 -2.14
CA ALA A 522 45.39 29.85 -1.99
C ALA A 522 46.20 30.40 -3.16
N TRP A 523 47.19 29.64 -3.62
CA TRP A 523 48.08 30.12 -4.67
C TRP A 523 47.39 30.12 -6.02
N PHE A 524 47.09 28.93 -6.50
CA PHE A 524 46.51 28.72 -7.81
C PHE A 524 45.13 29.09 -8.05
N GLU A 525 44.38 29.24 -7.00
CA GLU A 525 43.05 29.67 -7.19
C GLU A 525 42.96 30.91 -6.41
N TYR A 526 42.59 32.01 -7.03
CA TYR A 526 42.51 33.26 -6.33
C TYR A 526 41.13 33.23 -5.89
N GLY A 527 40.93 32.73 -4.69
CA GLY A 527 39.58 32.62 -4.28
C GLY A 527 39.08 32.33 -2.92
N SER A 528 37.84 32.73 -2.84
CA SER A 528 36.95 32.58 -1.76
C SER A 528 35.61 32.91 -2.39
N ILE A 529 34.58 32.19 -1.99
CA ILE A 529 33.22 32.45 -2.41
C ILE A 529 32.61 33.53 -1.54
N GLY A 530 33.34 33.94 -0.51
CA GLY A 530 33.01 35.11 0.27
C GLY A 530 34.26 35.57 0.98
N GLY A 531 34.34 36.87 1.26
CA GLY A 531 35.56 37.40 1.81
C GLY A 531 35.80 37.00 3.26
N THR A 532 35.60 35.72 3.56
CA THR A 532 35.79 35.16 4.89
C THR A 532 35.79 33.64 4.77
N PRO A 533 36.52 32.94 5.63
CA PRO A 533 36.33 31.48 5.70
C PRO A 533 34.98 31.08 6.27
N ALA A 534 34.43 31.86 7.19
CA ALA A 534 33.10 31.54 7.71
C ALA A 534 32.05 31.63 6.62
N LEU A 535 32.11 32.67 5.79
CA LEU A 535 31.13 32.81 4.74
C LEU A 535 31.24 31.70 3.70
N THR A 536 32.47 31.31 3.35
CA THR A 536 32.61 30.23 2.38
C THR A 536 32.18 28.90 2.97
N GLY A 537 32.39 28.69 4.27
CA GLY A 537 31.85 27.49 4.90
C GLY A 537 30.34 27.47 4.89
N PHE A 538 29.72 28.63 5.11
CA PHE A 538 28.26 28.71 5.08
C PHE A 538 27.72 28.41 3.68
N ILE A 539 28.34 29.01 2.66
CA ILE A 539 27.94 28.75 1.28
C ILE A 539 28.10 27.27 0.94
N THR A 540 29.22 26.68 1.36
CA THR A 540 29.44 25.25 1.12
C THR A 540 28.42 24.40 1.85
N PHE A 541 28.01 24.82 3.05
CA PHE A 541 26.97 24.09 3.77
C PHE A 541 25.70 24.01 2.93
N TRP A 542 25.21 25.15 2.46
CA TRP A 542 23.96 25.11 1.72
C TRP A 542 24.13 24.39 0.39
N ALA A 543 25.29 24.53 -0.24
CA ALA A 543 25.52 23.84 -1.51
C ALA A 543 25.57 22.33 -1.31
N ALA A 544 26.15 21.88 -0.20
CA ALA A 544 26.14 20.46 0.11
C ALA A 544 24.73 19.96 0.39
N VAL A 545 23.92 20.76 1.09
CA VAL A 545 22.53 20.40 1.27
C VAL A 545 21.84 20.22 -0.07
N ILE A 546 22.23 21.01 -1.06
CA ILE A 546 21.71 20.78 -2.41
C ILE A 546 22.22 19.45 -2.97
N VAL A 547 23.50 19.14 -2.76
CA VAL A 547 24.09 17.96 -3.39
C VAL A 547 23.58 16.67 -2.73
N PHE A 548 23.48 16.66 -1.41
CA PHE A 548 23.03 15.47 -0.68
C PHE A 548 21.52 15.43 -0.51
N GLN A 549 20.78 15.99 -1.46
CA GLN A 549 19.33 16.06 -1.38
C GLN A 549 18.70 14.67 -1.23
N ASN A 550 19.31 13.64 -1.81
CA ASN A 550 18.71 12.32 -1.87
C ASN A 550 18.80 11.53 -0.57
N LEU A 551 19.29 12.12 0.53
CA LEU A 551 19.10 11.47 1.82
C LEU A 551 17.61 11.43 2.17
N VAL A 552 16.91 12.53 1.93
CA VAL A 552 15.45 12.54 1.91
C VAL A 552 15.05 12.40 0.45
N PRO A 553 14.74 11.20 -0.03
CA PRO A 553 14.61 10.99 -1.47
C PRO A 553 13.39 11.67 -2.05
N ILE A 554 13.59 12.37 -3.17
CA ILE A 554 12.45 12.92 -3.88
C ILE A 554 11.68 11.83 -4.59
N SER A 555 12.37 10.83 -5.12
CA SER A 555 11.76 9.74 -5.86
C SER A 555 11.11 8.69 -4.96
N LEU A 556 11.02 8.94 -3.65
CA LEU A 556 10.32 8.01 -2.78
C LEU A 556 8.81 8.10 -2.97
N TYR A 557 8.26 9.32 -2.98
CA TYR A 557 6.82 9.45 -2.95
C TYR A 557 6.20 9.11 -4.30
N ILE A 558 6.85 9.50 -5.40
CA ILE A 558 6.29 9.11 -6.69
C ILE A 558 6.42 7.60 -6.89
N SER A 559 7.51 6.99 -6.40
CA SER A 559 7.64 5.54 -6.51
C SER A 559 6.55 4.83 -5.71
N LEU A 560 6.26 5.33 -4.50
CA LEU A 560 5.20 4.69 -3.71
C LEU A 560 3.83 4.91 -4.33
N GLU A 561 3.58 6.09 -4.90
CA GLU A 561 2.30 6.30 -5.57
C GLU A 561 2.22 5.33 -6.75
N ILE A 562 3.31 5.19 -7.49
CA ILE A 562 3.23 4.29 -8.64
C ILE A 562 3.02 2.84 -8.22
N VAL A 563 3.73 2.39 -7.18
CA VAL A 563 3.53 1.03 -6.67
C VAL A 563 2.13 0.77 -6.14
N ARG A 564 1.60 1.70 -5.34
CA ARG A 564 0.27 1.52 -4.78
C ARG A 564 -0.80 1.49 -5.86
N THR A 565 -0.67 2.35 -6.88
CA THR A 565 -1.67 2.32 -7.94
C THR A 565 -1.60 1.02 -8.73
N LEU A 566 -0.40 0.48 -8.96
CA LEU A 566 -0.32 -0.79 -9.68
C LEU A 566 -0.85 -1.94 -8.84
N GLN A 567 -0.65 -1.90 -7.52
CA GLN A 567 -1.20 -2.96 -6.68
C GLN A 567 -2.72 -2.88 -6.63
N ALA A 568 -3.28 -1.66 -6.59
CA ALA A 568 -4.73 -1.52 -6.66
C ALA A 568 -5.25 -2.03 -7.99
N PHE A 569 -4.53 -1.77 -9.08
CA PHE A 569 -4.91 -2.32 -10.37
C PHE A 569 -4.94 -3.85 -10.34
N PHE A 570 -3.88 -4.46 -9.82
CA PHE A 570 -3.83 -5.91 -9.78
C PHE A 570 -4.93 -6.49 -8.91
N ILE A 571 -5.32 -5.80 -7.85
CA ILE A 571 -6.50 -6.22 -7.09
C ILE A 571 -7.73 -6.15 -7.98
N TYR A 572 -7.85 -5.08 -8.77
CA TYR A 572 -9.06 -4.88 -9.57
C TYR A 572 -9.26 -5.95 -10.62
N SER A 573 -8.19 -6.60 -11.08
CA SER A 573 -8.25 -7.50 -12.22
C SER A 573 -7.99 -8.95 -11.83
N ASP A 574 -8.58 -9.39 -10.72
CA ASP A 574 -8.43 -10.75 -10.23
C ASP A 574 -9.76 -11.47 -10.36
N VAL A 575 -9.82 -12.49 -11.22
CA VAL A 575 -11.07 -13.22 -11.41
C VAL A 575 -11.46 -13.97 -10.14
N GLY A 576 -10.48 -14.37 -9.34
CA GLY A 576 -10.75 -15.08 -8.10
C GLY A 576 -11.59 -14.27 -7.13
N MET A 577 -11.92 -13.04 -7.51
CA MET A 577 -12.84 -12.19 -6.77
C MET A 577 -13.83 -11.52 -7.72
N TYR A 578 -14.26 -12.25 -8.75
CA TYR A 578 -15.25 -11.75 -9.70
C TYR A 578 -16.59 -12.42 -9.40
N TYR A 579 -17.59 -11.60 -9.10
CA TYR A 579 -18.93 -12.10 -8.79
C TYR A 579 -19.81 -11.93 -10.01
N GLU A 580 -20.40 -13.04 -10.47
CA GLU A 580 -21.10 -13.04 -11.75
C GLU A 580 -22.47 -12.36 -11.66
N LYS A 581 -23.23 -12.65 -10.60
CA LYS A 581 -24.61 -12.19 -10.52
C LYS A 581 -24.72 -10.66 -10.52
N ILE A 582 -23.64 -9.95 -10.21
CA ILE A 582 -23.64 -8.49 -10.28
C ILE A 582 -22.66 -7.96 -11.33
N ASP A 583 -21.79 -8.80 -11.86
CA ASP A 583 -20.97 -8.46 -13.03
C ASP A 583 -19.95 -7.37 -12.71
N GLN A 584 -19.20 -7.52 -11.62
CA GLN A 584 -18.17 -6.54 -11.29
C GLN A 584 -17.10 -7.16 -10.43
N PRO A 585 -15.83 -6.85 -10.68
CA PRO A 585 -14.75 -7.38 -9.83
C PRO A 585 -14.54 -6.52 -8.58
N CYS A 586 -13.49 -6.83 -7.81
CA CYS A 586 -13.24 -6.14 -6.54
C CYS A 586 -12.64 -4.76 -6.82
N ILE A 587 -13.50 -3.87 -7.30
CA ILE A 587 -13.09 -2.54 -7.75
C ILE A 587 -12.61 -1.69 -6.58
N PRO A 588 -11.32 -1.37 -6.49
CA PRO A 588 -10.84 -0.57 -5.36
C PRO A 588 -11.17 0.90 -5.56
N LYS A 589 -11.47 1.58 -4.46
CA LYS A 589 -11.87 2.97 -4.50
C LYS A 589 -10.90 3.90 -3.79
N SER A 590 -10.00 3.37 -2.97
CA SER A 590 -8.89 4.13 -2.41
C SER A 590 -7.63 3.34 -2.70
N TRP A 591 -6.82 3.84 -3.63
CA TRP A 591 -5.62 3.13 -4.06
C TRP A 591 -4.43 3.39 -3.14
N ASN A 592 -4.62 4.17 -2.07
CA ASN A 592 -3.52 4.42 -1.14
C ASN A 592 -3.35 3.28 -0.16
N ILE A 593 -4.46 2.67 0.25
CA ILE A 593 -4.52 1.85 1.45
C ILE A 593 -4.35 0.37 1.14
N SER A 594 -3.87 0.03 -0.06
CA SER A 594 -3.78 -1.35 -0.47
C SER A 594 -2.86 -2.19 0.43
N ASP A 595 -2.01 -1.56 1.24
CA ASP A 595 -1.12 -2.31 2.11
C ASP A 595 -1.67 -2.50 3.52
N ASP A 596 -2.57 -1.62 3.97
CA ASP A 596 -3.11 -1.74 5.31
C ASP A 596 -3.88 -3.04 5.49
N VAL A 597 -4.53 -3.52 4.43
CA VAL A 597 -5.25 -4.78 4.51
C VAL A 597 -4.34 -5.94 4.87
N GLY A 598 -3.03 -5.73 4.91
CA GLY A 598 -2.11 -6.74 5.36
C GLY A 598 -1.80 -6.72 6.83
N GLN A 599 -2.39 -5.79 7.58
CA GLN A 599 -2.13 -5.65 9.00
C GLN A 599 -3.36 -5.80 9.87
N ILE A 600 -4.56 -5.79 9.30
CA ILE A 600 -5.76 -5.58 10.10
C ILE A 600 -6.10 -6.82 10.92
N GLU A 601 -6.53 -6.57 12.16
CA GLU A 601 -7.42 -7.47 12.87
C GLU A 601 -8.64 -6.65 13.24
N TYR A 602 -9.58 -7.27 13.94
CA TYR A 602 -10.87 -6.64 14.24
C TYR A 602 -11.60 -6.28 12.95
N ILE A 603 -12.05 -7.33 12.27
CA ILE A 603 -12.98 -7.21 11.15
C ILE A 603 -14.38 -7.07 11.72
N PHE A 604 -14.85 -5.84 11.90
CA PHE A 604 -16.22 -5.60 12.30
C PHE A 604 -17.14 -5.84 11.12
N SER A 605 -18.30 -6.44 11.40
CA SER A 605 -19.15 -6.93 10.34
C SER A 605 -20.61 -6.63 10.64
N ASP A 606 -21.32 -6.20 9.60
CA ASP A 606 -22.77 -6.18 9.63
C ASP A 606 -23.28 -7.62 9.68
N LYS A 607 -24.58 -7.78 9.88
CA LYS A 607 -25.17 -9.11 9.86
C LYS A 607 -26.22 -9.28 8.77
N THR A 608 -27.22 -8.40 8.73
CA THR A 608 -28.37 -8.65 7.86
C THR A 608 -28.00 -8.61 6.40
N GLY A 609 -27.10 -7.71 6.02
CA GLY A 609 -26.74 -7.59 4.62
C GLY A 609 -25.55 -8.43 4.20
N THR A 610 -24.47 -8.35 4.97
CA THR A 610 -23.25 -9.01 4.55
C THR A 610 -23.34 -10.51 4.76
N LEU A 611 -23.45 -10.96 6.02
CA LEU A 611 -23.38 -12.39 6.30
C LEU A 611 -24.52 -13.15 5.65
N THR A 612 -25.76 -12.70 5.87
CA THR A 612 -26.93 -13.44 5.43
C THR A 612 -27.46 -12.86 4.14
N GLN A 613 -27.68 -13.71 3.14
CA GLN A 613 -28.36 -13.27 1.92
C GLN A 613 -29.76 -12.74 2.21
N ASN A 614 -30.30 -13.06 3.38
CA ASN A 614 -31.66 -12.70 3.78
C ASN A 614 -32.71 -13.43 2.96
N VAL A 615 -32.43 -14.65 2.53
CA VAL A 615 -33.44 -15.56 2.03
C VAL A 615 -33.67 -16.62 3.10
N MET A 616 -34.94 -16.80 3.48
CA MET A 616 -35.30 -17.62 4.62
C MET A 616 -36.02 -18.86 4.13
N GLU A 617 -35.50 -20.03 4.49
CA GLU A 617 -36.08 -21.29 4.09
C GLU A 617 -36.79 -21.93 5.28
N PHE A 618 -37.40 -23.08 5.04
CA PHE A 618 -38.07 -23.86 6.06
C PHE A 618 -37.45 -25.24 6.09
N LYS A 619 -36.64 -25.51 7.10
CA LYS A 619 -35.85 -26.74 7.11
C LYS A 619 -36.51 -27.86 7.91
N LYS A 620 -36.76 -27.63 9.19
CA LYS A 620 -37.14 -28.69 10.10
C LYS A 620 -38.46 -28.36 10.78
N ALA A 621 -39.00 -29.35 11.48
CA ALA A 621 -40.20 -29.17 12.27
C ALA A 621 -40.22 -30.26 13.34
N THR A 622 -40.96 -29.99 14.41
CA THR A 622 -41.14 -30.97 15.48
C THR A 622 -42.61 -30.94 15.87
N ILE A 623 -43.37 -31.91 15.37
CA ILE A 623 -44.81 -31.97 15.60
C ILE A 623 -45.15 -33.28 16.28
N ASN A 624 -45.96 -33.20 17.33
CA ASN A 624 -46.35 -34.36 18.12
C ASN A 624 -45.13 -35.11 18.63
N GLY A 625 -44.09 -34.35 18.97
CA GLY A 625 -42.85 -34.93 19.45
C GLY A 625 -42.02 -35.62 18.39
N GLN A 626 -42.33 -35.40 17.12
CA GLN A 626 -41.66 -36.06 16.02
C GLN A 626 -40.89 -35.05 15.18
N PRO A 627 -39.59 -35.24 14.96
CA PRO A 627 -38.81 -34.29 14.16
C PRO A 627 -38.69 -34.69 12.69
N TYR A 628 -38.77 -33.71 11.79
CA TYR A 628 -38.64 -33.95 10.34
C TYR A 628 -37.65 -32.94 9.73
N GLY A 629 -36.36 -33.22 9.81
CA GLY A 629 -35.44 -32.28 9.19
C GLY A 629 -34.80 -32.66 7.87
N GLU A 630 -34.14 -33.82 7.83
CA GLU A 630 -33.40 -34.29 6.66
C GLU A 630 -32.65 -33.16 5.95
N ALA A 631 -31.76 -32.50 6.69
CA ALA A 631 -31.05 -31.32 6.17
C ALA A 631 -29.60 -31.32 6.61
N TYR A 632 -28.76 -30.64 5.84
CA TYR A 632 -27.32 -30.52 6.11
C TYR A 632 -26.85 -29.11 5.80
N THR A 633 -25.86 -28.64 6.55
CA THR A 633 -25.38 -27.26 6.45
C THR A 633 -23.87 -27.24 6.24
N GLU A 634 -23.41 -26.30 5.40
CA GLU A 634 -21.97 -26.09 5.25
C GLU A 634 -21.34 -25.65 6.56
N ALA A 635 -22.13 -25.00 7.43
CA ALA A 635 -21.66 -24.67 8.76
C ALA A 635 -21.27 -25.93 9.53
N GLN A 636 -22.19 -26.89 9.62
CA GLN A 636 -21.90 -28.16 10.26
C GLN A 636 -20.82 -28.92 9.51
N ALA A 637 -20.80 -28.82 8.19
CA ALA A 637 -19.77 -29.48 7.41
C ALA A 637 -18.39 -29.02 7.85
N GLY A 638 -18.20 -27.71 7.97
CA GLY A 638 -16.93 -27.21 8.47
C GLY A 638 -16.70 -27.60 9.93
N MET A 639 -17.73 -27.48 10.77
CA MET A 639 -17.58 -27.79 12.19
C MET A 639 -17.09 -29.23 12.39
N ASP A 640 -17.56 -30.15 11.56
CA ASP A 640 -17.13 -31.55 11.69
C ASP A 640 -15.78 -31.78 11.01
N ARG A 641 -15.63 -31.34 9.76
CA ARG A 641 -14.38 -31.59 9.06
C ARG A 641 -13.20 -30.84 9.66
N ARG A 642 -13.44 -29.91 10.59
CA ARG A 642 -12.33 -29.32 11.32
C ARG A 642 -11.65 -30.35 12.21
N ARG A 643 -12.44 -31.14 12.95
CA ARG A 643 -11.90 -32.24 13.73
C ARG A 643 -11.65 -33.43 12.81
N GLY A 644 -11.30 -34.57 13.38
CA GLY A 644 -10.88 -35.70 12.57
C GLY A 644 -12.01 -36.42 11.84
N ILE A 645 -13.25 -36.21 12.27
CA ILE A 645 -14.37 -36.97 11.72
C ILE A 645 -14.89 -36.31 10.45
N ASN A 646 -15.49 -37.13 9.59
CA ASN A 646 -16.25 -36.68 8.42
C ASN A 646 -15.46 -35.66 7.60
N VAL A 647 -14.35 -36.12 7.04
CA VAL A 647 -13.39 -35.20 6.45
C VAL A 647 -13.85 -34.68 5.08
N GLU A 648 -13.90 -35.54 4.07
CA GLU A 648 -14.28 -35.05 2.75
C GLU A 648 -15.45 -35.81 2.12
N GLU A 649 -15.36 -37.15 2.10
CA GLU A 649 -16.33 -37.94 1.37
C GLU A 649 -17.70 -37.94 2.04
N GLU A 650 -17.71 -37.79 3.36
CA GLU A 650 -18.97 -37.80 4.09
C GLU A 650 -19.88 -36.66 3.67
N ALA A 651 -19.29 -35.50 3.32
CA ALA A 651 -20.10 -34.39 2.81
C ALA A 651 -20.83 -34.79 1.54
N LYS A 652 -20.11 -35.40 0.60
CA LYS A 652 -20.72 -35.80 -0.67
C LYS A 652 -21.79 -36.86 -0.47
N VAL A 653 -21.49 -37.89 0.33
CA VAL A 653 -22.49 -38.95 0.51
C VAL A 653 -23.71 -38.43 1.24
N ILE A 654 -23.53 -37.50 2.18
CA ILE A 654 -24.67 -36.97 2.91
C ILE A 654 -25.53 -36.09 2.03
N ARG A 655 -24.89 -35.23 1.22
CA ARG A 655 -25.67 -34.44 0.26
C ARG A 655 -26.38 -35.35 -0.74
N GLU A 656 -25.78 -36.50 -1.08
CA GLU A 656 -26.46 -37.45 -1.96
C GLU A 656 -27.68 -38.05 -1.28
N GLU A 657 -27.56 -38.39 0.00
CA GLU A 657 -28.73 -38.89 0.73
C GLU A 657 -29.83 -37.84 0.79
N ILE A 658 -29.45 -36.57 0.96
CA ILE A 658 -30.44 -35.49 0.97
C ILE A 658 -31.12 -35.36 -0.39
N ALA A 659 -30.35 -35.48 -1.48
CA ALA A 659 -30.96 -35.43 -2.80
C ALA A 659 -31.91 -36.60 -3.01
N ALA A 660 -31.52 -37.78 -2.55
CA ALA A 660 -32.38 -38.96 -2.68
C ALA A 660 -33.66 -38.78 -1.89
N ALA A 661 -33.55 -38.31 -0.65
CA ALA A 661 -34.74 -38.05 0.15
C ALA A 661 -35.62 -36.98 -0.48
N LYS A 662 -35.00 -36.00 -1.13
CA LYS A 662 -35.78 -34.96 -1.80
C LYS A 662 -36.60 -35.55 -2.94
N VAL A 663 -35.96 -36.33 -3.82
CA VAL A 663 -36.69 -36.88 -4.95
C VAL A 663 -37.74 -37.89 -4.48
N ARG A 664 -37.44 -38.64 -3.43
CA ARG A 664 -38.44 -39.57 -2.90
C ARG A 664 -39.61 -38.83 -2.28
N ALA A 665 -39.35 -37.69 -1.63
CA ALA A 665 -40.44 -36.92 -1.05
C ALA A 665 -41.31 -36.29 -2.13
N ILE A 666 -40.69 -35.80 -3.21
CA ILE A 666 -41.47 -35.30 -4.34
C ILE A 666 -42.30 -36.42 -4.94
N ARG A 667 -41.73 -37.62 -5.05
CA ARG A 667 -42.49 -38.77 -5.57
C ARG A 667 -43.68 -39.08 -4.67
N GLY A 668 -43.46 -39.10 -3.36
CA GLY A 668 -44.54 -39.35 -2.43
C GLY A 668 -45.64 -38.30 -2.54
N LEU A 669 -45.25 -37.03 -2.70
CA LEU A 669 -46.25 -35.99 -2.89
C LEU A 669 -47.02 -36.21 -4.18
N ARG A 670 -46.34 -36.69 -5.22
CA ARG A 670 -47.03 -36.97 -6.48
C ARG A 670 -48.01 -38.12 -6.32
N GLU A 671 -47.69 -39.10 -5.47
CA GLU A 671 -48.61 -40.20 -5.21
C GLU A 671 -49.89 -39.70 -4.53
N LEU A 672 -49.79 -38.61 -3.78
CA LEU A 672 -50.97 -37.95 -3.23
C LEU A 672 -51.65 -37.16 -4.34
N HIS A 673 -52.61 -36.31 -3.99
CA HIS A 673 -53.32 -35.51 -4.98
C HIS A 673 -52.34 -34.71 -5.82
N ASP A 674 -52.69 -34.51 -7.09
CA ASP A 674 -51.80 -33.84 -8.03
C ASP A 674 -51.63 -32.37 -7.63
N ASN A 675 -50.38 -31.96 -7.48
CA ASN A 675 -50.06 -30.60 -7.03
C ASN A 675 -49.41 -29.81 -8.16
N PRO A 676 -50.18 -29.02 -8.92
CA PRO A 676 -49.54 -28.20 -9.96
C PRO A 676 -48.71 -27.06 -9.40
N TYR A 677 -49.08 -26.53 -8.23
CA TYR A 677 -48.31 -25.45 -7.63
C TYR A 677 -46.99 -25.94 -7.07
N LEU A 678 -46.92 -27.22 -6.70
CA LEU A 678 -45.66 -27.79 -6.24
C LEU A 678 -44.67 -27.81 -7.40
N HIS A 679 -43.43 -27.40 -7.11
CA HIS A 679 -42.36 -27.41 -8.09
C HIS A 679 -41.12 -27.99 -7.46
N ASP A 680 -40.60 -29.06 -8.06
CA ASP A 680 -39.30 -29.57 -7.68
C ASP A 680 -38.26 -28.46 -7.81
N GLU A 681 -37.14 -28.60 -7.10
CA GLU A 681 -36.14 -27.56 -6.90
C GLU A 681 -36.79 -26.19 -6.64
N ASP A 682 -37.93 -26.19 -5.95
CA ASP A 682 -38.53 -25.00 -5.37
C ASP A 682 -39.04 -25.33 -3.98
N MET A 683 -38.29 -26.15 -3.26
CA MET A 683 -38.72 -26.69 -1.97
C MET A 683 -37.48 -27.00 -1.16
N THR A 684 -37.56 -26.76 0.15
CA THR A 684 -36.41 -26.98 1.01
C THR A 684 -36.72 -27.92 2.16
N PHE A 685 -37.98 -27.98 2.58
CA PHE A 685 -38.40 -28.89 3.65
C PHE A 685 -38.60 -30.27 3.03
N ILE A 686 -37.50 -30.98 2.86
CA ILE A 686 -37.55 -32.34 2.34
C ILE A 686 -37.59 -33.31 3.50
N ALA A 687 -38.67 -34.07 3.61
CA ALA A 687 -38.83 -35.03 4.68
C ALA A 687 -39.68 -36.17 4.15
N PRO A 688 -39.07 -37.29 3.75
CA PRO A 688 -39.87 -38.42 3.28
C PRO A 688 -40.71 -39.02 4.38
N ASP A 689 -40.18 -39.08 5.60
CA ASP A 689 -40.95 -39.57 6.73
C ASP A 689 -42.21 -38.74 6.92
N PHE A 690 -42.14 -37.44 6.69
CA PHE A 690 -43.33 -36.61 6.78
C PHE A 690 -44.36 -37.00 5.73
N VAL A 691 -43.89 -37.29 4.50
CA VAL A 691 -44.83 -37.66 3.44
C VAL A 691 -45.51 -38.98 3.76
N GLU A 692 -44.74 -39.97 4.24
CA GLU A 692 -45.36 -41.26 4.53
C GLU A 692 -46.21 -41.19 5.79
N ASP A 693 -45.90 -40.29 6.71
CA ASP A 693 -46.75 -40.12 7.88
C ASP A 693 -48.03 -39.37 7.56
N LEU A 694 -48.00 -38.48 6.57
CA LEU A 694 -49.22 -37.81 6.16
C LEU A 694 -50.07 -38.68 5.24
N ALA A 695 -49.45 -39.60 4.51
CA ALA A 695 -50.21 -40.53 3.68
C ALA A 695 -51.05 -41.46 4.54
N GLY A 696 -50.52 -41.89 5.68
CA GLY A 696 -51.24 -42.76 6.58
C GLY A 696 -50.34 -43.79 7.22
N LYS A 697 -49.17 -44.01 6.63
CA LYS A 697 -48.24 -45.00 7.15
C LYS A 697 -47.78 -44.63 8.56
N ASN A 698 -47.39 -45.64 9.32
CA ASN A 698 -46.84 -45.55 10.68
C ASN A 698 -47.85 -45.08 11.71
N GLY A 699 -49.11 -44.85 11.35
CA GLY A 699 -50.10 -44.45 12.31
C GLY A 699 -51.28 -43.77 11.68
N PRO A 700 -52.48 -44.05 12.19
CA PRO A 700 -53.67 -43.34 11.72
C PRO A 700 -53.88 -42.02 12.45
N GLU A 701 -53.24 -41.87 13.61
CA GLU A 701 -53.35 -40.64 14.38
C GLU A 701 -52.23 -39.66 14.04
N GLN A 702 -51.02 -40.16 13.79
CA GLN A 702 -49.93 -39.28 13.38
C GLN A 702 -50.25 -38.57 12.08
N GLN A 703 -50.95 -39.26 11.17
CA GLN A 703 -51.44 -38.61 9.97
C GLN A 703 -52.31 -37.42 10.32
N GLN A 704 -53.22 -37.59 11.27
CA GLN A 704 -54.07 -36.48 11.70
C GLN A 704 -53.22 -35.35 12.29
N ALA A 705 -52.20 -35.69 13.06
CA ALA A 705 -51.35 -34.67 13.68
C ALA A 705 -50.65 -33.82 12.62
N THR A 706 -49.96 -34.48 11.69
CA THR A 706 -49.23 -33.73 10.66
C THR A 706 -50.20 -32.97 9.75
N GLU A 707 -51.34 -33.56 9.43
CA GLU A 707 -52.32 -32.86 8.60
C GLU A 707 -52.80 -31.59 9.28
N HIS A 708 -53.16 -31.70 10.56
CA HIS A 708 -53.62 -30.51 11.27
C HIS A 708 -52.51 -29.49 11.42
N PHE A 709 -51.26 -29.93 11.59
CA PHE A 709 -50.15 -28.99 11.69
C PHE A 709 -49.99 -28.20 10.41
N MET A 710 -49.88 -28.90 9.28
CA MET A 710 -49.74 -28.20 8.00
C MET A 710 -50.97 -27.39 7.65
N LEU A 711 -52.13 -27.72 8.22
CA LEU A 711 -53.28 -26.85 8.07
C LEU A 711 -53.15 -25.60 8.93
N ALA A 712 -52.50 -25.71 10.09
CA ALA A 712 -52.28 -24.57 10.96
C ALA A 712 -51.27 -23.60 10.35
N LEU A 713 -50.18 -24.12 9.79
CA LEU A 713 -49.22 -23.29 9.05
C LEU A 713 -49.85 -22.62 7.84
N ALA A 714 -51.06 -23.01 7.46
CA ALA A 714 -51.81 -22.35 6.40
C ALA A 714 -53.04 -21.62 6.94
N LEU A 715 -53.10 -21.39 8.25
CA LEU A 715 -54.23 -20.71 8.87
C LEU A 715 -53.81 -19.50 9.69
N CYS A 716 -52.68 -19.60 10.38
CA CYS A 716 -52.26 -18.53 11.28
C CYS A 716 -51.64 -17.35 10.57
N HIS A 717 -51.43 -17.43 9.26
CA HIS A 717 -50.67 -16.44 8.51
C HIS A 717 -51.52 -15.19 8.25
N THR A 718 -50.95 -14.28 7.45
CA THR A 718 -51.69 -13.19 6.83
C THR A 718 -51.21 -12.97 5.40
N VAL A 719 -50.52 -13.95 4.81
CA VAL A 719 -49.87 -13.79 3.53
C VAL A 719 -50.90 -13.55 2.43
N VAL A 720 -50.53 -12.73 1.45
CA VAL A 720 -51.32 -12.51 0.25
C VAL A 720 -50.75 -13.38 -0.87
N ALA A 721 -51.64 -14.03 -1.62
CA ALA A 721 -51.24 -15.02 -2.63
C ALA A 721 -51.54 -14.49 -4.02
N GLU A 722 -50.60 -14.69 -4.95
CA GLU A 722 -50.78 -14.27 -6.32
C GLU A 722 -50.31 -15.36 -7.28
N LYS A 723 -51.12 -15.62 -8.31
CA LYS A 723 -50.84 -16.69 -9.25
C LYS A 723 -50.07 -16.16 -10.44
N GLN A 724 -48.97 -16.83 -10.80
CA GLN A 724 -48.17 -16.46 -11.95
C GLN A 724 -48.49 -17.41 -13.11
N PRO A 725 -49.25 -16.98 -14.11
CA PRO A 725 -49.70 -17.90 -15.16
C PRO A 725 -48.54 -18.39 -16.03
N GLY A 726 -48.89 -19.26 -16.97
CA GLY A 726 -47.93 -19.80 -17.92
C GLY A 726 -47.72 -21.29 -17.74
N ASP A 727 -46.46 -21.70 -17.67
CA ASP A 727 -46.07 -23.03 -17.21
C ASP A 727 -46.71 -23.24 -15.84
N PRO A 728 -46.83 -24.49 -15.35
CA PRO A 728 -47.67 -24.75 -14.15
C PRO A 728 -47.50 -23.67 -13.12
N PRO A 729 -48.57 -22.97 -12.76
CA PRO A 729 -48.42 -21.63 -12.16
C PRO A 729 -47.85 -21.68 -10.76
N LYS A 730 -46.58 -21.30 -10.63
CA LYS A 730 -45.98 -21.13 -9.32
C LYS A 730 -46.58 -19.91 -8.64
N MET A 731 -47.06 -20.09 -7.42
CA MET A 731 -47.73 -19.02 -6.69
C MET A 731 -46.72 -18.27 -5.83
N ILE A 732 -46.86 -16.94 -5.82
CA ILE A 732 -45.99 -16.08 -5.03
C ILE A 732 -46.74 -15.61 -3.80
N PHE A 733 -46.00 -15.43 -2.71
CA PHE A 733 -46.55 -15.17 -1.39
C PHE A 733 -45.96 -13.86 -0.86
N LYS A 734 -46.73 -12.79 -0.92
CA LYS A 734 -46.31 -11.49 -0.41
C LYS A 734 -46.76 -11.38 1.05
N ALA A 735 -45.80 -11.34 1.97
CA ALA A 735 -46.07 -11.34 3.40
C ALA A 735 -45.51 -10.06 4.02
N GLN A 736 -45.65 -9.96 5.34
CA GLN A 736 -45.05 -8.86 6.09
C GLN A 736 -43.64 -9.15 6.53
N SER A 737 -43.24 -10.42 6.59
CA SER A 737 -41.88 -10.80 6.89
C SER A 737 -41.57 -12.07 6.12
N PRO A 738 -40.33 -12.26 5.67
CA PRO A 738 -39.97 -13.52 5.00
C PRO A 738 -40.12 -14.74 5.87
N ASP A 739 -40.30 -14.58 7.19
CA ASP A 739 -40.47 -15.72 8.07
C ASP A 739 -41.77 -16.45 7.74
N GLU A 740 -42.91 -15.78 7.92
CA GLU A 740 -44.18 -16.39 7.56
C GLU A 740 -44.28 -16.66 6.08
N ALA A 741 -43.54 -15.93 5.25
CA ALA A 741 -43.48 -16.24 3.83
C ALA A 741 -42.92 -17.64 3.61
N ALA A 742 -41.80 -17.96 4.27
CA ALA A 742 -41.24 -19.31 4.16
C ALA A 742 -42.18 -20.34 4.75
N LEU A 743 -42.80 -20.02 5.88
CA LEU A 743 -43.78 -20.91 6.48
C LEU A 743 -44.85 -21.32 5.47
N VAL A 744 -45.51 -20.34 4.86
CA VAL A 744 -46.60 -20.66 3.94
C VAL A 744 -46.06 -21.28 2.65
N ALA A 745 -44.90 -20.84 2.18
CA ALA A 745 -44.34 -21.41 0.96
C ALA A 745 -44.02 -22.88 1.12
N THR A 746 -43.71 -23.32 2.34
CA THR A 746 -43.64 -24.76 2.57
C THR A 746 -45.00 -25.38 2.82
N ALA A 747 -45.92 -24.63 3.43
CA ALA A 747 -47.27 -25.13 3.63
C ALA A 747 -48.05 -25.29 2.33
N ARG A 748 -47.47 -24.89 1.20
CA ARG A 748 -48.04 -25.26 -0.09
C ARG A 748 -47.27 -26.39 -0.78
N ASP A 749 -46.03 -26.62 -0.40
CA ASP A 749 -45.21 -27.66 -1.01
C ASP A 749 -45.49 -29.04 -0.44
N MET A 750 -46.42 -29.14 0.51
CA MET A 750 -46.85 -30.43 1.05
C MET A 750 -48.37 -30.48 1.07
N GLY A 751 -49.00 -30.11 -0.05
CA GLY A 751 -50.43 -29.94 -0.06
C GLY A 751 -50.82 -28.69 0.72
N PHE A 752 -52.12 -28.50 0.86
CA PHE A 752 -52.68 -27.36 1.61
C PHE A 752 -52.19 -26.03 1.04
N THR A 753 -52.11 -25.94 -0.28
CA THR A 753 -51.73 -24.67 -0.90
C THR A 753 -52.82 -23.63 -0.65
N VAL A 754 -52.45 -22.36 -0.68
CA VAL A 754 -53.31 -21.28 -0.21
C VAL A 754 -53.80 -20.48 -1.41
N LEU A 755 -54.97 -19.86 -1.24
CA LEU A 755 -55.51 -18.91 -2.21
C LEU A 755 -55.86 -17.62 -1.47
N GLY A 756 -56.47 -16.69 -2.21
CA GLY A 756 -56.76 -15.38 -1.64
C GLY A 756 -57.92 -15.42 -0.68
N MET A 757 -58.03 -14.35 0.11
CA MET A 757 -59.14 -14.19 1.05
C MET A 757 -60.38 -13.77 0.29
N SER A 758 -61.20 -14.72 -0.13
CA SER A 758 -62.32 -14.44 -1.03
C SER A 758 -63.59 -14.07 -0.24
N ASP A 759 -63.57 -12.87 0.31
CA ASP A 759 -64.68 -12.16 0.95
C ASP A 759 -65.09 -12.83 2.26
N GLY A 760 -64.54 -13.99 2.60
CA GLY A 760 -64.75 -14.59 3.90
C GLY A 760 -63.44 -14.63 4.66
N GLY A 761 -62.80 -15.78 4.63
CA GLY A 761 -61.43 -15.88 5.11
C GLY A 761 -60.59 -16.56 4.04
N ILE A 762 -59.52 -17.20 4.50
CA ILE A 762 -58.59 -17.88 3.62
C ILE A 762 -59.30 -19.00 2.87
N ASN A 763 -58.79 -19.35 1.69
CA ASN A 763 -59.23 -20.52 0.94
C ASN A 763 -58.03 -21.44 0.79
N VAL A 764 -58.11 -22.64 1.34
CA VAL A 764 -57.00 -23.58 1.27
C VAL A 764 -57.35 -24.70 0.32
N ASN A 765 -56.44 -25.00 -0.60
CA ASN A 765 -56.60 -26.12 -1.51
C ASN A 765 -55.89 -27.30 -0.89
N VAL A 766 -56.62 -28.07 -0.10
CA VAL A 766 -56.09 -29.21 0.64
C VAL A 766 -56.25 -30.45 -0.21
N MET A 767 -55.11 -31.06 -0.55
CA MET A 767 -55.10 -32.33 -1.29
C MET A 767 -56.04 -32.29 -2.49
N GLY A 768 -55.82 -31.31 -3.36
CA GLY A 768 -56.58 -31.20 -4.59
C GLY A 768 -58.00 -30.68 -4.43
N LYS A 769 -58.57 -30.68 -3.24
CA LYS A 769 -59.93 -30.22 -3.03
C LYS A 769 -59.91 -28.93 -2.22
N ASP A 770 -60.72 -27.96 -2.65
CA ASP A 770 -60.72 -26.65 -2.02
C ASP A 770 -61.57 -26.65 -0.76
N MET A 771 -61.23 -25.73 0.15
CA MET A 771 -61.93 -25.57 1.41
C MET A 771 -61.97 -24.10 1.73
N HIS A 772 -63.18 -23.57 1.92
CA HIS A 772 -63.39 -22.16 2.23
C HIS A 772 -63.55 -22.01 3.74
N PHE A 773 -62.61 -21.29 4.35
CA PHE A 773 -62.65 -21.04 5.77
C PHE A 773 -63.12 -19.61 6.03
N PRO A 774 -64.10 -19.41 6.88
CA PRO A 774 -64.39 -18.06 7.35
C PRO A 774 -63.52 -17.73 8.55
N VAL A 775 -62.70 -16.67 8.45
CA VAL A 775 -61.77 -16.31 9.50
C VAL A 775 -62.50 -15.39 10.46
N LEU A 776 -62.62 -15.82 11.72
CA LEU A 776 -63.38 -15.07 12.70
C LEU A 776 -62.65 -13.79 13.09
N SER A 777 -61.38 -13.91 13.45
CA SER A 777 -60.62 -12.74 13.88
C SER A 777 -59.14 -13.05 13.76
N ILE A 778 -58.33 -11.99 13.77
CA ILE A 778 -56.88 -12.11 13.75
C ILE A 778 -56.26 -11.05 14.64
N ILE A 779 -55.32 -11.48 15.48
CA ILE A 779 -54.53 -10.59 16.33
C ILE A 779 -53.14 -10.53 15.75
N GLU A 780 -52.76 -9.36 15.24
CA GLU A 780 -51.57 -9.20 14.43
C GLU A 780 -50.30 -9.25 15.27
N PHE A 781 -49.19 -9.45 14.57
CA PHE A 781 -47.89 -9.55 15.22
C PHE A 781 -47.45 -8.18 15.74
N ASN A 782 -46.55 -8.21 16.74
CA ASN A 782 -45.98 -7.00 17.30
C ASN A 782 -44.59 -7.34 17.82
N SER A 783 -43.80 -6.30 18.07
CA SER A 783 -42.49 -6.52 18.66
C SER A 783 -42.58 -6.86 20.14
N SER A 784 -43.60 -6.37 20.82
CA SER A 784 -43.81 -6.68 22.24
C SER A 784 -44.60 -7.96 22.44
N ARG A 785 -45.53 -8.27 21.54
CA ARG A 785 -46.28 -9.51 21.66
C ARG A 785 -45.39 -10.72 21.50
N LYS A 786 -44.49 -10.69 20.51
CA LYS A 786 -43.65 -11.81 20.10
C LYS A 786 -44.45 -13.00 19.60
N ARG A 787 -45.76 -12.85 19.45
CA ARG A 787 -46.61 -13.92 18.94
C ARG A 787 -47.78 -13.29 18.20
N MET A 788 -48.46 -14.10 17.41
CA MET A 788 -49.56 -13.61 16.58
C MET A 788 -50.57 -14.73 16.45
N SER A 789 -51.86 -14.35 16.41
CA SER A 789 -52.93 -15.32 16.60
C SER A 789 -54.03 -15.11 15.58
N THR A 790 -54.88 -16.12 15.43
CA THR A 790 -56.09 -15.99 14.64
C THR A 790 -57.09 -17.05 15.05
N ILE A 791 -58.36 -16.66 15.12
CA ILE A 791 -59.46 -17.56 15.40
C ILE A 791 -60.24 -17.74 14.10
N VAL A 792 -60.51 -19.00 13.75
CA VAL A 792 -61.17 -19.34 12.49
C VAL A 792 -62.18 -20.44 12.76
N ARG A 793 -63.33 -20.37 12.10
CA ARG A 793 -64.36 -21.40 12.19
C ARG A 793 -64.10 -22.42 11.09
N MET A 794 -63.56 -23.57 11.48
CA MET A 794 -63.19 -24.61 10.53
C MET A 794 -64.42 -25.28 9.95
N PRO A 795 -64.30 -26.02 8.85
CA PRO A 795 -65.50 -26.66 8.27
C PRO A 795 -66.10 -27.74 9.15
N ASP A 796 -65.38 -28.22 10.16
CA ASP A 796 -65.93 -29.20 11.09
C ASP A 796 -66.82 -28.56 12.15
N GLY A 797 -67.27 -27.34 11.92
CA GLY A 797 -68.19 -26.66 12.84
C GLY A 797 -67.55 -25.92 13.98
N ARG A 798 -66.62 -26.56 14.68
CA ARG A 798 -66.00 -25.95 15.84
C ARG A 798 -65.03 -24.86 15.41
N ILE A 799 -64.95 -23.82 16.21
CA ILE A 799 -64.01 -22.73 15.98
C ILE A 799 -62.71 -23.06 16.69
N LEU A 800 -61.62 -22.49 16.21
CA LEU A 800 -60.29 -22.87 16.69
C LEU A 800 -59.39 -21.65 16.67
N LEU A 801 -58.62 -21.46 17.74
CA LEU A 801 -57.66 -20.38 17.85
C LEU A 801 -56.26 -20.94 17.69
N PHE A 802 -55.52 -20.43 16.71
CA PHE A 802 -54.11 -20.71 16.53
C PHE A 802 -53.30 -19.52 17.02
N CYS A 803 -52.15 -19.81 17.62
CA CYS A 803 -51.27 -18.78 18.16
C CYS A 803 -49.84 -19.24 17.93
N LYS A 804 -49.10 -18.54 17.07
CA LYS A 804 -47.73 -18.92 16.79
C LYS A 804 -46.79 -17.77 17.11
N GLY A 805 -45.62 -18.12 17.62
CA GLY A 805 -44.68 -17.10 18.05
C GLY A 805 -43.40 -17.72 18.56
N ALA A 806 -42.71 -16.98 19.40
CA ALA A 806 -41.43 -17.43 19.94
C ALA A 806 -41.63 -18.69 20.76
N ASP A 807 -40.53 -19.42 20.96
CA ASP A 807 -40.57 -20.65 21.74
C ASP A 807 -40.92 -20.37 23.20
N SER A 808 -40.28 -19.36 23.79
CA SER A 808 -40.49 -19.04 25.19
C SER A 808 -41.73 -18.20 25.44
N VAL A 809 -42.52 -17.89 24.42
CA VAL A 809 -43.70 -17.07 24.58
C VAL A 809 -44.93 -17.96 24.62
N ILE A 810 -44.86 -19.10 23.93
CA ILE A 810 -45.96 -20.06 23.95
C ILE A 810 -45.86 -21.00 25.13
N TYR A 811 -44.64 -21.41 25.51
CA TYR A 811 -44.46 -22.20 26.72
C TYR A 811 -45.04 -21.53 27.95
N SER A 812 -45.19 -20.21 27.93
CA SER A 812 -45.84 -19.53 29.03
C SER A 812 -47.36 -19.64 28.94
N ARG A 813 -47.90 -19.61 27.72
CA ARG A 813 -49.33 -19.69 27.50
C ARG A 813 -49.68 -21.12 27.10
N LEU A 814 -49.69 -22.01 28.09
CA LEU A 814 -50.05 -23.39 27.88
C LEU A 814 -50.84 -23.91 29.06
N LYS A 815 -51.89 -24.69 28.78
CA LYS A 815 -52.63 -25.38 29.82
C LYS A 815 -51.67 -26.29 30.60
N LYS A 816 -51.44 -25.99 31.86
CA LYS A 816 -50.43 -26.70 32.62
C LYS A 816 -50.92 -28.08 33.03
N GLY A 817 -49.95 -28.96 33.30
CA GLY A 817 -50.25 -30.31 33.72
C GLY A 817 -50.75 -31.22 32.62
N GLU A 818 -50.20 -31.10 31.41
CA GLU A 818 -50.60 -31.95 30.30
C GLU A 818 -49.41 -32.20 29.39
N GLN A 819 -49.44 -33.37 28.73
CA GLN A 819 -48.50 -33.70 27.67
C GLN A 819 -47.06 -33.53 28.11
N ALA A 820 -46.74 -34.07 29.29
CA ALA A 820 -45.42 -33.88 29.87
C ALA A 820 -44.33 -34.38 28.93
N ASP A 821 -44.45 -35.62 28.46
CA ASP A 821 -43.43 -36.17 27.58
C ASP A 821 -43.41 -35.45 26.24
N MET A 822 -44.59 -35.14 25.69
CA MET A 822 -44.64 -34.40 24.43
C MET A 822 -43.96 -33.05 24.57
N ARG A 823 -44.31 -32.30 25.61
CA ARG A 823 -43.75 -30.95 25.75
C ARG A 823 -42.27 -30.99 26.05
N ARG A 824 -41.81 -31.96 26.85
CA ARG A 824 -40.37 -32.02 27.12
C ARG A 824 -39.59 -32.45 25.90
N GLU A 825 -40.16 -33.33 25.07
CA GLU A 825 -39.47 -33.72 23.84
C GLU A 825 -39.42 -32.55 22.86
N THR A 826 -40.52 -31.80 22.74
CA THR A 826 -40.52 -30.62 21.90
C THR A 826 -39.51 -29.59 22.41
N ALA A 827 -39.40 -29.45 23.73
CA ALA A 827 -38.41 -28.53 24.28
C ALA A 827 -37.00 -28.95 23.92
N GLN A 828 -36.68 -30.23 24.07
CA GLN A 828 -35.34 -30.68 23.72
C GLN A 828 -35.06 -30.56 22.23
N HIS A 829 -36.08 -30.79 21.40
CA HIS A 829 -35.87 -30.68 19.96
C HIS A 829 -35.68 -29.23 19.54
N LEU A 830 -36.42 -28.30 20.15
CA LEU A 830 -36.21 -26.89 19.85
C LEU A 830 -34.87 -26.42 20.38
N GLU A 831 -34.40 -26.99 21.49
CA GLU A 831 -33.03 -26.70 21.93
C GLU A 831 -32.02 -27.12 20.88
N MET A 832 -32.15 -28.35 20.38
CA MET A 832 -31.26 -28.81 19.31
C MET A 832 -31.32 -27.88 18.11
N PHE A 833 -32.53 -27.51 17.69
CA PHE A 833 -32.67 -26.71 16.48
C PHE A 833 -32.09 -25.31 16.67
N ALA A 834 -32.36 -24.68 17.81
CA ALA A 834 -31.80 -23.36 18.08
C ALA A 834 -30.30 -23.41 18.28
N VAL A 835 -29.75 -24.55 18.67
CA VAL A 835 -28.30 -24.65 18.70
C VAL A 835 -27.72 -24.81 17.30
N GLU A 836 -28.45 -25.49 16.41
CA GLU A 836 -27.98 -25.61 15.04
C GLU A 836 -28.10 -24.33 14.23
N GLY A 837 -28.59 -23.24 14.84
CA GLY A 837 -28.68 -21.97 14.16
C GLY A 837 -30.01 -21.64 13.55
N LEU A 838 -31.03 -22.46 13.76
CA LEU A 838 -32.33 -22.20 13.17
C LEU A 838 -33.15 -21.28 14.07
N ARG A 839 -34.07 -20.53 13.45
CA ARG A 839 -34.93 -19.60 14.16
C ARG A 839 -36.27 -20.28 14.42
N THR A 840 -36.42 -20.84 15.61
CA THR A 840 -37.56 -21.69 15.92
C THR A 840 -38.83 -20.88 16.12
N LEU A 841 -39.96 -21.52 15.88
CA LEU A 841 -41.27 -20.96 16.15
C LEU A 841 -42.17 -22.06 16.71
N CYS A 842 -43.02 -21.68 17.65
CA CYS A 842 -43.98 -22.60 18.25
C CYS A 842 -45.38 -22.23 17.80
N ILE A 843 -46.19 -23.24 17.52
CA ILE A 843 -47.58 -23.09 17.17
C ILE A 843 -48.43 -23.82 18.20
N ALA A 844 -49.47 -23.15 18.69
CA ALA A 844 -50.37 -23.74 19.67
C ALA A 844 -51.80 -23.49 19.23
N GLU A 845 -52.70 -24.32 19.73
CA GLU A 845 -54.10 -24.25 19.37
C GLU A 845 -54.98 -24.40 20.60
N ARG A 846 -56.21 -23.91 20.48
CA ARG A 846 -57.21 -24.11 21.50
C ARG A 846 -58.60 -24.11 20.87
N GLU A 847 -59.40 -25.11 21.24
CA GLU A 847 -60.79 -25.20 20.82
C GLU A 847 -61.60 -24.14 21.56
N LEU A 848 -61.83 -23.01 20.90
CA LEU A 848 -62.61 -21.94 21.52
C LEU A 848 -64.09 -22.30 21.49
N SER A 849 -64.88 -21.55 22.25
CA SER A 849 -66.32 -21.74 22.30
C SER A 849 -67.02 -20.58 21.60
N GLU A 850 -68.21 -20.87 21.05
CA GLU A 850 -68.95 -19.84 20.31
C GLU A 850 -69.32 -18.68 21.22
N GLU A 851 -69.93 -18.98 22.37
CA GLU A 851 -70.28 -17.92 23.31
C GLU A 851 -69.03 -17.23 23.86
N GLU A 852 -68.01 -18.01 24.19
CA GLU A 852 -66.75 -17.43 24.61
C GLU A 852 -66.18 -16.52 23.53
N TYR A 853 -66.25 -16.94 22.27
CA TYR A 853 -65.69 -16.13 21.20
C TYR A 853 -66.46 -14.83 21.06
N ARG A 854 -67.80 -14.89 21.05
CA ARG A 854 -68.55 -13.66 20.86
C ARG A 854 -68.41 -12.71 22.05
N GLU A 855 -68.27 -13.24 23.28
CA GLU A 855 -68.08 -12.33 24.39
C GLU A 855 -66.67 -11.73 24.38
N TRP A 856 -65.67 -12.52 24.00
CA TRP A 856 -64.33 -11.94 23.84
C TRP A 856 -64.32 -10.89 22.74
N ARG A 857 -65.10 -11.10 21.68
CA ARG A 857 -65.17 -10.12 20.60
C ARG A 857 -65.89 -8.86 21.05
N ARG A 858 -66.89 -9.00 21.92
CA ARG A 858 -67.55 -7.81 22.46
C ARG A 858 -66.60 -7.02 23.33
N GLU A 859 -65.79 -7.71 24.16
CA GLU A 859 -64.78 -7.01 24.94
C GLU A 859 -63.75 -6.36 24.02
N HIS A 860 -63.40 -7.03 22.93
CA HIS A 860 -62.40 -6.53 22.00
C HIS A 860 -62.86 -5.26 21.32
N ASP A 861 -64.06 -5.28 20.71
CA ASP A 861 -64.54 -4.09 20.03
C ASP A 861 -64.97 -3.00 21.00
N LEU A 862 -65.25 -3.35 22.26
CA LEU A 862 -65.44 -2.32 23.28
C LEU A 862 -64.13 -1.61 23.55
N ALA A 863 -63.05 -2.37 23.72
CA ALA A 863 -61.74 -1.75 23.91
C ALA A 863 -61.31 -0.97 22.68
N ALA A 864 -61.79 -1.36 21.50
CA ALA A 864 -61.47 -0.62 20.29
C ALA A 864 -62.16 0.74 20.25
N THR A 865 -63.37 0.82 20.82
CA THR A 865 -64.12 2.07 20.81
C THR A 865 -63.55 3.10 21.77
N ALA A 866 -62.95 2.66 22.87
CA ALA A 866 -62.32 3.57 23.82
C ALA A 866 -61.11 4.19 23.14
N LEU A 867 -61.22 5.46 22.77
CA LEU A 867 -60.17 6.09 21.97
C LEU A 867 -58.91 6.34 22.78
N GLU A 868 -59.05 6.65 24.07
CA GLU A 868 -57.88 6.90 24.90
C GLU A 868 -57.33 5.59 25.45
N ASN A 869 -56.00 5.49 25.47
CA ASN A 869 -55.31 4.30 25.99
C ASN A 869 -55.82 3.02 25.31
N ARG A 870 -56.14 3.13 24.02
CA ARG A 870 -56.84 2.05 23.34
C ARG A 870 -55.96 0.82 23.16
N GLU A 871 -54.72 1.02 22.72
CA GLU A 871 -53.84 -0.11 22.39
C GLU A 871 -53.57 -0.97 23.63
N GLU A 872 -53.41 -0.35 24.79
CA GLU A 872 -53.18 -1.13 26.00
C GLU A 872 -54.41 -1.93 26.39
N LYS A 873 -55.60 -1.38 26.17
CA LYS A 873 -56.82 -2.13 26.44
C LYS A 873 -56.98 -3.29 25.47
N LEU A 874 -56.61 -3.09 24.20
CA LEU A 874 -56.66 -4.19 23.24
C LEU A 874 -55.67 -5.29 23.61
N GLU A 875 -54.47 -4.91 24.05
CA GLU A 875 -53.50 -5.92 24.48
C GLU A 875 -53.96 -6.62 25.76
N GLU A 876 -54.70 -5.91 26.61
CA GLU A 876 -55.19 -6.53 27.84
C GLU A 876 -56.31 -7.51 27.55
N VAL A 877 -57.23 -7.16 26.66
CA VAL A 877 -58.33 -8.08 26.35
C VAL A 877 -57.82 -9.26 25.53
N ALA A 878 -56.82 -9.03 24.68
CA ALA A 878 -56.29 -10.11 23.85
C ALA A 878 -55.46 -11.11 24.65
N ASP A 879 -55.14 -10.82 25.90
CA ASP A 879 -54.39 -11.73 26.76
C ASP A 879 -55.28 -12.57 27.65
N LYS A 880 -56.59 -12.38 27.57
CA LYS A 880 -57.53 -13.21 28.31
C LYS A 880 -58.01 -14.41 27.52
N ILE A 881 -57.67 -14.50 26.23
CA ILE A 881 -58.15 -15.58 25.38
C ILE A 881 -57.04 -16.55 24.98
N GLU A 882 -55.78 -16.22 25.22
CA GLU A 882 -54.67 -17.04 24.75
C GLU A 882 -53.93 -17.74 25.88
N ARG A 883 -54.61 -18.03 27.00
CA ARG A 883 -53.93 -18.62 28.13
C ARG A 883 -53.90 -20.15 28.07
N ASP A 884 -55.06 -20.79 27.96
CA ASP A 884 -55.12 -22.24 27.84
C ASP A 884 -54.92 -22.62 26.39
N LEU A 885 -53.89 -23.41 26.10
CA LEU A 885 -53.57 -23.80 24.74
C LEU A 885 -52.98 -25.20 24.77
N THR A 886 -52.53 -25.67 23.61
CA THR A 886 -51.73 -26.89 23.54
C THR A 886 -50.83 -26.82 22.31
N LEU A 887 -49.68 -27.45 22.42
CA LEU A 887 -48.60 -27.30 21.44
C LEU A 887 -48.84 -28.23 20.26
N LEU A 888 -49.14 -27.65 19.10
CA LEU A 888 -49.23 -28.46 17.89
C LEU A 888 -47.86 -28.93 17.43
N GLY A 889 -46.89 -28.02 17.39
CA GLY A 889 -45.55 -28.38 16.96
C GLY A 889 -44.65 -27.17 16.99
N GLY A 890 -43.43 -27.38 16.52
CA GLY A 890 -42.45 -26.31 16.46
C GLY A 890 -41.65 -26.26 15.18
N THR A 891 -41.77 -25.16 14.44
CA THR A 891 -41.05 -25.02 13.18
C THR A 891 -39.64 -24.52 13.42
N ALA A 892 -38.79 -24.65 12.39
CA ALA A 892 -37.41 -24.18 12.46
C ALA A 892 -37.00 -23.58 11.11
N ILE A 893 -37.22 -22.27 10.97
CA ILE A 893 -36.81 -21.57 9.77
C ILE A 893 -35.34 -21.15 9.86
N GLU A 894 -34.65 -21.21 8.72
CA GLU A 894 -33.24 -20.84 8.63
C GLU A 894 -33.08 -19.61 7.76
N ASP A 895 -32.42 -18.59 8.29
CA ASP A 895 -32.01 -17.43 7.51
C ASP A 895 -30.68 -17.78 6.85
N ARG A 896 -30.69 -17.86 5.53
CA ARG A 896 -29.54 -18.39 4.81
C ARG A 896 -28.37 -17.44 4.86
N LEU A 897 -27.21 -17.97 5.24
CA LEU A 897 -25.97 -17.23 5.09
C LEU A 897 -25.64 -17.08 3.61
N GLN A 898 -24.55 -16.38 3.33
CA GLN A 898 -24.00 -16.37 1.98
C GLN A 898 -23.21 -17.64 1.78
N ASP A 899 -22.53 -17.76 0.64
CA ASP A 899 -21.75 -18.95 0.34
C ASP A 899 -20.35 -18.79 0.88
N GLY A 900 -19.85 -19.83 1.54
CA GLY A 900 -18.51 -19.79 2.08
C GLY A 900 -18.32 -18.89 3.28
N VAL A 901 -19.40 -18.34 3.84
CA VAL A 901 -19.26 -17.46 5.00
C VAL A 901 -18.75 -18.19 6.23
N PRO A 902 -19.26 -19.37 6.61
CA PRO A 902 -18.64 -20.09 7.73
C PRO A 902 -17.19 -20.45 7.45
N ASP A 903 -16.86 -20.84 6.22
CA ASP A 903 -15.49 -21.14 5.88
C ASP A 903 -14.63 -19.88 5.89
N THR A 904 -15.15 -18.78 5.36
CA THR A 904 -14.42 -17.52 5.43
C THR A 904 -14.09 -17.16 6.86
N ILE A 905 -15.08 -17.30 7.75
CA ILE A 905 -14.89 -16.91 9.15
C ILE A 905 -13.87 -17.83 9.82
N ALA A 906 -13.97 -19.13 9.56
CA ALA A 906 -12.97 -20.06 10.10
C ALA A 906 -11.58 -19.67 9.64
N LEU A 907 -11.41 -19.42 8.34
CA LEU A 907 -10.10 -19.10 7.79
C LEU A 907 -9.55 -17.82 8.40
N LEU A 908 -10.36 -16.76 8.45
CA LEU A 908 -9.92 -15.51 9.05
C LEU A 908 -9.53 -15.70 10.51
N ALA A 909 -10.37 -16.38 11.28
CA ALA A 909 -10.04 -16.60 12.69
C ALA A 909 -8.79 -17.44 12.88
N ASP A 910 -8.45 -18.30 11.90
CA ASP A 910 -7.17 -18.99 12.00
C ASP A 910 -6.00 -18.07 11.71
N ALA A 911 -6.23 -17.01 10.93
CA ALA A 911 -5.14 -16.10 10.58
C ALA A 911 -4.69 -15.29 11.78
N GLY A 912 -5.63 -14.88 12.63
CA GLY A 912 -5.31 -14.05 13.77
C GLY A 912 -6.34 -12.96 13.96
N ILE A 913 -7.19 -12.77 12.95
CA ILE A 913 -8.21 -11.74 13.01
C ILE A 913 -9.29 -12.12 14.00
N LYS A 914 -9.85 -11.13 14.69
CA LYS A 914 -10.99 -11.28 15.56
C LYS A 914 -12.18 -10.60 14.92
N LEU A 915 -13.32 -11.29 14.88
CA LEU A 915 -14.49 -10.81 14.16
C LEU A 915 -15.60 -10.46 15.14
N TRP A 916 -16.01 -9.20 15.13
CA TRP A 916 -17.10 -8.73 15.98
C TRP A 916 -18.32 -8.48 15.12
N VAL A 917 -19.29 -9.39 15.15
CA VAL A 917 -20.57 -9.13 14.50
C VAL A 917 -21.31 -8.09 15.33
N LEU A 918 -21.64 -6.97 14.71
CA LEU A 918 -22.42 -5.93 15.37
C LEU A 918 -23.53 -5.45 14.45
N THR A 919 -24.67 -6.11 14.56
CA THR A 919 -25.84 -5.80 13.76
C THR A 919 -26.70 -4.75 14.43
N GLY A 920 -27.75 -4.34 13.72
CA GLY A 920 -28.76 -3.50 14.32
C GLY A 920 -30.05 -4.28 14.53
N ASP A 921 -29.98 -5.60 14.43
CA ASP A 921 -31.16 -6.45 14.49
C ASP A 921 -31.33 -6.97 15.91
N LYS A 922 -32.40 -7.72 16.14
CA LYS A 922 -32.76 -8.14 17.49
C LYS A 922 -31.66 -8.98 18.13
N VAL A 923 -31.80 -9.21 19.44
CA VAL A 923 -30.75 -9.83 20.23
C VAL A 923 -30.66 -11.34 20.04
N GLU A 924 -31.76 -12.00 19.70
CA GLU A 924 -31.73 -13.45 19.54
C GLU A 924 -31.40 -13.88 18.12
N THR A 925 -31.78 -13.10 17.10
CA THR A 925 -31.33 -13.41 15.75
C THR A 925 -29.83 -13.27 15.61
N ALA A 926 -29.23 -12.33 16.34
CA ALA A 926 -27.78 -12.22 16.34
C ALA A 926 -27.15 -13.49 16.86
N ILE A 927 -27.73 -14.08 17.91
CA ILE A 927 -27.19 -15.31 18.46
C ILE A 927 -27.42 -16.48 17.50
N ASN A 928 -28.55 -16.48 16.81
CA ASN A 928 -28.80 -17.49 15.78
C ASN A 928 -27.71 -17.45 14.72
N ILE A 929 -27.46 -16.26 14.15
CA ILE A 929 -26.43 -16.11 13.15
C ILE A 929 -25.05 -16.39 13.72
N GLY A 930 -24.85 -16.15 15.02
CA GLY A 930 -23.61 -16.53 15.63
C GLY A 930 -23.44 -18.03 15.79
N PHE A 931 -24.54 -18.76 15.81
CA PHE A 931 -24.49 -20.21 15.83
C PHE A 931 -24.30 -20.79 14.44
N SER A 932 -25.01 -20.24 13.44
CA SER A 932 -24.82 -20.68 12.06
C SER A 932 -23.35 -20.51 11.64
N CYS A 933 -22.86 -19.28 11.65
CA CYS A 933 -21.51 -18.97 11.21
C CYS A 933 -20.45 -19.63 12.08
N ASN A 934 -20.87 -20.39 13.07
CA ASN A 934 -20.00 -21.08 14.02
C ASN A 934 -19.15 -20.11 14.84
N LEU A 935 -19.55 -18.84 14.89
CA LEU A 935 -18.97 -17.92 15.85
C LEU A 935 -19.19 -18.41 17.28
N LEU A 936 -20.45 -18.55 17.66
CA LEU A 936 -20.82 -19.16 18.92
C LEU A 936 -20.65 -20.67 18.84
N ASN A 937 -20.96 -21.36 19.93
CA ASN A 937 -20.68 -22.78 20.05
C ASN A 937 -21.53 -23.33 21.18
N ASN A 938 -21.33 -24.61 21.49
CA ASN A 938 -22.00 -25.24 22.62
C ASN A 938 -21.14 -25.31 23.87
N ASP A 939 -19.87 -24.90 23.78
CA ASP A 939 -18.99 -24.84 24.94
C ASP A 939 -18.48 -23.40 24.98
N MET A 940 -19.29 -22.52 25.58
CA MET A 940 -19.00 -21.10 25.62
C MET A 940 -19.87 -20.46 26.69
N ASP A 941 -19.23 -19.84 27.67
CA ASP A 941 -20.00 -19.05 28.61
C ASP A 941 -20.50 -17.78 27.92
N LEU A 942 -21.62 -17.26 28.39
CA LEU A 942 -22.25 -16.11 27.76
C LEU A 942 -22.22 -14.94 28.73
N LEU A 943 -21.77 -13.79 28.23
CA LEU A 943 -21.71 -12.56 29.00
C LEU A 943 -22.71 -11.60 28.40
N ARG A 944 -23.86 -11.46 29.03
CA ARG A 944 -24.90 -10.55 28.58
C ARG A 944 -24.88 -9.31 29.46
N LEU A 945 -24.18 -8.27 29.01
CA LEU A 945 -24.16 -6.99 29.69
C LEU A 945 -25.48 -6.30 29.40
N GLN A 946 -26.28 -6.08 30.44
CA GLN A 946 -27.59 -5.50 30.27
C GLN A 946 -27.87 -4.50 31.38
N VAL A 947 -28.31 -3.30 30.99
CA VAL A 947 -28.96 -2.38 31.91
C VAL A 947 -30.35 -2.09 31.35
N ASN A 948 -31.33 -2.88 31.78
CA ASN A 948 -32.66 -2.80 31.22
C ASN A 948 -33.25 -1.41 31.41
N GLU A 949 -33.56 -0.83 30.28
CA GLU A 949 -33.80 0.55 30.31
C GLU A 949 -35.04 0.51 31.09
N SER A 950 -34.78 0.40 32.40
CA SER A 950 -35.81 0.36 33.41
C SER A 950 -36.49 1.68 33.31
N ASP A 951 -37.82 1.67 33.36
CA ASP A 951 -38.58 2.86 33.17
C ASP A 951 -38.23 3.91 34.18
N ALA A 952 -37.92 5.10 33.66
CA ALA A 952 -37.59 6.25 34.45
C ALA A 952 -36.51 5.97 35.48
N SER A 953 -35.46 5.26 35.12
CA SER A 953 -34.45 5.03 36.12
C SER A 953 -33.59 6.26 36.21
N THR A 954 -32.97 6.47 37.35
CA THR A 954 -32.11 7.62 37.46
C THR A 954 -30.96 7.28 36.57
N GLU A 955 -30.50 8.27 35.81
CA GLU A 955 -29.44 8.06 34.88
C GLU A 955 -28.21 7.56 35.55
N ASP A 956 -27.80 8.17 36.65
CA ASP A 956 -26.58 7.70 37.30
C ASP A 956 -26.70 6.25 37.76
N ASP A 957 -27.90 5.79 38.08
CA ASP A 957 -28.06 4.38 38.42
C ASP A 957 -27.80 3.49 37.21
N TYR A 958 -28.13 3.98 36.01
CA TYR A 958 -27.69 3.31 34.79
C TYR A 958 -26.19 3.04 34.83
N LEU A 959 -25.41 4.10 35.03
CA LEU A 959 -23.96 3.97 35.01
C LEU A 959 -23.47 3.12 36.16
N GLN A 960 -24.14 3.15 37.31
CA GLN A 960 -23.69 2.33 38.44
C GLN A 960 -23.94 0.86 38.19
N LEU A 961 -25.12 0.51 37.65
CA LEU A 961 -25.40 -0.87 37.29
C LEU A 961 -24.42 -1.36 36.24
N ALA A 962 -24.18 -0.53 35.22
CA ALA A 962 -23.22 -0.90 34.19
C ALA A 962 -21.82 -1.10 34.77
N GLU A 963 -21.42 -0.23 35.69
CA GLU A 963 -20.11 -0.35 36.31
C GLU A 963 -20.01 -1.63 37.11
N GLU A 964 -21.07 -2.01 37.83
CA GLU A 964 -20.99 -3.23 38.62
C GLU A 964 -20.92 -4.47 37.73
N GLN A 965 -21.70 -4.48 36.64
CA GLN A 965 -21.60 -5.59 35.70
C GLN A 965 -20.20 -5.68 35.10
N LEU A 966 -19.66 -4.55 34.65
CA LEU A 966 -18.31 -4.55 34.12
C LEU A 966 -17.30 -5.02 35.16
N LYS A 967 -17.48 -4.62 36.41
CA LYS A 967 -16.52 -4.98 37.44
C LYS A 967 -16.55 -6.46 37.74
N THR A 968 -17.74 -7.07 37.85
CA THR A 968 -17.79 -8.49 38.12
C THR A 968 -17.27 -9.30 36.94
N ASN A 969 -17.57 -8.85 35.71
CA ASN A 969 -17.09 -9.57 34.54
C ASN A 969 -15.57 -9.52 34.44
N LEU A 970 -14.99 -8.32 34.66
CA LEU A 970 -13.54 -8.22 34.67
C LEU A 970 -12.93 -9.04 35.79
N GLU A 971 -13.54 -8.98 36.98
CA GLU A 971 -13.11 -9.81 38.09
C GLU A 971 -12.94 -11.24 37.58
N ARG A 972 -14.05 -11.85 37.15
CA ARG A 972 -14.06 -13.25 36.74
C ARG A 972 -13.09 -13.53 35.60
N PHE A 973 -12.84 -12.53 34.74
CA PHE A 973 -11.70 -12.67 33.85
C PHE A 973 -10.39 -12.51 34.60
N ASN A 974 -10.51 -12.35 35.93
CA ASN A 974 -9.43 -12.35 36.90
C ASN A 974 -8.68 -11.03 36.90
N MET A 975 -9.39 -9.94 36.63
CA MET A 975 -8.69 -8.67 36.48
C MET A 975 -9.66 -7.52 36.69
N THR A 976 -9.23 -6.31 36.30
CA THR A 976 -10.08 -5.13 36.29
C THR A 976 -9.41 -4.08 35.41
N GLY A 977 -10.17 -3.03 35.07
CA GLY A 977 -9.66 -1.99 34.21
C GLY A 977 -8.93 -0.89 34.95
N ASP A 978 -7.84 -1.25 35.62
CA ASP A 978 -7.11 -0.33 36.51
C ASP A 978 -6.12 0.56 35.77
N ASP A 979 -6.16 0.58 34.43
CA ASP A 979 -5.32 1.43 33.59
C ASP A 979 -3.88 0.95 33.60
N GLU A 980 -3.56 -0.01 34.46
CA GLU A 980 -2.29 -0.72 34.34
C GLU A 980 -2.46 -1.95 33.47
N GLU A 981 -3.61 -2.60 33.56
CA GLU A 981 -3.98 -3.65 32.62
C GLU A 981 -4.66 -3.05 31.40
N LEU A 982 -4.06 -2.02 30.85
CA LEU A 982 -4.28 -1.58 29.49
C LEU A 982 -2.98 -1.38 28.75
N LYS A 983 -1.95 -0.86 29.41
CA LYS A 983 -0.64 -0.76 28.78
C LYS A 983 0.00 -2.13 28.60
N ARG A 984 -0.46 -3.13 29.35
CA ARG A 984 -0.10 -4.51 29.06
C ARG A 984 -1.06 -5.16 28.06
N ALA A 985 -2.14 -4.46 27.70
CA ALA A 985 -3.05 -4.92 26.67
C ALA A 985 -2.89 -4.15 25.37
N ARG A 986 -1.98 -3.17 25.33
CA ARG A 986 -1.60 -2.53 24.09
C ARG A 986 -0.45 -3.24 23.39
N LYS A 987 0.11 -4.28 24.01
CA LYS A 987 1.27 -4.99 23.47
C LYS A 987 1.05 -6.50 23.44
N ASP A 988 -0.21 -6.95 23.40
CA ASP A 988 -0.53 -8.36 23.39
C ASP A 988 -1.29 -8.69 22.13
N HIS A 989 -0.80 -9.69 21.39
CA HIS A 989 -1.43 -10.15 20.15
C HIS A 989 -1.52 -11.67 20.25
N ASN A 990 -2.62 -12.16 20.83
CA ASN A 990 -2.83 -13.58 21.02
C ASN A 990 -4.32 -13.85 20.93
N ALA A 991 -4.69 -14.94 20.28
CA ALA A 991 -6.08 -15.36 20.25
C ALA A 991 -6.55 -15.57 21.68
N PRO A 992 -7.64 -14.93 22.10
CA PRO A 992 -8.03 -14.98 23.51
C PRO A 992 -8.54 -16.34 23.94
N SER A 993 -9.00 -16.44 25.19
CA SER A 993 -9.66 -17.64 25.66
C SER A 993 -10.84 -17.96 24.74
N PRO A 994 -10.86 -19.14 24.11
CA PRO A 994 -11.85 -19.38 23.05
C PRO A 994 -13.22 -19.79 23.55
N THR A 995 -13.52 -19.56 24.83
CA THR A 995 -14.77 -20.02 25.41
C THR A 995 -15.56 -18.87 25.99
N TYR A 996 -15.65 -17.76 25.27
CA TYR A 996 -16.38 -16.61 25.79
C TYR A 996 -16.98 -15.79 24.66
N ALA A 997 -18.24 -15.40 24.86
CA ALA A 997 -18.95 -14.52 23.95
C ALA A 997 -19.57 -13.40 24.76
N LEU A 998 -19.74 -12.25 24.11
CA LEU A 998 -20.30 -11.07 24.76
C LEU A 998 -21.46 -10.56 23.93
N VAL A 999 -22.67 -10.70 24.44
CA VAL A 999 -23.86 -10.19 23.78
C VAL A 999 -24.28 -8.94 24.52
N ILE A 1000 -24.41 -7.84 23.78
CA ILE A 1000 -24.69 -6.54 24.38
C ILE A 1000 -25.48 -5.72 23.37
N ASP A 1001 -26.60 -5.17 23.80
CA ASP A 1001 -27.47 -4.44 22.90
C ASP A 1001 -27.01 -2.99 22.84
N GLY A 1002 -27.78 -2.16 22.13
CA GLY A 1002 -27.40 -0.77 21.97
C GLY A 1002 -27.42 0.01 23.28
N PHE A 1003 -28.44 -0.22 24.09
CA PHE A 1003 -28.63 0.55 25.32
C PHE A 1003 -27.46 0.36 26.29
N THR A 1004 -27.16 -0.90 26.63
CA THR A 1004 -26.01 -1.17 27.46
C THR A 1004 -24.74 -0.66 26.82
N LEU A 1005 -24.64 -0.80 25.49
CA LEU A 1005 -23.51 -0.25 24.76
C LEU A 1005 -23.46 1.26 24.88
N ARG A 1006 -24.62 1.92 24.79
CA ARG A 1006 -24.65 3.37 24.95
C ARG A 1006 -24.11 3.79 26.30
N TRP A 1007 -24.45 3.02 27.33
CA TRP A 1007 -24.04 3.44 28.68
C TRP A 1007 -22.64 2.98 29.07
N VAL A 1008 -22.05 2.00 28.36
CA VAL A 1008 -20.66 1.62 28.64
C VAL A 1008 -19.66 2.37 27.78
N LEU A 1009 -20.13 3.29 26.94
CA LEU A 1009 -19.25 4.04 26.06
C LEU A 1009 -19.28 5.53 26.38
N SER A 1010 -19.22 5.90 27.65
CA SER A 1010 -19.42 7.30 28.02
C SER A 1010 -18.16 7.97 28.57
N ASP A 1011 -17.66 7.55 29.72
CA ASP A 1011 -16.53 8.28 30.28
C ASP A 1011 -15.31 7.41 30.57
N SER A 1012 -15.48 6.39 31.40
CA SER A 1012 -14.37 5.59 31.89
C SER A 1012 -14.67 4.12 31.72
N LEU A 1013 -15.96 3.78 31.82
CA LEU A 1013 -16.39 2.41 31.57
C LEU A 1013 -15.81 1.91 30.25
N LYS A 1014 -15.74 2.79 29.26
CA LYS A 1014 -15.11 2.49 27.98
C LYS A 1014 -13.84 1.68 28.17
N GLN A 1015 -12.88 2.23 28.92
CA GLN A 1015 -11.65 1.52 29.18
C GLN A 1015 -11.93 0.13 29.72
N LYS A 1016 -12.65 0.05 30.84
CA LYS A 1016 -13.07 -1.24 31.37
C LYS A 1016 -13.73 -2.07 30.27
N PHE A 1017 -14.71 -1.47 29.59
CA PHE A 1017 -15.39 -2.15 28.50
C PHE A 1017 -14.38 -2.75 27.53
N LEU A 1018 -13.41 -1.94 27.09
CA LEU A 1018 -12.39 -2.45 26.19
C LEU A 1018 -11.78 -3.73 26.71
N LEU A 1019 -11.29 -3.71 27.94
CA LEU A 1019 -10.65 -4.90 28.48
C LEU A 1019 -11.59 -6.08 28.44
N LEU A 1020 -12.86 -5.86 28.81
CA LEU A 1020 -13.85 -6.92 28.68
C LEU A 1020 -13.86 -7.48 27.27
N CYS A 1021 -14.08 -6.59 26.29
CA CYS A 1021 -14.17 -7.04 24.91
C CYS A 1021 -12.87 -7.64 24.41
N LYS A 1022 -11.75 -7.41 25.10
CA LYS A 1022 -10.51 -8.03 24.65
C LYS A 1022 -10.41 -9.48 25.09
N GLN A 1023 -11.06 -9.85 26.19
CA GLN A 1023 -10.95 -11.22 26.70
C GLN A 1023 -11.96 -12.15 26.06
N CYS A 1024 -13.20 -11.72 25.91
CA CYS A 1024 -14.22 -12.56 25.30
C CYS A 1024 -13.87 -12.84 23.84
N LYS A 1025 -14.05 -14.09 23.43
CA LYS A 1025 -13.63 -14.49 22.09
C LYS A 1025 -14.50 -13.85 21.02
N SER A 1026 -15.81 -13.78 21.25
CA SER A 1026 -16.70 -13.20 20.25
C SER A 1026 -17.52 -12.07 20.86
N VAL A 1027 -18.01 -11.19 20.00
CA VAL A 1027 -18.85 -10.07 20.41
C VAL A 1027 -20.02 -9.98 19.45
N LEU A 1028 -21.23 -9.80 19.98
CA LEU A 1028 -22.45 -9.72 19.18
C LEU A 1028 -23.27 -8.53 19.66
N CYS A 1029 -23.04 -7.37 19.08
CA CYS A 1029 -23.91 -6.24 19.40
C CYS A 1029 -25.28 -6.46 18.78
N CYS A 1030 -26.26 -5.72 19.27
CA CYS A 1030 -27.66 -5.93 18.89
C CYS A 1030 -28.40 -4.61 18.97
N ARG A 1031 -29.24 -4.34 17.98
CA ARG A 1031 -30.03 -3.12 17.90
C ARG A 1031 -29.14 -1.88 18.09
N VAL A 1032 -27.93 -1.96 17.55
CA VAL A 1032 -26.96 -0.89 17.73
C VAL A 1032 -27.16 0.16 16.64
N SER A 1033 -26.94 1.41 17.00
CA SER A 1033 -27.18 2.56 16.12
C SER A 1033 -25.93 2.87 15.31
N PRO A 1034 -26.10 3.41 14.08
CA PRO A 1034 -24.94 3.74 13.25
C PRO A 1034 -23.84 4.48 14.00
N ALA A 1035 -24.25 5.49 14.75
CA ALA A 1035 -23.29 6.24 15.56
C ALA A 1035 -22.60 5.34 16.57
N GLN A 1036 -23.34 4.39 17.15
CA GLN A 1036 -22.73 3.47 18.10
C GLN A 1036 -21.83 2.46 17.43
N LYS A 1037 -22.18 2.03 16.21
CA LYS A 1037 -21.24 1.25 15.42
C LYS A 1037 -19.92 1.98 15.27
N ALA A 1038 -19.98 3.23 14.80
CA ALA A 1038 -18.78 4.02 14.62
C ALA A 1038 -18.05 4.23 15.94
N ALA A 1039 -18.80 4.35 17.04
CA ALA A 1039 -18.18 4.56 18.34
C ALA A 1039 -17.42 3.33 18.81
N VAL A 1040 -17.97 2.14 18.57
CA VAL A 1040 -17.24 0.92 18.92
C VAL A 1040 -16.01 0.76 18.05
N VAL A 1041 -16.14 1.02 16.74
CA VAL A 1041 -14.98 0.94 15.87
C VAL A 1041 -13.90 1.90 16.32
N SER A 1042 -14.28 3.13 16.66
CA SER A 1042 -13.31 4.13 17.10
C SER A 1042 -12.73 3.78 18.46
N MET A 1043 -13.51 3.13 19.32
CA MET A 1043 -12.98 2.73 20.62
C MET A 1043 -11.92 1.66 20.48
N VAL A 1044 -12.15 0.68 19.60
CA VAL A 1044 -11.12 -0.34 19.40
C VAL A 1044 -9.96 0.21 18.59
N LYS A 1045 -10.21 1.22 17.76
CA LYS A 1045 -9.19 1.75 16.86
C LYS A 1045 -8.25 2.70 17.59
N ASN A 1046 -8.78 3.50 18.52
CA ASN A 1046 -8.00 4.48 19.27
C ASN A 1046 -7.58 3.98 20.65
N GLY A 1047 -8.50 3.35 21.38
CA GLY A 1047 -8.15 2.81 22.68
C GLY A 1047 -7.02 1.79 22.60
N LEU A 1048 -6.93 1.08 21.49
CA LEU A 1048 -5.79 0.22 21.20
C LEU A 1048 -5.02 0.82 20.02
N ASP A 1049 -3.84 0.27 19.79
CA ASP A 1049 -2.94 0.74 18.72
C ASP A 1049 -3.08 -0.11 17.47
N VAL A 1050 -4.29 -0.56 17.18
CA VAL A 1050 -4.51 -1.65 16.24
C VAL A 1050 -5.23 -1.15 15.00
N MET A 1051 -5.07 -1.90 13.91
CA MET A 1051 -5.78 -1.69 12.66
C MET A 1051 -7.18 -2.27 12.77
N THR A 1052 -8.02 -1.94 11.80
CA THR A 1052 -9.44 -2.24 11.93
C THR A 1052 -10.09 -2.26 10.56
N LEU A 1053 -10.80 -3.34 10.23
CA LEU A 1053 -11.58 -3.39 9.01
C LEU A 1053 -13.06 -3.34 9.35
N SER A 1054 -13.85 -2.74 8.47
CA SER A 1054 -15.29 -2.73 8.66
C SER A 1054 -15.96 -3.09 7.34
N ILE A 1055 -16.68 -4.21 7.33
CA ILE A 1055 -17.37 -4.67 6.13
C ILE A 1055 -18.86 -4.43 6.32
N GLY A 1056 -19.50 -3.84 5.32
CA GLY A 1056 -20.87 -3.41 5.51
C GLY A 1056 -21.68 -3.42 4.25
N ASP A 1057 -22.96 -3.05 4.38
CA ASP A 1057 -23.88 -3.04 3.25
C ASP A 1057 -24.90 -1.89 3.27
N GLY A 1058 -24.85 -0.98 4.23
CA GLY A 1058 -25.89 0.02 4.33
C GLY A 1058 -25.46 1.30 5.01
N ALA A 1059 -26.45 2.05 5.48
CA ALA A 1059 -26.19 3.37 6.07
C ALA A 1059 -25.43 3.26 7.38
N ASN A 1060 -25.98 2.53 8.34
CA ASN A 1060 -25.24 2.20 9.55
C ASN A 1060 -23.84 1.72 9.17
N ASP A 1061 -23.78 0.97 8.09
CA ASP A 1061 -22.51 0.48 7.61
C ASP A 1061 -21.64 1.58 7.01
N VAL A 1062 -22.22 2.63 6.41
CA VAL A 1062 -21.36 3.69 5.90
C VAL A 1062 -20.72 4.45 7.06
N ALA A 1063 -21.49 4.65 8.13
CA ALA A 1063 -20.91 5.24 9.33
C ALA A 1063 -19.79 4.38 9.89
N MET A 1064 -20.01 3.06 9.94
CA MET A 1064 -18.96 2.16 10.41
C MET A 1064 -17.76 2.13 9.47
N ILE A 1065 -18.00 2.37 8.19
CA ILE A 1065 -16.96 2.18 7.18
C ILE A 1065 -16.01 3.37 7.14
N GLN A 1066 -16.54 4.58 7.22
CA GLN A 1066 -15.66 5.75 7.14
C GLN A 1066 -14.82 5.90 8.41
N GLU A 1067 -15.29 5.36 9.54
CA GLU A 1067 -14.57 5.50 10.78
C GLU A 1067 -13.47 4.45 10.94
N ALA A 1068 -13.58 3.33 10.24
CA ALA A 1068 -12.60 2.27 10.34
C ALA A 1068 -11.41 2.57 9.44
N ASP A 1069 -10.34 1.80 9.64
CA ASP A 1069 -9.12 2.01 8.86
C ASP A 1069 -9.31 1.55 7.42
N VAL A 1070 -10.02 0.45 7.22
CA VAL A 1070 -10.28 -0.09 5.89
C VAL A 1070 -11.76 -0.38 5.75
N GLY A 1071 -12.42 0.30 4.81
CA GLY A 1071 -13.83 0.14 4.62
C GLY A 1071 -14.21 -0.68 3.40
N VAL A 1072 -14.88 -1.80 3.63
CA VAL A 1072 -15.30 -2.70 2.56
C VAL A 1072 -16.81 -2.64 2.44
N GLY A 1073 -17.29 -2.43 1.22
CA GLY A 1073 -18.71 -2.45 0.95
C GLY A 1073 -19.10 -3.73 0.25
N ILE A 1074 -20.35 -4.12 0.41
CA ILE A 1074 -20.94 -5.24 -0.31
C ILE A 1074 -21.96 -4.69 -1.29
N ALA A 1075 -21.93 -5.20 -2.52
CA ALA A 1075 -22.88 -4.77 -3.54
C ALA A 1075 -24.16 -5.61 -3.48
N GLY A 1076 -24.83 -5.52 -2.34
CA GLY A 1076 -26.01 -6.32 -2.07
C GLY A 1076 -27.29 -5.84 -2.74
N GLU A 1077 -27.15 -5.06 -3.80
CA GLU A 1077 -28.25 -4.59 -4.64
C GLU A 1077 -29.28 -3.76 -3.87
N GLU A 1078 -28.99 -3.36 -2.64
CA GLU A 1078 -29.92 -2.60 -1.82
C GLU A 1078 -29.77 -1.09 -2.01
N GLY A 1079 -29.16 -0.66 -3.10
CA GLY A 1079 -28.78 0.74 -3.23
C GLY A 1079 -27.42 0.94 -2.62
N ARG A 1080 -26.47 1.43 -3.40
CA ARG A 1080 -25.09 1.42 -2.97
C ARG A 1080 -24.77 2.58 -2.05
N GLN A 1081 -25.56 2.74 -0.98
CA GLN A 1081 -25.27 3.77 0.01
C GLN A 1081 -23.99 3.50 0.77
N ALA A 1082 -23.53 2.25 0.79
CA ALA A 1082 -22.32 1.87 1.50
C ALA A 1082 -21.24 1.34 0.57
N VAL A 1083 -21.44 1.44 -0.74
CA VAL A 1083 -20.42 1.11 -1.72
C VAL A 1083 -19.73 2.36 -2.24
N MET A 1084 -20.48 3.45 -2.39
CA MET A 1084 -19.92 4.72 -2.80
C MET A 1084 -19.12 5.37 -1.72
N SER A 1085 -18.89 4.73 -0.56
CA SER A 1085 -18.10 5.35 0.49
C SER A 1085 -17.16 4.37 1.16
N SER A 1086 -16.77 3.31 0.47
CA SER A 1086 -15.92 2.28 1.02
C SER A 1086 -14.55 2.31 0.35
N ASP A 1087 -13.56 1.69 1.00
CA ASP A 1087 -12.28 1.49 0.35
C ASP A 1087 -12.42 0.54 -0.82
N PHE A 1088 -12.95 -0.65 -0.57
CA PHE A 1088 -13.13 -1.64 -1.61
C PHE A 1088 -14.62 -1.96 -1.75
N ALA A 1089 -14.97 -2.56 -2.88
CA ALA A 1089 -16.37 -2.88 -3.18
C ALA A 1089 -16.44 -4.34 -3.59
N ILE A 1090 -16.60 -5.22 -2.63
CA ILE A 1090 -16.71 -6.64 -2.93
C ILE A 1090 -18.16 -6.98 -3.25
N GLY A 1091 -18.36 -8.11 -3.91
CA GLY A 1091 -19.70 -8.56 -4.23
C GLY A 1091 -20.25 -9.57 -3.23
N GLN A 1092 -19.37 -10.37 -2.64
CA GLN A 1092 -19.78 -11.36 -1.67
C GLN A 1092 -18.83 -11.33 -0.47
N PHE A 1093 -19.24 -11.97 0.61
CA PHE A 1093 -18.40 -12.10 1.79
C PHE A 1093 -17.28 -13.10 1.59
N ARG A 1094 -17.48 -14.12 0.75
CA ARG A 1094 -16.47 -15.15 0.57
C ARG A 1094 -15.23 -14.66 -0.14
N PHE A 1095 -15.30 -13.52 -0.84
CA PHE A 1095 -14.11 -12.97 -1.46
C PHE A 1095 -13.24 -12.23 -0.46
N LEU A 1096 -13.74 -12.01 0.76
CA LEU A 1096 -12.94 -11.33 1.76
C LEU A 1096 -11.72 -12.15 2.13
N GLN A 1097 -11.84 -13.48 2.12
CA GLN A 1097 -10.67 -14.30 2.37
C GLN A 1097 -9.63 -14.11 1.28
N ARG A 1098 -10.06 -14.14 0.01
CA ARG A 1098 -9.13 -13.88 -1.07
C ARG A 1098 -8.45 -12.54 -0.89
N LEU A 1099 -9.25 -11.48 -0.70
CA LEU A 1099 -8.70 -10.14 -0.55
C LEU A 1099 -7.69 -10.09 0.59
N VAL A 1100 -8.13 -10.32 1.81
CA VAL A 1100 -7.27 -10.09 2.98
C VAL A 1100 -6.08 -11.04 2.97
N LEU A 1101 -6.28 -12.29 2.59
CA LEU A 1101 -5.24 -13.30 2.70
C LEU A 1101 -4.25 -13.27 1.54
N VAL A 1102 -4.70 -12.91 0.34
CA VAL A 1102 -3.79 -12.83 -0.80
C VAL A 1102 -3.30 -11.40 -1.00
N HIS A 1103 -4.22 -10.49 -1.34
CA HIS A 1103 -3.83 -9.13 -1.66
C HIS A 1103 -3.50 -8.31 -0.43
N GLY A 1104 -3.59 -8.88 0.76
CA GLY A 1104 -3.26 -8.13 1.94
C GLY A 1104 -1.84 -8.34 2.43
N ARG A 1105 -1.48 -9.59 2.71
CA ARG A 1105 -0.15 -9.85 3.23
C ARG A 1105 0.85 -9.60 2.11
N TRP A 1106 0.44 -9.90 0.88
CA TRP A 1106 1.26 -9.59 -0.28
C TRP A 1106 1.59 -8.11 -0.31
N SER A 1107 0.57 -7.26 -0.41
CA SER A 1107 0.78 -5.83 -0.52
C SER A 1107 1.59 -5.29 0.64
N TYR A 1108 1.33 -5.77 1.86
CA TYR A 1108 2.06 -5.24 3.00
C TYR A 1108 3.53 -5.59 2.93
N ARG A 1109 3.84 -6.87 2.70
CA ARG A 1109 5.23 -7.28 2.57
C ARG A 1109 5.91 -6.55 1.40
N ARG A 1110 5.16 -6.31 0.33
CA ARG A 1110 5.71 -5.65 -0.84
C ARG A 1110 6.09 -4.21 -0.54
N LEU A 1111 5.18 -3.46 0.09
CA LEU A 1111 5.49 -2.08 0.42
C LEU A 1111 6.65 -1.99 1.39
N ALA A 1112 6.69 -2.87 2.39
CA ALA A 1112 7.82 -2.85 3.32
C ALA A 1112 9.13 -3.05 2.59
N GLU A 1113 9.20 -4.07 1.72
CA GLU A 1113 10.46 -4.34 1.02
C GLU A 1113 10.80 -3.23 0.04
N THR A 1114 9.80 -2.65 -0.63
CA THR A 1114 10.05 -1.54 -1.53
C THR A 1114 10.71 -0.38 -0.81
N ILE A 1115 10.10 0.09 0.28
CA ILE A 1115 10.67 1.28 0.90
C ILE A 1115 12.01 0.97 1.55
N SER A 1116 12.20 -0.26 2.04
CA SER A 1116 13.50 -0.60 2.62
C SER A 1116 14.60 -0.59 1.57
N ASN A 1117 14.37 -1.29 0.45
CA ASN A 1117 15.36 -1.27 -0.63
C ASN A 1117 15.57 0.12 -1.17
N PHE A 1118 14.53 0.95 -1.16
CA PHE A 1118 14.64 2.28 -1.72
C PHE A 1118 15.56 3.16 -0.86
N PHE A 1119 15.35 3.15 0.45
CA PHE A 1119 16.27 3.85 1.34
C PHE A 1119 17.69 3.35 1.15
N TYR A 1120 17.86 2.03 1.01
CA TYR A 1120 19.20 1.50 0.76
C TYR A 1120 19.81 2.10 -0.49
N LYS A 1121 19.05 2.13 -1.58
CA LYS A 1121 19.51 2.64 -2.87
C LYS A 1121 20.02 4.07 -2.76
N ASN A 1122 19.16 4.97 -2.26
CA ASN A 1122 19.57 6.36 -2.18
C ASN A 1122 20.72 6.55 -1.20
N MET A 1123 20.77 5.75 -0.14
CA MET A 1123 21.89 5.83 0.79
C MET A 1123 23.21 5.53 0.11
N ILE A 1124 23.27 4.43 -0.65
CA ILE A 1124 24.54 4.07 -1.27
C ILE A 1124 24.97 5.14 -2.27
N TRP A 1125 24.02 5.67 -3.05
CA TRP A 1125 24.36 6.72 -4.00
C TRP A 1125 24.98 7.93 -3.31
N THR A 1126 24.22 8.55 -2.40
CA THR A 1126 24.70 9.80 -1.81
C THR A 1126 25.90 9.60 -0.92
N TRP A 1127 26.08 8.42 -0.32
CA TRP A 1127 27.27 8.29 0.50
C TRP A 1127 28.53 8.03 -0.33
N SER A 1128 28.40 7.45 -1.52
CA SER A 1128 29.55 7.45 -2.42
C SER A 1128 29.93 8.87 -2.79
N ILE A 1129 28.94 9.70 -3.12
CA ILE A 1129 29.24 11.11 -3.39
C ILE A 1129 29.96 11.75 -2.20
N PHE A 1130 29.49 11.45 -0.99
CA PHE A 1130 30.08 12.06 0.20
C PHE A 1130 31.53 11.63 0.41
N TRP A 1131 31.83 10.36 0.15
CA TRP A 1131 33.23 9.94 0.30
C TRP A 1131 34.11 10.68 -0.70
N TYR A 1132 33.62 10.85 -1.94
CA TYR A 1132 34.41 11.65 -2.87
C TYR A 1132 34.65 13.05 -2.32
N GLN A 1133 33.61 13.67 -1.76
CA GLN A 1133 33.80 14.98 -1.14
C GLN A 1133 34.89 14.92 -0.09
N CYS A 1134 34.94 13.84 0.65
CA CYS A 1134 36.03 13.66 1.61
C CYS A 1134 37.39 13.75 0.92
N TYR A 1135 37.49 13.26 -0.30
CA TYR A 1135 38.79 13.32 -1.00
C TYR A 1135 39.03 14.62 -1.77
N CYS A 1136 38.20 15.65 -1.59
CA CYS A 1136 38.41 16.90 -2.31
C CYS A 1136 38.15 18.10 -1.41
N ASN A 1137 38.58 18.01 -0.16
CA ASN A 1137 38.45 19.10 0.81
C ASN A 1137 37.01 19.59 0.95
N PHE A 1138 36.07 18.67 0.76
CA PHE A 1138 34.65 18.89 1.05
C PHE A 1138 34.05 20.02 0.23
N ASP A 1139 34.84 20.63 -0.65
CA ASP A 1139 34.28 21.51 -1.65
C ASP A 1139 33.46 20.66 -2.61
N ILE A 1140 32.15 20.88 -2.64
CA ILE A 1140 31.26 19.89 -3.23
C ILE A 1140 31.37 19.85 -4.75
N ALA A 1141 32.13 18.87 -5.24
CA ALA A 1141 32.35 18.67 -6.67
C ALA A 1141 31.75 17.33 -7.06
N TYR A 1142 30.81 17.36 -8.00
CA TYR A 1142 30.26 16.12 -8.52
C TYR A 1142 31.35 15.31 -9.20
N ILE A 1143 31.29 13.99 -9.00
CA ILE A 1143 32.13 13.07 -9.75
C ILE A 1143 31.36 12.40 -10.88
N PHE A 1144 30.10 12.77 -11.08
CA PHE A 1144 29.17 11.99 -11.91
C PHE A 1144 28.69 12.75 -13.14
N GLU A 1145 29.50 13.62 -13.71
CA GLU A 1145 29.31 14.17 -15.05
C GLU A 1145 27.94 14.81 -15.27
N TYR A 1146 27.29 15.29 -14.22
CA TYR A 1146 26.09 16.14 -14.27
C TYR A 1146 24.95 15.53 -15.10
N THR A 1147 25.12 14.30 -15.56
CA THR A 1147 24.03 13.56 -16.20
C THR A 1147 23.82 12.18 -15.62
N TYR A 1148 24.85 11.54 -15.07
CA TYR A 1148 24.62 10.35 -14.26
C TYR A 1148 23.71 10.67 -13.09
N ILE A 1149 23.93 11.80 -12.42
CA ILE A 1149 23.06 12.17 -11.32
C ILE A 1149 21.67 12.52 -11.82
N LEU A 1150 21.56 13.04 -13.04
CA LEU A 1150 20.26 13.42 -13.57
C LEU A 1150 19.43 12.20 -13.92
N MET A 1151 20.06 11.17 -14.47
CA MET A 1151 19.35 10.02 -15.01
C MET A 1151 19.42 8.78 -14.14
N PHE A 1152 20.17 8.81 -13.03
CA PHE A 1152 20.34 7.64 -12.19
C PHE A 1152 19.03 7.19 -11.56
N ASN A 1153 18.47 8.01 -10.69
CA ASN A 1153 17.24 7.63 -10.01
C ASN A 1153 16.06 7.56 -10.97
N LEU A 1154 16.20 8.11 -12.17
CA LEU A 1154 15.09 8.10 -13.13
C LEU A 1154 15.08 6.81 -13.93
N PHE A 1155 16.15 6.56 -14.69
CA PHE A 1155 16.18 5.44 -15.63
C PHE A 1155 16.90 4.22 -15.08
N PHE A 1156 18.12 4.40 -14.59
CA PHE A 1156 18.99 3.25 -14.34
C PHE A 1156 18.49 2.34 -13.23
N THR A 1157 17.70 2.85 -12.28
CA THR A 1157 17.41 2.02 -11.11
C THR A 1157 15.95 2.04 -10.64
N SER A 1158 15.08 2.87 -11.20
CA SER A 1158 13.73 2.99 -10.64
C SER A 1158 12.88 1.75 -10.95
N VAL A 1159 13.00 1.21 -12.16
CA VAL A 1159 12.13 0.13 -12.61
C VAL A 1159 12.36 -1.16 -11.85
N PRO A 1160 13.60 -1.56 -11.54
CA PRO A 1160 13.78 -2.78 -10.74
C PRO A 1160 13.07 -2.75 -9.39
N VAL A 1161 13.17 -1.65 -8.65
CA VAL A 1161 12.54 -1.62 -7.33
C VAL A 1161 11.03 -1.46 -7.46
N ILE A 1162 10.56 -0.70 -8.44
CA ILE A 1162 9.11 -0.61 -8.60
C ILE A 1162 8.53 -1.97 -9.00
N LEU A 1163 9.27 -2.75 -9.79
CA LEU A 1163 8.78 -4.08 -10.15
C LEU A 1163 8.82 -5.02 -8.97
N MET A 1164 9.90 -4.99 -8.19
CA MET A 1164 9.93 -5.76 -6.95
C MET A 1164 8.76 -5.42 -6.05
N GLY A 1165 8.29 -4.18 -6.09
CA GLY A 1165 7.16 -3.82 -5.27
C GLY A 1165 5.82 -4.20 -5.85
N VAL A 1166 5.71 -4.23 -7.17
CA VAL A 1166 4.42 -4.42 -7.83
C VAL A 1166 4.13 -5.89 -8.12
N LEU A 1167 5.11 -6.65 -8.58
CA LEU A 1167 4.87 -8.01 -9.05
C LEU A 1167 5.83 -9.00 -8.41
N ASP A 1168 5.96 -8.92 -7.08
CA ASP A 1168 6.64 -9.95 -6.31
C ASP A 1168 5.64 -10.60 -5.36
N GLN A 1169 5.73 -11.93 -5.24
CA GLN A 1169 4.85 -12.66 -4.35
C GLN A 1169 5.64 -13.81 -3.74
N ASP A 1170 5.47 -14.00 -2.43
CA ASP A 1170 6.31 -14.96 -1.72
C ASP A 1170 5.88 -16.40 -2.00
N VAL A 1171 4.65 -16.76 -1.62
CA VAL A 1171 4.28 -18.17 -1.67
C VAL A 1171 3.45 -18.50 -2.90
N SER A 1172 2.22 -18.01 -2.99
CA SER A 1172 1.34 -18.29 -4.11
C SER A 1172 -0.02 -17.63 -3.93
N ASP A 1173 -0.87 -17.73 -4.95
CA ASP A 1173 -2.26 -17.29 -4.80
C ASP A 1173 -3.08 -18.28 -4.00
N THR A 1174 -2.67 -19.54 -3.92
CA THR A 1174 -3.41 -20.60 -3.26
C THR A 1174 -2.74 -21.13 -2.01
N VAL A 1175 -1.41 -21.14 -1.96
CA VAL A 1175 -0.70 -21.57 -0.76
C VAL A 1175 -0.93 -20.57 0.38
N SER A 1176 -1.37 -19.36 0.07
CA SER A 1176 -1.68 -18.40 1.13
C SER A 1176 -3.03 -18.68 1.75
N LEU A 1177 -4.01 -19.09 0.95
CA LEU A 1177 -5.28 -19.55 1.50
C LEU A 1177 -5.12 -20.88 2.21
N ALA A 1178 -4.18 -21.72 1.77
CA ALA A 1178 -3.99 -22.99 2.42
C ALA A 1178 -3.29 -22.87 3.76
N VAL A 1179 -2.50 -21.82 3.97
CA VAL A 1179 -1.82 -21.59 5.24
C VAL A 1179 -2.05 -20.15 5.64
N PRO A 1180 -3.13 -19.83 6.38
CA PRO A 1180 -3.38 -18.43 6.75
C PRO A 1180 -2.53 -17.93 7.90
N GLN A 1181 -1.87 -18.82 8.65
CA GLN A 1181 -1.09 -18.39 9.80
C GLN A 1181 0.01 -17.42 9.44
N LEU A 1182 0.45 -17.40 8.18
CA LEU A 1182 1.46 -16.43 7.75
C LEU A 1182 0.99 -15.02 8.01
N TYR A 1183 -0.32 -14.77 7.88
CA TYR A 1183 -0.88 -13.45 8.13
C TYR A 1183 -0.57 -12.94 9.53
N ARG A 1184 -0.26 -13.82 10.48
CA ARG A 1184 0.13 -13.35 11.81
C ARG A 1184 1.29 -12.38 11.72
N ARG A 1185 2.24 -12.60 10.81
CA ARG A 1185 3.38 -11.71 10.69
C ARG A 1185 2.98 -10.31 10.30
N GLY A 1186 1.81 -10.14 9.67
CA GLY A 1186 1.30 -8.81 9.41
C GLY A 1186 0.47 -8.24 10.53
N ILE A 1187 -0.08 -9.09 11.39
CA ILE A 1187 -0.90 -8.63 12.50
C ILE A 1187 -0.05 -7.83 13.47
N GLU A 1188 1.06 -8.40 13.90
CA GLU A 1188 1.96 -7.76 14.86
C GLU A 1188 2.89 -6.75 14.20
N ARG A 1189 2.74 -6.50 12.91
CA ARG A 1189 3.51 -5.49 12.17
C ARG A 1189 5.01 -5.75 12.30
N LYS A 1190 5.44 -6.87 11.71
CA LYS A 1190 6.82 -7.30 11.81
C LYS A 1190 7.58 -7.23 10.49
N GLU A 1191 6.98 -6.73 9.41
CA GLU A 1191 7.70 -6.60 8.16
C GLU A 1191 8.23 -5.19 7.91
N TRP A 1192 7.59 -4.17 8.47
CA TRP A 1192 8.14 -2.81 8.44
C TRP A 1192 8.33 -2.38 9.88
N THR A 1193 9.45 -2.78 10.46
CA THR A 1193 9.84 -2.38 11.80
C THR A 1193 10.71 -1.14 11.71
N GLN A 1194 11.39 -0.78 12.79
CA GLN A 1194 12.40 0.26 12.77
C GLN A 1194 13.80 -0.31 12.92
N THR A 1195 13.96 -1.62 12.73
CA THR A 1195 15.28 -2.22 12.64
C THR A 1195 15.60 -2.74 11.25
N LYS A 1196 14.58 -3.04 10.43
CA LYS A 1196 14.83 -3.26 9.02
C LYS A 1196 15.30 -1.98 8.36
N PHE A 1197 14.68 -0.85 8.69
CA PHE A 1197 15.08 0.43 8.13
C PHE A 1197 16.54 0.74 8.48
N TRP A 1198 16.89 0.64 9.76
CA TRP A 1198 18.26 0.95 10.16
C TRP A 1198 19.26 -0.06 9.64
N LEU A 1199 18.89 -1.34 9.57
CA LEU A 1199 19.79 -2.33 9.00
C LEU A 1199 20.02 -2.08 7.53
N TYR A 1200 18.99 -1.67 6.80
CA TYR A 1200 19.14 -1.38 5.38
C TYR A 1200 19.97 -0.12 5.18
N MET A 1201 19.85 0.86 6.06
CA MET A 1201 20.67 2.06 5.91
C MET A 1201 22.13 1.78 6.24
N ILE A 1202 22.40 0.96 7.27
CA ILE A 1202 23.77 0.56 7.54
C ILE A 1202 24.33 -0.24 6.37
N ASP A 1203 23.53 -1.12 5.79
CA ASP A 1203 23.94 -1.85 4.60
C ASP A 1203 24.28 -0.90 3.46
N GLY A 1204 23.44 0.11 3.25
CA GLY A 1204 23.71 1.08 2.20
C GLY A 1204 25.00 1.85 2.43
N VAL A 1205 25.27 2.21 3.69
CA VAL A 1205 26.50 2.95 3.99
C VAL A 1205 27.73 2.08 3.73
N TYR A 1206 27.70 0.83 4.21
CA TYR A 1206 28.81 -0.08 3.94
C TYR A 1206 29.02 -0.27 2.45
N GLN A 1207 27.93 -0.49 1.71
CA GLN A 1207 28.07 -0.74 0.28
C GLN A 1207 28.53 0.49 -0.46
N SER A 1208 28.20 1.68 0.03
CA SER A 1208 28.76 2.90 -0.55
C SER A 1208 30.26 2.96 -0.33
N VAL A 1209 30.70 2.67 0.90
CA VAL A 1209 32.14 2.64 1.19
C VAL A 1209 32.85 1.72 0.20
N MET A 1210 32.35 0.50 0.06
CA MET A 1210 33.04 -0.47 -0.80
C MET A 1210 32.98 -0.06 -2.27
N SER A 1211 31.79 0.28 -2.76
CA SER A 1211 31.59 0.62 -4.16
C SER A 1211 32.17 1.96 -4.54
N PHE A 1212 32.66 2.75 -3.60
CA PHE A 1212 33.48 3.90 -3.97
C PHE A 1212 34.96 3.60 -3.86
N PHE A 1213 35.40 2.96 -2.78
CA PHE A 1213 36.82 2.82 -2.56
C PHE A 1213 37.45 1.65 -3.30
N ILE A 1214 36.68 0.81 -3.97
CA ILE A 1214 37.32 -0.18 -4.83
C ILE A 1214 37.72 0.43 -6.17
N PRO A 1215 36.80 1.05 -6.93
CA PRO A 1215 37.23 1.64 -8.21
C PRO A 1215 38.21 2.78 -8.04
N PHE A 1216 38.04 3.57 -6.99
CA PHE A 1216 39.02 4.60 -6.67
C PHE A 1216 40.41 3.98 -6.50
N ILE A 1217 40.51 2.91 -5.71
CA ILE A 1217 41.79 2.23 -5.58
C ILE A 1217 42.32 1.84 -6.96
N PHE A 1218 41.50 1.11 -7.72
CA PHE A 1218 41.91 0.58 -9.02
C PHE A 1218 42.53 1.66 -9.90
N VAL A 1219 41.84 2.77 -10.07
CA VAL A 1219 42.20 3.73 -11.11
C VAL A 1219 42.84 4.99 -10.57
N VAL A 1220 43.14 5.07 -9.26
CA VAL A 1220 43.81 6.24 -8.72
C VAL A 1220 45.08 5.90 -7.97
N LEU A 1221 45.22 4.69 -7.41
CA LEU A 1221 46.45 4.39 -6.69
C LEU A 1221 47.58 3.95 -7.61
N THR A 1222 47.45 4.15 -8.91
CA THR A 1222 48.45 3.75 -9.89
C THR A 1222 48.51 4.80 -10.98
N PRO A 1223 49.66 4.94 -11.65
CA PRO A 1223 49.74 5.91 -12.74
C PRO A 1223 48.97 5.45 -13.98
N THR A 1224 47.78 6.01 -14.18
CA THR A 1224 47.02 5.81 -15.42
C THR A 1224 46.82 4.34 -15.75
N ALA A 1225 46.00 3.63 -14.98
CA ALA A 1225 45.68 2.25 -15.28
C ALA A 1225 44.77 2.15 -16.49
N ALA A 1226 45.36 2.13 -17.69
CA ALA A 1226 44.57 2.10 -18.91
C ALA A 1226 45.16 1.19 -19.99
N GLY A 1227 46.07 0.29 -19.64
CA GLY A 1227 46.52 -0.70 -20.60
C GLY A 1227 47.51 -0.20 -21.62
N ASN A 1228 47.05 0.60 -22.59
CA ASN A 1228 47.97 1.22 -23.52
C ASN A 1228 48.64 2.45 -22.93
N GLY A 1229 48.03 3.04 -21.90
CA GLY A 1229 48.65 4.03 -21.04
C GLY A 1229 48.27 5.43 -21.40
N LEU A 1230 47.21 5.93 -20.76
CA LEU A 1230 46.68 7.26 -21.00
C LEU A 1230 45.78 7.60 -19.82
N ASP A 1231 45.27 8.83 -19.82
CA ASP A 1231 44.60 9.39 -18.65
C ASP A 1231 43.18 8.83 -18.57
N VAL A 1232 42.96 7.89 -17.64
CA VAL A 1232 41.63 7.48 -17.23
C VAL A 1232 41.38 7.76 -15.76
N SER A 1233 42.35 8.32 -15.04
CA SER A 1233 42.17 8.76 -13.67
C SER A 1233 41.46 10.10 -13.58
N GLU A 1234 40.94 10.61 -14.70
CA GLU A 1234 40.22 11.87 -14.73
C GLU A 1234 39.07 11.87 -13.74
N ARG A 1235 38.58 13.05 -13.39
CA ARG A 1235 37.50 13.16 -12.41
C ARG A 1235 36.23 12.48 -12.90
N THR A 1236 35.99 12.45 -14.21
CA THR A 1236 34.77 11.87 -14.74
C THR A 1236 34.92 10.42 -15.18
N ARG A 1237 36.08 10.02 -15.68
CA ARG A 1237 36.29 8.61 -15.99
C ARG A 1237 36.17 7.77 -14.73
N LEU A 1238 36.71 8.26 -13.61
CA LEU A 1238 36.45 7.60 -12.33
C LEU A 1238 34.98 7.65 -11.98
N GLY A 1239 34.27 8.69 -12.43
CA GLY A 1239 32.82 8.72 -12.23
C GLY A 1239 32.13 7.55 -12.89
N ALA A 1240 32.48 7.27 -14.15
CA ALA A 1240 31.94 6.10 -14.82
C ALA A 1240 32.39 4.82 -14.13
N TYR A 1241 33.66 4.79 -13.69
CA TYR A 1241 34.20 3.59 -13.06
C TYR A 1241 33.46 3.22 -11.78
N ILE A 1242 32.95 4.21 -11.04
CA ILE A 1242 32.18 3.89 -9.84
C ILE A 1242 30.67 3.99 -10.05
N ALA A 1243 30.22 4.41 -11.23
CA ALA A 1243 28.79 4.55 -11.47
C ALA A 1243 28.21 3.42 -12.32
N HIS A 1244 29.03 2.65 -13.01
CA HIS A 1244 28.49 1.44 -13.63
C HIS A 1244 28.38 0.29 -12.62
N PRO A 1245 29.45 -0.03 -11.88
CA PRO A 1245 29.32 -1.05 -10.85
C PRO A 1245 28.32 -0.70 -9.77
N ALA A 1246 28.10 0.59 -9.49
CA ALA A 1246 27.08 0.94 -8.51
C ALA A 1246 25.69 0.58 -9.02
N VAL A 1247 25.40 0.84 -10.28
CA VAL A 1247 24.09 0.48 -10.80
C VAL A 1247 23.91 -1.02 -10.79
N ILE A 1248 24.95 -1.76 -11.19
CA ILE A 1248 24.81 -3.22 -11.16
C ILE A 1248 24.62 -3.72 -9.73
N THR A 1249 25.32 -3.10 -8.77
CA THR A 1249 25.16 -3.51 -7.38
C THR A 1249 23.76 -3.24 -6.86
N ILE A 1250 23.23 -2.05 -7.13
CA ILE A 1250 21.91 -1.72 -6.62
C ILE A 1250 20.86 -2.63 -7.24
N ASN A 1251 20.98 -2.91 -8.53
CA ASN A 1251 19.99 -3.80 -9.14
C ASN A 1251 20.16 -5.24 -8.68
N GLY A 1252 21.38 -5.65 -8.36
CA GLY A 1252 21.56 -6.98 -7.79
C GLY A 1252 20.96 -7.09 -6.40
N TYR A 1253 21.13 -6.07 -5.58
CA TYR A 1253 20.56 -6.08 -4.24
C TYR A 1253 19.04 -6.00 -4.29
N ILE A 1254 18.49 -5.29 -5.26
CA ILE A 1254 17.05 -5.29 -5.44
C ILE A 1254 16.56 -6.62 -5.98
N LEU A 1255 17.42 -7.35 -6.68
CA LEU A 1255 17.07 -8.68 -7.16
C LEU A 1255 17.29 -9.76 -6.12
N ILE A 1256 18.40 -9.70 -5.37
CA ILE A 1256 18.66 -10.72 -4.36
C ILE A 1256 17.58 -10.72 -3.29
N ASN A 1257 16.94 -9.59 -3.05
CA ASN A 1257 15.95 -9.45 -1.98
C ASN A 1257 14.57 -9.93 -2.38
N THR A 1258 14.34 -10.23 -3.66
CA THR A 1258 13.03 -10.65 -4.10
C THR A 1258 12.92 -12.18 -4.03
N TYR A 1259 11.67 -12.65 -4.06
CA TYR A 1259 11.40 -14.07 -3.89
C TYR A 1259 11.03 -14.78 -5.17
N ARG A 1260 10.44 -14.08 -6.14
CA ARG A 1260 9.94 -14.68 -7.36
C ARG A 1260 10.58 -13.99 -8.56
N TRP A 1261 11.73 -14.52 -8.99
CA TRP A 1261 12.38 -14.00 -10.18
C TRP A 1261 11.58 -14.43 -11.41
N ASP A 1262 10.98 -13.47 -12.10
CA ASP A 1262 10.11 -13.81 -13.23
C ASP A 1262 10.61 -13.12 -14.49
N TRP A 1263 9.79 -13.16 -15.53
CA TRP A 1263 10.09 -12.56 -16.82
C TRP A 1263 10.38 -11.07 -16.71
N LEU A 1264 9.40 -10.30 -16.22
CA LEU A 1264 9.53 -8.85 -16.20
C LEU A 1264 10.65 -8.37 -15.31
N MET A 1265 10.85 -8.99 -14.15
CA MET A 1265 11.84 -8.48 -13.22
C MET A 1265 13.24 -8.61 -13.79
N LEU A 1266 13.61 -9.81 -14.24
CA LEU A 1266 14.92 -10.00 -14.83
C LEU A 1266 15.08 -9.22 -16.12
N LEU A 1267 14.01 -9.10 -16.91
CA LEU A 1267 14.08 -8.28 -18.11
C LEU A 1267 14.39 -6.83 -17.77
N SER A 1268 13.78 -6.31 -16.71
CA SER A 1268 14.00 -4.91 -16.34
C SER A 1268 15.39 -4.70 -15.77
N ILE A 1269 15.90 -5.67 -15.00
CA ILE A 1269 17.27 -5.59 -14.51
C ILE A 1269 18.25 -5.50 -15.69
N VAL A 1270 18.10 -6.43 -16.64
CA VAL A 1270 19.01 -6.47 -17.78
C VAL A 1270 18.91 -5.18 -18.58
N LEU A 1271 17.69 -4.71 -18.83
CA LEU A 1271 17.54 -3.48 -19.60
C LEU A 1271 18.09 -2.26 -18.87
N SER A 1272 17.99 -2.21 -17.54
CA SER A 1272 18.54 -1.05 -16.84
C SER A 1272 20.05 -1.02 -16.92
N ASP A 1273 20.71 -2.16 -16.72
CA ASP A 1273 22.18 -2.17 -16.82
C ASP A 1273 22.64 -1.92 -18.26
N VAL A 1274 22.05 -2.64 -19.22
CA VAL A 1274 22.36 -2.40 -20.62
C VAL A 1274 22.05 -0.97 -21.01
N PHE A 1275 21.08 -0.34 -20.34
CA PHE A 1275 20.75 1.03 -20.69
C PHE A 1275 21.77 2.02 -20.15
N ILE A 1276 22.35 1.77 -18.97
CA ILE A 1276 23.42 2.69 -18.57
C ILE A 1276 24.60 2.55 -19.52
N PHE A 1277 24.92 1.31 -19.94
CA PHE A 1277 26.03 1.14 -20.87
C PHE A 1277 25.73 1.82 -22.21
N PHE A 1278 24.52 1.63 -22.73
CA PHE A 1278 24.14 2.22 -24.00
C PHE A 1278 24.10 3.74 -23.91
N TRP A 1279 23.57 4.29 -22.82
CA TRP A 1279 23.50 5.73 -22.69
C TRP A 1279 24.88 6.34 -22.63
N THR A 1280 25.79 5.75 -21.84
CA THR A 1280 27.16 6.23 -21.89
C THR A 1280 27.69 6.18 -23.31
N GLY A 1281 27.77 4.99 -23.89
CA GLY A 1281 28.31 4.82 -25.23
C GLY A 1281 27.71 5.67 -26.32
N VAL A 1282 26.50 6.19 -26.12
CA VAL A 1282 25.85 7.04 -27.11
C VAL A 1282 26.06 8.52 -26.81
N TYR A 1283 26.02 8.90 -25.54
CA TYR A 1283 26.18 10.31 -25.17
C TYR A 1283 27.62 10.77 -25.25
N THR A 1284 28.58 9.86 -25.19
CA THR A 1284 30.00 10.22 -25.31
C THR A 1284 30.54 9.89 -26.68
N ALA A 1285 29.74 10.11 -27.72
CA ALA A 1285 30.20 10.03 -29.09
C ALA A 1285 29.99 11.35 -29.83
N THR A 1286 29.77 12.42 -29.09
CA THR A 1286 29.58 13.74 -29.69
C THR A 1286 30.36 14.76 -28.89
N THR A 1287 30.60 15.93 -29.51
CA THR A 1287 31.32 17.01 -28.88
C THR A 1287 30.44 17.80 -27.92
N TYR A 1288 29.14 17.54 -27.90
CA TYR A 1288 28.22 18.33 -27.08
C TYR A 1288 28.58 18.26 -25.59
N SER A 1289 29.22 17.17 -25.17
CA SER A 1289 29.53 16.98 -23.75
C SER A 1289 30.88 17.58 -23.36
N ALA A 1290 31.93 17.24 -24.11
CA ALA A 1290 33.27 17.81 -24.00
C ALA A 1290 34.01 17.41 -22.72
N GLY A 1291 33.33 16.80 -21.76
CA GLY A 1291 34.04 16.17 -20.67
C GLY A 1291 34.02 14.69 -20.92
N PHE A 1292 32.84 14.20 -21.30
CA PHE A 1292 32.70 12.93 -21.99
C PHE A 1292 32.63 13.19 -23.48
N TYR A 1293 33.78 13.28 -24.14
CA TYR A 1293 33.75 13.33 -25.59
C TYR A 1293 33.77 11.94 -26.21
N GLN A 1294 34.73 11.11 -25.82
CA GLN A 1294 34.71 9.68 -26.12
C GLN A 1294 35.05 8.97 -24.81
N ALA A 1295 34.04 8.74 -23.98
CA ALA A 1295 34.27 8.02 -22.75
C ALA A 1295 34.14 6.52 -22.93
N ALA A 1296 33.23 6.09 -23.80
CA ALA A 1296 33.03 4.67 -24.04
C ALA A 1296 34.28 3.99 -24.58
N PRO A 1297 34.88 4.43 -25.69
CA PRO A 1297 36.01 3.67 -26.25
C PRO A 1297 37.22 3.59 -25.33
N GLN A 1298 37.36 4.50 -24.37
CA GLN A 1298 38.53 4.51 -23.51
C GLN A 1298 38.22 4.22 -22.06
N VAL A 1299 36.99 3.87 -21.73
CA VAL A 1299 36.66 3.28 -20.44
C VAL A 1299 36.28 1.82 -20.58
N TYR A 1300 35.46 1.49 -21.58
CA TYR A 1300 35.05 0.10 -21.79
C TYR A 1300 36.24 -0.77 -22.16
N GLN A 1301 36.99 -0.36 -23.15
CA GLN A 1301 38.07 -1.18 -23.68
C GLN A 1301 39.22 -1.35 -22.70
N GLU A 1302 39.11 -0.87 -21.47
CA GLU A 1302 40.08 -1.14 -20.42
C GLU A 1302 39.76 -2.45 -19.74
N LEU A 1303 40.74 -2.99 -19.04
CA LEU A 1303 40.54 -4.22 -18.29
C LEU A 1303 40.22 -3.97 -16.83
N THR A 1304 40.79 -2.92 -16.23
CA THR A 1304 40.42 -2.58 -14.87
C THR A 1304 38.95 -2.23 -14.76
N PHE A 1305 38.36 -1.71 -15.83
CA PHE A 1305 36.94 -1.42 -15.81
C PHE A 1305 36.13 -2.69 -15.55
N TRP A 1306 36.40 -3.74 -16.31
CA TRP A 1306 35.63 -4.97 -16.13
C TRP A 1306 36.01 -5.69 -14.86
N MET A 1307 37.28 -5.58 -14.42
CA MET A 1307 37.64 -6.19 -13.14
C MET A 1307 36.87 -5.54 -12.00
N CYS A 1308 36.80 -4.21 -11.96
CA CYS A 1308 36.00 -3.57 -10.92
C CYS A 1308 34.52 -3.87 -11.11
N LEU A 1309 34.06 -3.91 -12.37
CA LEU A 1309 32.66 -4.18 -12.63
C LEU A 1309 32.22 -5.54 -12.13
N ILE A 1310 33.15 -6.51 -12.05
CA ILE A 1310 32.79 -7.82 -11.51
C ILE A 1310 33.19 -8.00 -10.05
N VAL A 1311 34.01 -7.11 -9.49
CA VAL A 1311 34.41 -7.32 -8.10
C VAL A 1311 33.63 -6.45 -7.12
N THR A 1312 33.21 -5.25 -7.53
CA THR A 1312 32.52 -4.45 -6.52
C THR A 1312 31.09 -4.93 -6.30
N PRO A 1313 30.34 -5.38 -7.30
CA PRO A 1313 29.01 -5.91 -6.98
C PRO A 1313 29.04 -7.10 -6.05
N ALA A 1314 30.01 -8.00 -6.21
CA ALA A 1314 30.12 -9.12 -5.28
C ALA A 1314 30.56 -8.65 -3.90
N LEU A 1315 31.54 -7.75 -3.85
CA LEU A 1315 32.02 -7.25 -2.57
C LEU A 1315 30.96 -6.45 -1.84
N CYS A 1316 29.93 -5.96 -2.55
CA CYS A 1316 28.84 -5.22 -1.92
C CYS A 1316 27.65 -6.11 -1.57
N LEU A 1317 27.38 -7.13 -2.37
CA LEU A 1317 26.25 -8.03 -2.11
C LEU A 1317 26.63 -9.26 -1.33
N LEU A 1318 27.88 -9.40 -0.93
CA LEU A 1318 28.28 -10.64 -0.27
C LEU A 1318 27.80 -10.71 1.19
N PRO A 1319 27.93 -9.64 1.99
CA PRO A 1319 27.40 -9.74 3.37
C PRO A 1319 25.93 -10.02 3.50
N ARG A 1320 25.06 -9.37 2.78
CA ARG A 1320 23.69 -9.76 2.88
C ARG A 1320 23.33 -11.06 2.22
N LEU A 1321 24.08 -11.49 1.24
CA LEU A 1321 23.85 -12.83 0.68
C LEU A 1321 24.17 -13.84 1.77
N VAL A 1322 25.27 -13.64 2.48
CA VAL A 1322 25.63 -14.57 3.56
C VAL A 1322 24.58 -14.53 4.65
N VAL A 1323 24.19 -13.33 5.08
CA VAL A 1323 23.16 -13.20 6.10
C VAL A 1323 21.87 -13.87 5.63
N LYS A 1324 21.51 -13.67 4.37
CA LYS A 1324 20.25 -14.23 3.88
C LYS A 1324 20.29 -15.75 3.86
N CYS A 1325 21.38 -16.34 3.37
CA CYS A 1325 21.43 -17.79 3.30
C CYS A 1325 21.47 -18.41 4.69
N ILE A 1326 22.25 -17.83 5.62
CA ILE A 1326 22.30 -18.40 6.96
C ILE A 1326 20.95 -18.21 7.67
N GLN A 1327 20.39 -17.01 7.61
CA GLN A 1327 19.08 -16.73 8.17
C GLN A 1327 17.95 -17.41 7.42
N LYS A 1328 18.25 -18.13 6.35
CA LYS A 1328 17.30 -19.11 5.85
C LYS A 1328 17.57 -20.49 6.43
N GLN A 1329 18.83 -20.87 6.59
CA GLN A 1329 19.14 -22.22 7.06
C GLN A 1329 19.10 -22.35 8.58
N ARG A 1330 20.01 -21.68 9.29
CA ARG A 1330 20.13 -21.91 10.72
C ARG A 1330 18.93 -21.37 11.49
N PHE A 1331 18.36 -20.26 11.03
CA PHE A 1331 17.11 -19.74 11.58
C PHE A 1331 16.11 -19.63 10.43
N PRO A 1332 14.93 -20.16 10.58
CA PRO A 1332 13.94 -20.07 9.50
C PRO A 1332 13.01 -18.89 9.64
N TYR A 1333 12.11 -18.74 8.69
CA TYR A 1333 10.88 -17.97 8.82
C TYR A 1333 9.69 -18.93 8.80
N ASP A 1334 8.50 -18.36 8.83
CA ASP A 1334 7.32 -19.14 8.49
C ASP A 1334 7.11 -19.19 6.99
N VAL A 1335 7.22 -18.04 6.31
CA VAL A 1335 7.14 -18.02 4.87
C VAL A 1335 8.28 -18.83 4.25
N ASP A 1336 9.45 -18.83 4.89
CA ASP A 1336 10.55 -19.66 4.41
C ASP A 1336 10.14 -21.13 4.35
N ILE A 1337 9.58 -21.65 5.43
CA ILE A 1337 9.25 -23.08 5.47
C ILE A 1337 8.05 -23.38 4.60
N ILE A 1338 7.08 -22.46 4.51
CA ILE A 1338 5.97 -22.71 3.63
C ILE A 1338 6.40 -22.68 2.16
N ARG A 1339 7.45 -21.93 1.83
CA ARG A 1339 7.97 -21.96 0.47
C ARG A 1339 8.85 -23.17 0.23
N GLU A 1340 9.55 -23.65 1.25
CA GLU A 1340 10.29 -24.91 1.10
C GLU A 1340 9.36 -26.10 0.98
N GLN A 1341 8.18 -26.02 1.58
CA GLN A 1341 7.18 -27.07 1.45
C GLN A 1341 6.49 -26.98 0.09
N ALA A 1342 5.85 -25.84 -0.20
CA ALA A 1342 5.14 -25.68 -1.46
C ALA A 1342 6.05 -25.82 -2.67
N ASN A 1343 7.36 -25.81 -2.49
CA ASN A 1343 8.27 -25.97 -3.62
C ASN A 1343 8.17 -27.38 -4.19
N ARG A 1344 8.50 -28.39 -3.37
CA ARG A 1344 8.38 -29.77 -3.81
C ARG A 1344 6.93 -30.12 -4.12
N GLY A 1345 6.09 -30.10 -3.10
CA GLY A 1345 4.71 -30.53 -3.23
C GLY A 1345 3.88 -29.99 -2.08
N ASP A 1346 3.02 -30.84 -1.54
CA ASP A 1346 2.29 -30.58 -0.30
C ASP A 1346 1.21 -29.52 -0.52
N PHE A 1347 1.19 -28.91 -1.72
CA PHE A 1347 0.15 -27.97 -2.07
C PHE A 1347 -0.27 -28.10 -3.52
N ALA A 1348 0.26 -29.09 -4.24
CA ALA A 1348 -0.15 -29.31 -5.63
C ALA A 1348 -1.62 -29.71 -5.71
N ALA A 1349 -2.14 -30.34 -4.65
CA ALA A 1349 -3.55 -30.72 -4.65
C ALA A 1349 -4.46 -29.50 -4.78
N ALA A 1350 -4.26 -28.49 -3.94
CA ALA A 1350 -5.07 -27.30 -4.00
C ALA A 1350 -4.90 -26.57 -5.33
N ASP A 1351 -3.66 -26.50 -5.83
CA ASP A 1351 -3.41 -25.85 -7.11
C ASP A 1351 -4.19 -26.52 -8.23
N ALA A 1352 -4.02 -27.84 -8.37
CA ALA A 1352 -4.69 -28.56 -9.45
C ALA A 1352 -6.20 -28.52 -9.31
N ALA A 1353 -6.70 -28.55 -8.07
CA ALA A 1353 -8.14 -28.49 -7.87
C ALA A 1353 -8.69 -27.12 -8.26
N ALA A 1354 -7.95 -26.05 -7.95
CA ALA A 1354 -8.45 -24.70 -8.21
C ALA A 1354 -8.36 -24.36 -9.69
N VAL A 1355 -7.26 -24.71 -10.36
CA VAL A 1355 -7.10 -24.33 -11.76
C VAL A 1355 -8.10 -25.05 -12.67
N ALA A 1356 -8.64 -26.18 -12.24
CA ALA A 1356 -9.60 -26.93 -13.05
C ALA A 1356 -10.54 -27.74 -12.16
N ALA B 23 -24.82 -11.33 -21.19
CA ALA B 23 -23.38 -11.60 -21.26
C ALA B 23 -22.61 -10.66 -20.34
N PRO B 24 -21.64 -11.22 -19.60
CA PRO B 24 -20.84 -10.39 -18.70
C PRO B 24 -19.66 -9.74 -19.41
N LYS B 25 -19.65 -8.41 -19.42
CA LYS B 25 -18.59 -7.66 -20.09
C LYS B 25 -17.48 -7.20 -19.15
N ASN B 26 -17.78 -7.04 -17.86
CA ASN B 26 -16.80 -6.55 -16.90
C ASN B 26 -15.87 -7.64 -16.40
N ARG B 27 -15.91 -8.83 -16.99
CA ARG B 27 -15.03 -9.91 -16.58
C ARG B 27 -13.58 -9.51 -16.77
N PRO B 28 -12.77 -9.48 -15.73
CA PRO B 28 -11.36 -9.11 -15.89
C PRO B 28 -10.65 -10.11 -16.77
N PRO B 29 -9.90 -9.64 -17.78
CA PRO B 29 -9.23 -10.55 -18.70
C PRO B 29 -8.38 -11.60 -18.01
N ASN B 30 -8.68 -12.87 -18.27
CA ASN B 30 -7.95 -13.98 -17.66
C ASN B 30 -6.66 -14.22 -18.46
N THR B 31 -5.75 -13.27 -18.34
CA THR B 31 -4.43 -13.39 -18.94
C THR B 31 -3.54 -14.12 -17.93
N ALA B 32 -2.26 -14.30 -18.23
CA ALA B 32 -1.30 -14.86 -17.28
C ALA B 32 -0.45 -13.78 -16.65
N PHE B 33 -0.69 -12.51 -16.99
CA PHE B 33 -0.03 -11.36 -16.38
C PHE B 33 -0.95 -10.60 -15.44
N ARG B 34 -2.20 -10.36 -15.85
CA ARG B 34 -3.15 -9.70 -14.98
C ARG B 34 -3.41 -10.52 -13.72
N GLN B 35 -3.40 -11.85 -13.83
CA GLN B 35 -3.64 -12.72 -12.70
C GLN B 35 -2.35 -13.13 -12.00
N GLN B 36 -1.26 -12.43 -12.28
CA GLN B 36 0.03 -12.66 -11.63
C GLN B 36 0.42 -14.13 -11.70
N ARG B 37 0.45 -14.63 -12.94
CA ARG B 37 0.80 -16.02 -13.23
C ARG B 37 2.01 -16.12 -14.16
N MET B 38 2.78 -15.04 -14.29
CA MET B 38 3.92 -15.04 -15.20
C MET B 38 4.89 -16.16 -14.85
N ARG B 39 5.55 -16.68 -15.88
CA ARG B 39 6.59 -17.67 -15.66
C ARG B 39 7.67 -17.09 -14.75
N ALA B 40 8.22 -17.93 -13.88
CA ALA B 40 9.11 -17.43 -12.85
C ALA B 40 9.90 -18.59 -12.26
N TRP B 41 10.88 -18.24 -11.45
CA TRP B 41 11.70 -19.21 -10.74
C TRP B 41 11.70 -18.85 -9.25
N GLN B 42 11.07 -19.67 -8.43
CA GLN B 42 11.02 -19.41 -6.99
C GLN B 42 12.41 -19.64 -6.40
N CYS B 43 13.09 -18.56 -6.07
CA CYS B 43 14.51 -18.60 -5.69
C CYS B 43 14.73 -19.12 -4.27
N VAL B 44 14.27 -20.35 -4.04
CA VAL B 44 14.50 -21.00 -2.76
C VAL B 44 15.98 -21.26 -2.58
N LEU B 45 16.48 -21.02 -1.36
CA LEU B 45 17.91 -21.07 -1.07
C LEU B 45 18.34 -22.39 -0.44
N THR B 46 17.78 -23.51 -0.91
CA THR B 46 18.21 -24.82 -0.45
C THR B 46 19.72 -24.99 -0.63
N PRO B 47 20.37 -25.77 0.24
CA PRO B 47 21.84 -25.82 0.22
C PRO B 47 22.42 -26.60 -0.94
N LYS B 48 21.60 -26.96 -1.93
CA LYS B 48 22.12 -27.42 -3.21
C LYS B 48 22.21 -26.28 -4.22
N LEU B 49 21.69 -25.11 -3.89
CA LEU B 49 21.78 -23.93 -4.75
C LEU B 49 22.86 -22.97 -4.30
N ILE B 50 23.07 -22.80 -2.99
CA ILE B 50 24.06 -21.84 -2.53
C ILE B 50 25.47 -22.41 -2.48
N VAL B 51 25.62 -23.73 -2.34
CA VAL B 51 26.95 -24.32 -2.41
C VAL B 51 27.56 -24.10 -3.78
N THR B 52 26.77 -24.30 -4.84
CA THR B 52 27.28 -24.09 -6.20
C THR B 52 27.58 -22.62 -6.46
N VAL B 53 26.71 -21.73 -5.96
CA VAL B 53 26.95 -20.29 -6.11
C VAL B 53 28.29 -19.91 -5.49
N PHE B 54 28.50 -20.32 -4.23
CA PHE B 54 29.75 -19.95 -3.58
C PHE B 54 30.95 -20.64 -4.22
N SER B 55 30.77 -21.85 -4.73
CA SER B 55 31.88 -22.52 -5.41
C SER B 55 32.29 -21.77 -6.66
N ILE B 56 31.33 -21.40 -7.51
CA ILE B 56 31.68 -20.74 -8.75
C ILE B 56 32.25 -19.36 -8.47
N LEU B 57 31.72 -18.65 -7.46
CA LEU B 57 32.27 -17.34 -7.13
C LEU B 57 33.71 -17.46 -6.63
N ALA B 58 33.96 -18.40 -5.71
CA ALA B 58 35.32 -18.58 -5.21
C ALA B 58 36.27 -18.93 -6.35
N ALA B 59 35.84 -19.82 -7.25
CA ALA B 59 36.71 -20.22 -8.36
C ALA B 59 37.05 -19.03 -9.25
N ILE B 60 36.03 -18.32 -9.73
CA ILE B 60 36.28 -17.23 -10.67
C ILE B 60 37.13 -16.15 -10.02
N TYR B 61 36.89 -15.85 -8.74
CA TYR B 61 37.61 -14.74 -8.15
C TYR B 61 39.03 -15.11 -7.75
N LEU B 62 39.27 -16.35 -7.30
CA LEU B 62 40.66 -16.75 -7.08
C LEU B 62 41.42 -16.81 -8.40
N GLY B 63 40.77 -17.22 -9.49
CA GLY B 63 41.45 -17.22 -10.78
C GLY B 63 41.82 -15.82 -11.23
N PHE B 64 40.86 -14.90 -11.22
CA PHE B 64 41.15 -13.54 -11.61
C PHE B 64 42.17 -12.88 -10.68
N GLY B 65 42.16 -13.27 -9.40
CA GLY B 65 43.14 -12.71 -8.48
C GLY B 65 44.54 -13.17 -8.79
N ALA B 66 44.73 -14.46 -9.07
CA ALA B 66 46.04 -14.94 -9.48
C ALA B 66 46.48 -14.26 -10.77
N TRP B 67 45.57 -14.12 -11.73
CA TRP B 67 45.91 -13.46 -12.98
C TRP B 67 46.38 -12.03 -12.75
N LEU B 68 45.59 -11.23 -12.03
CA LEU B 68 45.93 -9.83 -11.83
C LEU B 68 47.15 -9.66 -10.95
N THR B 69 47.43 -10.60 -10.06
CA THR B 69 48.67 -10.53 -9.30
C THR B 69 49.87 -10.76 -10.20
N TYR B 70 49.81 -11.78 -11.05
CA TYR B 70 50.90 -11.99 -12.01
C TYR B 70 51.07 -10.77 -12.89
N LEU B 71 49.96 -10.16 -13.33
CA LEU B 71 50.05 -8.97 -14.18
C LEU B 71 50.74 -7.83 -13.45
N ALA B 72 50.24 -7.48 -12.26
CA ALA B 72 50.82 -6.36 -11.51
C ALA B 72 52.23 -6.68 -11.03
N HIS B 73 52.66 -7.93 -11.18
CA HIS B 73 54.07 -8.26 -10.96
C HIS B 73 54.88 -8.31 -12.25
N THR B 74 54.26 -8.29 -13.42
CA THR B 74 55.02 -8.33 -14.65
C THR B 74 55.49 -6.96 -15.11
N VAL B 75 55.00 -5.87 -14.52
CA VAL B 75 55.43 -4.54 -14.87
C VAL B 75 56.34 -3.98 -13.77
N ARG B 76 57.14 -2.99 -14.15
CA ARG B 76 58.27 -2.56 -13.33
C ARG B 76 58.52 -1.09 -13.61
N ASP B 77 58.88 -0.35 -12.55
CA ASP B 77 58.90 1.11 -12.68
C ASP B 77 59.86 1.70 -11.66
N LEU B 78 60.02 3.02 -11.73
CA LEU B 78 60.93 3.75 -10.87
C LEU B 78 60.41 5.17 -10.71
N LYS B 79 60.19 5.59 -9.47
CA LYS B 79 59.70 6.93 -9.14
C LYS B 79 60.75 7.67 -8.35
N ILE B 80 61.06 8.90 -8.79
CA ILE B 80 62.05 9.74 -8.14
C ILE B 80 61.44 11.10 -7.88
N ASP B 81 61.61 11.61 -6.65
CA ASP B 81 61.14 12.92 -6.22
C ASP B 81 62.28 13.93 -6.26
N TYR B 82 61.96 15.18 -6.64
CA TYR B 82 63.02 16.14 -6.93
C TYR B 82 62.69 17.56 -6.45
N THR B 83 61.98 17.71 -5.34
CA THR B 83 61.75 19.06 -4.81
C THR B 83 62.97 19.60 -4.09
N ASP B 84 63.70 18.73 -3.40
CA ASP B 84 64.93 19.17 -2.77
C ASP B 84 66.01 19.54 -3.77
N CYS B 85 65.75 19.37 -5.07
CA CYS B 85 66.65 19.89 -6.09
C CYS B 85 66.79 21.39 -5.90
N LEU B 86 65.69 22.13 -6.07
CA LEU B 86 65.73 23.55 -5.74
C LEU B 86 65.94 23.78 -4.26
N THR B 87 65.45 22.87 -3.41
CA THR B 87 65.63 23.12 -1.97
C THR B 87 67.08 22.87 -1.54
N SER B 88 67.58 21.65 -1.71
CA SER B 88 68.81 21.24 -1.05
C SER B 88 69.84 20.53 -1.93
N ALA B 89 69.66 20.49 -3.25
CA ALA B 89 70.66 19.85 -4.09
C ALA B 89 71.94 20.69 -4.14
N PRO B 90 73.10 20.05 -4.28
CA PRO B 90 74.35 20.79 -4.39
C PRO B 90 74.48 21.44 -5.77
N LYS B 91 75.50 22.29 -5.90
CA LYS B 91 75.65 23.13 -7.08
C LYS B 91 76.71 22.65 -8.06
N ASP B 92 77.68 21.85 -7.63
CA ASP B 92 78.74 21.42 -8.53
C ASP B 92 79.09 19.94 -8.44
N ASP B 93 78.73 19.24 -7.38
CA ASP B 93 79.06 17.83 -7.22
C ASP B 93 77.79 16.99 -7.25
N PHE B 94 77.94 15.72 -7.65
CA PHE B 94 76.81 14.82 -7.77
C PHE B 94 76.65 14.05 -6.46
N GLU B 95 75.96 14.69 -5.52
CA GLU B 95 75.66 14.06 -4.25
C GLU B 95 74.55 13.03 -4.42
N THR B 96 74.47 12.10 -3.47
CA THR B 96 73.49 11.03 -3.54
C THR B 96 72.12 11.50 -3.05
N ILE B 97 71.09 10.78 -3.45
CA ILE B 97 69.71 11.07 -3.08
C ILE B 97 69.35 10.21 -1.87
N PRO B 98 68.73 10.77 -0.84
CA PRO B 98 68.29 9.95 0.29
C PRO B 98 67.24 8.92 -0.13
N GLN B 99 67.14 7.86 0.66
CA GLN B 99 66.34 6.71 0.27
C GLN B 99 64.84 6.96 0.30
N ASN B 100 64.38 8.02 0.96
CA ASN B 100 62.96 8.30 1.00
C ASN B 100 62.43 8.92 -0.29
N HIS B 101 63.26 8.98 -1.34
CA HIS B 101 62.84 9.54 -2.61
C HIS B 101 62.74 8.51 -3.73
N ILE B 102 63.48 7.42 -3.64
CA ILE B 102 63.54 6.42 -4.70
C ILE B 102 62.56 5.31 -4.37
N THR B 103 61.58 5.09 -5.24
CA THR B 103 60.69 3.92 -5.12
C THR B 103 60.81 3.14 -6.42
N ALA B 104 61.55 2.05 -6.39
CA ALA B 104 61.90 1.31 -7.60
C ALA B 104 61.42 -0.13 -7.47
N HIS B 105 60.50 -0.52 -8.35
CA HIS B 105 59.99 -1.88 -8.42
C HIS B 105 60.62 -2.54 -9.64
N PHE B 106 61.71 -3.27 -9.41
CA PHE B 106 62.47 -3.94 -10.46
C PHE B 106 62.74 -5.36 -10.01
N SER B 107 62.30 -6.34 -10.81
CA SER B 107 62.39 -7.74 -10.41
C SER B 107 63.84 -8.18 -10.26
N ALA B 108 64.62 -8.07 -11.34
CA ALA B 108 65.98 -8.61 -11.38
C ALA B 108 66.87 -7.75 -10.49
N LYS B 109 66.85 -8.05 -9.20
CA LYS B 109 67.64 -7.30 -8.24
C LYS B 109 69.10 -7.76 -8.26
N ASP B 110 69.98 -6.87 -7.81
CA ASP B 110 71.42 -7.11 -7.74
C ASP B 110 72.00 -7.44 -9.11
N SER B 111 71.91 -6.45 -10.00
CA SER B 111 72.57 -6.48 -11.29
C SER B 111 73.82 -5.60 -11.22
N THR B 112 74.48 -5.40 -12.37
CA THR B 112 75.63 -4.52 -12.42
C THR B 112 75.25 -3.10 -11.99
N PHE B 113 74.03 -2.69 -12.29
CA PHE B 113 73.46 -1.46 -11.78
C PHE B 113 72.39 -1.83 -10.76
N ASP B 114 72.18 -0.97 -9.78
CA ASP B 114 71.11 -1.17 -8.83
C ASP B 114 70.41 0.17 -8.60
N PRO B 115 69.09 0.21 -8.62
CA PRO B 115 68.40 1.44 -8.26
C PRO B 115 68.55 1.73 -6.77
N TYR B 116 67.91 2.78 -6.28
CA TYR B 116 68.10 3.31 -4.93
C TYR B 116 69.48 3.93 -4.76
N LYS B 117 70.21 4.12 -5.86
CA LYS B 117 71.49 4.83 -5.86
C LYS B 117 71.45 5.80 -7.04
N ALA B 118 71.01 7.03 -6.78
CA ALA B 118 70.91 8.04 -7.83
C ALA B 118 71.53 9.33 -7.34
N GLN B 119 72.41 9.91 -8.14
CA GLN B 119 73.04 11.18 -7.84
C GLN B 119 72.31 12.31 -8.55
N TRP B 120 72.43 13.52 -8.01
CA TRP B 120 71.59 14.62 -8.46
C TRP B 120 72.27 15.93 -8.15
N LYS B 121 72.10 16.91 -9.04
CA LYS B 121 72.85 18.16 -8.94
C LYS B 121 72.08 19.27 -9.63
N THR B 122 71.96 20.42 -8.98
CA THR B 122 71.22 21.55 -9.53
C THR B 122 72.17 22.62 -10.06
N THR B 123 71.65 23.45 -10.97
CA THR B 123 72.45 24.45 -11.65
C THR B 123 71.54 25.55 -12.20
N GLU B 124 71.88 26.80 -11.94
CA GLU B 124 71.13 27.93 -12.48
C GLU B 124 71.64 28.22 -13.89
N ARG B 125 70.76 28.11 -14.89
CA ARG B 125 71.18 28.11 -16.28
C ARG B 125 70.45 29.19 -17.07
N GLU B 126 71.21 29.86 -17.93
CA GLU B 126 70.72 30.95 -18.76
C GLU B 126 70.23 30.36 -20.08
N VAL B 127 68.90 30.26 -20.26
CA VAL B 127 68.33 29.64 -21.45
C VAL B 127 67.68 30.70 -22.32
N GLN B 128 67.40 30.36 -23.57
CA GLN B 128 66.70 31.25 -24.49
C GLN B 128 65.34 30.64 -24.82
N VAL B 129 64.35 31.50 -25.07
CA VAL B 129 63.04 31.00 -25.49
C VAL B 129 62.61 31.61 -26.83
N ALA B 130 62.37 32.92 -26.87
CA ALA B 130 62.02 33.56 -28.14
C ALA B 130 62.96 34.70 -28.45
N ASN B 131 63.10 35.63 -27.51
CA ASN B 131 63.99 36.78 -27.68
C ASN B 131 64.90 37.04 -26.50
N TYR B 132 64.51 36.70 -25.28
CA TYR B 132 65.08 37.39 -24.13
C TYR B 132 66.01 36.55 -23.27
N THR B 133 66.10 35.24 -23.52
CA THR B 133 67.09 34.40 -22.85
C THR B 133 66.96 34.54 -21.33
N ASP B 134 65.85 34.02 -20.80
CA ASP B 134 65.63 34.08 -19.36
C ASP B 134 66.48 33.04 -18.66
N ASN B 135 66.69 33.22 -17.36
CA ASN B 135 67.51 32.30 -16.58
C ASN B 135 66.62 31.45 -15.68
N ARG B 136 66.55 30.16 -15.98
CA ARG B 136 65.81 29.23 -15.13
C ARG B 136 66.79 28.49 -14.23
N GLN B 137 66.29 27.52 -13.48
CA GLN B 137 67.08 26.72 -12.57
C GLN B 137 66.78 25.25 -12.81
N PHE B 138 67.83 24.45 -13.00
CA PHE B 138 67.73 23.09 -13.47
C PHE B 138 68.17 22.12 -12.39
N CYS B 139 67.63 20.90 -12.45
CA CYS B 139 68.17 19.77 -11.73
C CYS B 139 68.56 18.70 -12.73
N ILE B 140 69.54 17.89 -12.35
CA ILE B 140 70.09 16.86 -13.22
C ILE B 140 70.16 15.59 -12.39
N VAL B 141 69.47 14.55 -12.84
CA VAL B 141 69.35 13.31 -12.08
C VAL B 141 69.99 12.17 -12.85
N ARG B 142 70.90 11.46 -12.20
CA ARG B 142 71.54 10.27 -12.77
C ARG B 142 70.94 9.05 -12.09
N PHE B 143 69.98 8.41 -12.75
CA PHE B 143 69.29 7.25 -12.22
C PHE B 143 69.64 6.03 -13.07
N ASN B 144 69.91 4.91 -12.42
CA ASN B 144 70.34 3.71 -13.11
C ASN B 144 69.22 2.68 -13.09
N ILE B 145 68.83 2.20 -14.27
CA ILE B 145 67.88 1.10 -14.35
C ILE B 145 68.68 -0.16 -14.61
N PRO B 146 68.37 -1.27 -13.92
CA PRO B 146 69.27 -2.43 -13.95
C PRO B 146 68.94 -3.48 -15.00
N GLU B 147 67.75 -3.41 -15.60
CA GLU B 147 67.33 -4.38 -16.58
C GLU B 147 66.61 -3.67 -17.72
N ASP B 148 66.45 -4.30 -18.86
CA ASP B 148 65.80 -3.60 -19.96
C ASP B 148 64.33 -3.50 -19.74
N LEU B 149 63.64 -2.59 -20.38
CA LEU B 149 62.21 -2.58 -20.24
C LEU B 149 61.64 -2.49 -21.63
N GLN B 150 60.86 -3.43 -22.09
CA GLN B 150 60.45 -3.40 -23.50
C GLN B 150 59.46 -2.30 -23.75
N PRO B 151 59.17 -2.00 -24.98
CA PRO B 151 58.37 -0.82 -25.27
C PRO B 151 57.03 -0.55 -24.65
N THR B 152 56.81 0.73 -24.90
CA THR B 152 55.78 1.69 -24.56
C THR B 152 56.04 2.24 -23.23
N ILE B 153 57.30 2.52 -23.01
CA ILE B 153 57.78 3.07 -21.82
C ILE B 153 57.21 4.44 -21.71
N SER B 154 56.43 4.70 -20.68
CA SER B 154 55.77 5.98 -20.50
C SER B 154 56.60 6.76 -19.49
N PHE B 155 56.26 8.03 -19.33
CA PHE B 155 57.00 8.92 -18.43
C PHE B 155 56.01 9.92 -17.85
N PHE B 156 55.58 9.69 -16.62
CA PHE B 156 54.60 10.55 -15.97
C PHE B 156 55.27 11.47 -14.97
N TYR B 157 54.65 12.62 -14.74
CA TYR B 157 54.99 13.41 -13.56
C TYR B 157 53.89 13.27 -12.52
N TYR B 158 54.25 13.56 -11.27
CA TYR B 158 53.46 13.21 -10.10
C TYR B 158 53.41 14.42 -9.19
N LEU B 159 52.21 14.83 -8.80
CA LEU B 159 51.99 16.06 -8.04
C LEU B 159 51.18 15.77 -6.80
N GLU B 160 51.84 15.75 -5.65
CA GLU B 160 51.12 15.56 -4.39
C GLU B 160 50.51 16.87 -3.91
N ASN B 161 49.41 16.75 -3.16
CA ASN B 161 48.76 17.87 -2.51
C ASN B 161 48.37 18.98 -3.48
N PHE B 162 48.08 18.62 -4.73
CA PHE B 162 47.58 19.57 -5.71
C PHE B 162 46.12 19.23 -6.00
N TYR B 163 45.24 20.17 -5.73
CA TYR B 163 43.81 19.93 -5.83
C TYR B 163 43.28 20.56 -7.12
N GLN B 164 43.16 19.75 -8.16
CA GLN B 164 42.43 20.15 -9.35
C GLN B 164 40.94 19.94 -9.21
N ASN B 165 40.50 19.22 -8.19
CA ASN B 165 39.11 18.80 -8.05
C ASN B 165 38.32 19.72 -7.13
N HIS B 166 38.35 21.03 -7.34
CA HIS B 166 37.52 21.93 -6.57
C HIS B 166 36.33 22.38 -7.40
N ARG B 167 35.28 22.83 -6.72
CA ARG B 167 34.04 23.17 -7.43
C ARG B 167 34.24 24.34 -8.38
N ARG B 168 34.94 25.38 -7.93
CA ARG B 168 35.16 26.55 -8.77
C ARG B 168 36.24 26.31 -9.81
N TYR B 169 37.18 25.41 -9.52
CA TYR B 169 38.32 25.19 -10.40
C TYR B 169 37.91 24.41 -11.65
N VAL B 170 37.00 23.44 -11.51
CA VAL B 170 36.74 22.50 -12.58
C VAL B 170 35.77 23.02 -13.63
N ASN B 171 35.12 24.15 -13.41
CA ASN B 171 34.24 24.75 -14.39
C ASN B 171 34.82 26.04 -14.96
N SER B 172 36.09 26.31 -14.69
CA SER B 172 36.70 27.59 -15.01
C SER B 172 37.55 27.46 -16.27
N PHE B 173 36.89 27.53 -17.42
CA PHE B 173 37.53 27.72 -18.71
C PHE B 173 36.42 27.93 -19.73
N ASN B 174 36.81 28.42 -20.90
CA ASN B 174 35.88 28.54 -22.01
C ASN B 174 36.12 27.39 -22.98
N ALA B 175 35.03 26.79 -23.46
CA ALA B 175 35.15 25.62 -24.31
C ALA B 175 35.40 26.00 -25.76
N LYS B 176 34.60 26.92 -26.30
CA LYS B 176 34.78 27.32 -27.69
C LYS B 176 36.15 27.93 -27.93
N GLN B 177 36.69 28.60 -26.93
CA GLN B 177 38.01 29.21 -27.09
C GLN B 177 39.08 28.14 -27.31
N LEU B 178 39.10 27.11 -26.47
CA LEU B 178 40.02 26.01 -26.67
C LEU B 178 39.74 25.31 -28.00
N LEU B 179 38.46 25.17 -28.35
CA LEU B 179 38.09 24.62 -29.65
C LEU B 179 38.73 25.41 -30.78
N GLY B 180 38.96 26.71 -30.55
CA GLY B 180 39.51 27.59 -31.55
C GLY B 180 38.43 28.55 -32.01
N ASP B 181 38.43 29.75 -31.43
CA ASP B 181 37.35 30.69 -31.66
C ASP B 181 37.77 32.04 -31.09
N ALA B 182 37.17 33.09 -31.64
CA ALA B 182 37.26 34.43 -31.08
C ALA B 182 35.86 34.72 -30.56
N VAL B 183 35.59 34.32 -29.32
CA VAL B 183 34.23 34.32 -28.81
C VAL B 183 33.71 35.75 -28.66
N ASP B 184 34.30 36.52 -27.75
CA ASP B 184 33.88 37.90 -27.50
C ASP B 184 34.74 38.50 -26.40
N GLY B 185 34.56 39.79 -26.13
CA GLY B 185 35.12 40.40 -24.96
C GLY B 185 34.16 40.54 -23.81
N LYS B 186 32.91 40.15 -24.01
CA LYS B 186 31.86 40.25 -22.99
C LYS B 186 31.46 38.89 -22.43
N THR B 187 31.20 37.92 -23.32
CA THR B 187 30.85 36.58 -22.86
C THR B 187 31.98 35.96 -22.06
N ILE B 188 33.22 36.10 -22.55
CA ILE B 188 34.38 35.65 -21.80
C ILE B 188 34.53 36.44 -20.51
N ASN B 189 33.96 37.64 -20.45
CA ASN B 189 34.27 38.56 -19.37
C ASN B 189 33.48 38.22 -18.12
N ASP B 190 32.29 37.65 -18.29
CA ASP B 190 31.40 37.27 -17.20
C ASP B 190 31.22 35.77 -17.06
N SER B 191 32.08 34.98 -17.69
CA SER B 191 31.89 33.53 -17.70
C SER B 191 32.24 32.96 -16.32
N THR B 192 32.23 31.62 -16.21
CA THR B 192 32.55 30.95 -14.96
C THR B 192 34.02 31.04 -14.60
N CYS B 193 34.87 31.53 -15.50
CA CYS B 193 36.27 31.80 -15.21
C CYS B 193 36.41 33.27 -14.80
N ASP B 194 35.92 33.56 -13.59
CA ASP B 194 35.70 34.96 -13.20
C ASP B 194 36.99 35.74 -13.03
N PRO B 195 37.89 35.39 -12.11
CA PRO B 195 38.93 36.35 -11.71
C PRO B 195 40.04 36.53 -12.74
N ILE B 196 40.08 35.71 -13.78
CA ILE B 196 41.27 35.61 -14.62
C ILE B 196 40.91 35.71 -16.09
N THR B 197 39.79 36.37 -16.40
CA THR B 197 39.27 36.39 -17.76
C THR B 197 39.54 37.68 -18.51
N HIS B 198 40.12 38.69 -17.86
CA HIS B 198 40.47 39.92 -18.55
C HIS B 198 41.92 40.26 -18.27
N ASP B 199 42.39 41.31 -18.93
CA ASP B 199 43.81 41.65 -18.92
C ASP B 199 44.23 42.16 -17.55
N PRO B 200 45.23 41.54 -16.92
CA PRO B 200 45.66 41.99 -15.59
C PRO B 200 46.12 43.43 -15.56
N LYS B 201 46.78 43.88 -16.63
CA LYS B 201 47.26 45.24 -16.71
C LYS B 201 46.14 46.21 -17.07
N GLY B 202 46.50 47.44 -17.43
CA GLY B 202 45.49 48.47 -17.60
C GLY B 202 44.53 48.18 -18.75
N THR B 203 45.05 47.67 -19.86
CA THR B 203 44.27 47.56 -21.08
C THR B 203 43.12 46.57 -20.90
N GLY B 204 42.29 46.47 -21.94
CA GLY B 204 41.12 45.63 -21.88
C GLY B 204 41.19 44.41 -22.76
N LYS B 205 42.40 43.91 -23.00
CA LYS B 205 42.56 42.68 -23.75
C LYS B 205 41.91 41.52 -23.01
N ILE B 206 41.69 40.43 -23.73
CA ILE B 206 41.10 39.22 -23.17
C ILE B 206 42.11 38.09 -23.23
N VAL B 207 42.23 37.36 -22.13
CA VAL B 207 43.20 36.28 -22.04
C VAL B 207 42.81 35.17 -23.00
N TYR B 208 43.81 34.53 -23.61
CA TYR B 208 43.46 33.50 -24.59
C TYR B 208 42.86 32.28 -23.88
N PRO B 209 43.60 31.50 -23.05
CA PRO B 209 42.91 30.52 -22.21
C PRO B 209 42.44 31.19 -20.93
N CYS B 210 41.14 31.42 -20.83
CA CYS B 210 40.65 32.40 -19.87
C CYS B 210 40.37 31.82 -18.49
N GLY B 211 40.59 30.53 -18.27
CA GLY B 211 40.34 29.93 -16.98
C GLY B 211 41.60 29.91 -16.12
N LEU B 212 41.38 29.60 -14.84
CA LEU B 212 42.50 29.32 -13.95
C LEU B 212 42.88 27.85 -13.97
N VAL B 213 42.21 27.03 -14.77
CA VAL B 213 42.66 25.66 -14.98
C VAL B 213 43.76 25.60 -16.02
N ALA B 214 43.77 26.52 -16.99
CA ALA B 214 44.86 26.62 -17.95
C ALA B 214 45.99 27.49 -17.44
N ASN B 215 45.68 28.36 -16.48
CA ASN B 215 46.71 29.19 -15.85
C ASN B 215 47.78 28.33 -15.17
N SER B 216 47.34 27.36 -14.36
CA SER B 216 48.23 26.67 -13.44
C SER B 216 48.90 25.46 -14.05
N ILE B 217 49.06 25.42 -15.37
CA ILE B 217 49.62 24.23 -16.02
C ILE B 217 51.03 23.98 -15.51
N PHE B 218 51.36 22.70 -15.33
CA PHE B 218 52.67 22.30 -14.86
C PHE B 218 53.75 22.92 -15.73
N ASN B 219 54.78 23.45 -15.08
CA ASN B 219 55.77 24.26 -15.77
C ASN B 219 57.14 23.61 -15.85
N ASP B 220 57.39 22.54 -15.11
CA ASP B 220 58.66 21.84 -15.22
C ASP B 220 58.84 21.32 -16.64
N THR B 221 60.08 21.05 -17.01
CA THR B 221 60.37 20.56 -18.35
C THR B 221 61.37 19.42 -18.27
N PHE B 222 61.00 18.28 -18.82
CA PHE B 222 61.82 17.07 -18.74
C PHE B 222 62.61 16.92 -20.03
N SER B 223 63.93 16.85 -19.91
CA SER B 223 64.82 16.66 -21.03
C SER B 223 65.30 15.22 -21.01
N SER B 224 65.09 14.54 -22.15
CA SER B 224 64.99 13.09 -22.25
C SER B 224 66.25 12.39 -21.73
N PRO B 225 66.11 11.15 -21.24
CA PRO B 225 67.26 10.45 -20.64
C PRO B 225 68.46 10.35 -21.55
N LEU B 226 69.55 11.01 -21.15
CA LEU B 226 70.81 10.94 -21.88
C LEU B 226 71.61 9.78 -21.28
N ALA B 227 71.50 8.62 -21.89
CA ALA B 227 72.11 7.42 -21.33
C ALA B 227 73.63 7.58 -21.30
N LEU B 228 74.18 7.67 -20.10
CA LEU B 228 75.62 7.78 -19.95
C LEU B 228 76.32 6.55 -20.51
N ALA B 229 77.62 6.70 -20.78
CA ALA B 229 78.38 5.67 -21.46
C ALA B 229 78.43 4.39 -20.62
N VAL B 230 77.70 3.37 -21.06
CA VAL B 230 77.69 2.07 -20.38
C VAL B 230 78.93 1.25 -20.71
N ARG B 231 79.84 1.79 -21.51
CA ARG B 231 81.08 1.12 -21.92
C ARG B 231 80.78 -0.06 -22.85
N ASN B 232 79.67 0.03 -23.57
CA ASN B 232 79.38 -0.83 -24.73
C ASN B 232 79.43 -0.06 -26.02
N SER B 233 78.74 1.08 -26.08
CA SER B 233 78.95 2.11 -27.08
C SER B 233 79.51 3.30 -26.31
N SER B 234 80.84 3.37 -26.21
CA SER B 234 81.50 4.25 -25.26
C SER B 234 81.35 5.73 -25.57
N ASP B 235 80.62 6.09 -26.63
CA ASP B 235 80.30 7.49 -26.85
C ASP B 235 79.47 8.02 -25.69
N SER B 236 79.74 9.27 -25.30
CA SER B 236 79.22 9.79 -24.04
C SER B 236 77.69 9.83 -24.02
N SER B 237 77.09 10.34 -25.08
CA SER B 237 75.66 10.56 -25.13
C SER B 237 74.97 9.41 -25.84
N ARG B 238 73.88 8.94 -25.24
CA ARG B 238 73.00 7.94 -25.85
C ARG B 238 71.57 8.36 -25.57
N PRO B 239 71.08 9.36 -26.29
CA PRO B 239 69.78 9.95 -25.94
C PRO B 239 68.61 9.02 -26.26
N TYR B 240 68.00 8.45 -25.22
CA TYR B 240 66.82 7.62 -25.39
C TYR B 240 65.67 8.57 -25.72
N ASN B 241 65.52 8.85 -27.01
CA ASN B 241 64.64 9.91 -27.48
C ASN B 241 63.19 9.49 -27.29
N MET B 242 62.56 10.02 -26.25
CA MET B 242 61.14 9.80 -25.98
C MET B 242 60.35 10.99 -26.51
N THR B 243 59.24 10.70 -27.17
CA THR B 243 58.44 11.75 -27.77
C THR B 243 57.38 12.25 -26.79
N THR B 244 56.84 13.43 -27.08
CA THR B 244 55.72 13.99 -26.34
C THR B 244 54.53 14.21 -27.25
N LYS B 245 54.41 13.39 -28.29
CA LYS B 245 53.33 13.50 -29.26
C LYS B 245 52.56 12.20 -29.31
N GLY B 246 51.29 12.28 -29.68
CA GLY B 246 50.42 11.14 -29.59
C GLY B 246 50.33 10.67 -28.15
N ILE B 247 50.22 11.62 -27.24
CA ILE B 247 50.30 11.36 -25.81
C ILE B 247 48.95 11.48 -25.12
N ALA B 248 47.89 11.80 -25.87
CA ALA B 248 46.55 11.90 -25.33
C ALA B 248 45.58 11.23 -26.30
N TRP B 249 44.32 11.16 -25.91
CA TRP B 249 43.32 10.51 -26.75
C TRP B 249 43.00 11.39 -27.96
N PRO B 250 42.83 10.81 -29.13
CA PRO B 250 42.50 11.61 -30.32
C PRO B 250 41.22 12.41 -30.19
N GLY B 251 40.27 11.97 -29.36
CA GLY B 251 39.09 12.78 -29.12
C GLY B 251 39.45 14.16 -28.58
N LEU B 252 40.43 14.22 -27.69
CA LEU B 252 40.90 15.51 -27.20
C LEU B 252 41.35 16.39 -28.35
N LYS B 253 42.11 15.82 -29.29
CA LYS B 253 42.49 16.57 -30.48
C LYS B 253 41.27 17.04 -31.25
N ASP B 254 40.18 16.27 -31.21
CA ASP B 254 38.96 16.73 -31.85
C ASP B 254 38.27 17.83 -31.05
N LEU B 255 38.64 18.00 -29.78
CA LEU B 255 38.04 19.07 -28.98
C LEU B 255 38.69 20.42 -29.19
N TYR B 256 40.00 20.45 -29.42
CA TYR B 256 40.76 21.69 -29.43
C TYR B 256 40.86 22.24 -30.85
N GLY B 257 41.75 23.21 -31.07
CA GLY B 257 41.96 23.78 -32.37
C GLY B 257 42.70 25.10 -32.33
N LYS B 258 43.43 25.41 -33.40
CA LYS B 258 44.18 26.66 -33.45
C LYS B 258 43.23 27.86 -33.37
N THR B 259 43.72 28.94 -32.76
CA THR B 259 42.87 30.07 -32.42
C THR B 259 42.54 30.90 -33.65
N SER B 260 41.38 31.56 -33.58
CA SER B 260 40.96 32.52 -34.58
C SER B 260 41.19 33.95 -34.14
N TYR B 261 41.74 34.16 -32.95
CA TYR B 261 42.02 35.51 -32.47
C TYR B 261 43.09 36.17 -33.33
N SER B 262 42.97 37.49 -33.46
CA SER B 262 43.84 38.28 -34.32
C SER B 262 45.21 38.55 -33.69
N LEU B 263 45.54 37.87 -32.59
CA LEU B 263 46.84 37.99 -31.93
C LEU B 263 47.00 39.37 -31.29
N ASP B 264 46.02 40.24 -31.48
CA ASP B 264 46.07 41.62 -31.00
C ASP B 264 45.48 41.74 -29.60
N GLN B 265 44.40 41.03 -29.31
CA GLN B 265 43.64 41.21 -28.08
C GLN B 265 43.75 40.01 -27.15
N ILE B 266 44.86 39.28 -27.20
CA ILE B 266 45.04 38.12 -26.33
C ILE B 266 46.39 38.20 -25.64
N VAL B 267 46.47 37.62 -24.45
CA VAL B 267 47.63 37.75 -23.57
C VAL B 267 47.66 36.59 -22.59
N PRO B 268 48.83 36.04 -22.28
CA PRO B 268 48.92 34.98 -21.26
C PRO B 268 48.42 35.45 -19.92
N PRO B 269 47.67 34.62 -19.19
CA PRO B 269 46.73 35.15 -18.20
C PRO B 269 47.33 35.81 -16.96
N PRO B 270 48.06 35.11 -16.02
CA PRO B 270 49.08 35.82 -15.25
C PRO B 270 50.44 35.14 -15.16
N ASN B 271 50.51 33.87 -15.55
CA ASN B 271 51.57 32.99 -15.04
C ASN B 271 52.32 32.39 -16.21
N TRP B 272 51.91 32.67 -17.43
CA TRP B 272 52.76 32.36 -18.57
C TRP B 272 53.61 33.59 -18.87
N GLU B 273 53.56 34.59 -17.98
CA GLU B 273 54.35 35.80 -18.18
C GLU B 273 55.84 35.48 -18.22
N ARG B 274 56.32 34.70 -17.25
CA ARG B 274 57.74 34.38 -17.20
C ARG B 274 58.15 33.54 -18.41
N ARG B 275 57.17 33.18 -19.24
CA ARG B 275 57.42 32.53 -20.52
C ARG B 275 57.11 33.43 -21.70
N TYR B 276 55.96 34.09 -21.72
CA TYR B 276 55.66 35.09 -22.73
C TYR B 276 55.92 36.50 -22.19
N LYS B 277 57.19 36.78 -21.90
CA LYS B 277 57.56 37.99 -21.16
C LYS B 277 57.20 39.27 -21.88
N TYR B 278 56.67 39.20 -23.10
CA TYR B 278 56.22 40.39 -23.82
C TYR B 278 54.80 40.30 -24.34
N GLY B 279 54.19 39.12 -24.33
CA GLY B 279 52.85 38.93 -24.86
C GLY B 279 52.85 37.97 -26.03
N TYR B 280 51.66 37.81 -26.61
CA TYR B 280 51.51 36.98 -27.80
C TYR B 280 51.89 37.81 -29.02
N GLN B 281 52.95 37.40 -29.71
CA GLN B 281 53.44 38.15 -30.86
C GLN B 281 53.91 37.19 -31.94
N GLU B 282 54.48 37.76 -33.00
CA GLU B 282 54.82 37.00 -34.19
C GLU B 282 56.01 36.07 -33.96
N ASN B 283 56.73 36.27 -32.87
CA ASN B 283 57.83 35.40 -32.49
C ASN B 283 57.48 34.48 -31.33
N ASN B 284 56.73 34.97 -30.35
CA ASN B 284 56.09 34.12 -29.36
C ASN B 284 54.61 34.06 -29.69
N PRO B 285 54.17 33.11 -30.51
CA PRO B 285 52.78 33.12 -30.98
C PRO B 285 51.88 32.40 -30.00
N PRO B 286 50.57 32.60 -30.10
CA PRO B 286 49.65 31.84 -29.26
C PRO B 286 49.69 30.36 -29.61
N PRO B 287 50.01 29.50 -28.66
CA PRO B 287 50.22 28.09 -28.98
C PRO B 287 48.92 27.44 -29.46
N ASP B 288 49.02 26.73 -30.58
CA ASP B 288 47.89 25.97 -31.08
C ASP B 288 47.69 24.75 -30.19
N LEU B 289 46.45 24.52 -29.81
CA LEU B 289 46.15 23.51 -28.79
C LEU B 289 45.96 22.13 -29.38
N LYS B 290 45.63 22.03 -30.67
CA LYS B 290 45.47 20.72 -31.30
C LYS B 290 46.79 19.95 -31.34
N THR B 291 47.92 20.64 -31.22
CA THR B 291 49.22 19.99 -31.20
C THR B 291 49.86 19.97 -29.82
N ASP B 292 49.55 20.93 -28.96
CA ASP B 292 50.13 21.03 -27.62
C ASP B 292 49.49 19.96 -26.75
N GLU B 293 50.07 18.76 -26.78
CA GLU B 293 49.41 17.62 -26.13
C GLU B 293 49.60 17.61 -24.62
N LEU B 294 50.68 18.20 -24.11
CA LEU B 294 50.83 18.32 -22.66
C LEU B 294 49.73 19.20 -22.08
N PHE B 295 49.33 20.22 -22.82
CA PHE B 295 48.18 21.03 -22.41
C PHE B 295 46.90 20.22 -22.42
N GLN B 296 46.78 19.26 -23.35
CA GLN B 296 45.59 18.41 -23.38
C GLN B 296 45.58 17.45 -22.22
N ASN B 297 46.74 16.94 -21.83
CA ASN B 297 46.80 16.10 -20.63
C ASN B 297 46.47 16.92 -19.38
N TRP B 298 46.94 18.15 -19.30
CA TRP B 298 46.66 18.92 -18.09
C TRP B 298 45.19 19.31 -18.01
N MET B 299 44.61 19.78 -19.10
CA MET B 299 43.25 20.27 -19.00
C MET B 299 42.19 19.18 -18.91
N MET B 300 42.56 17.93 -18.72
CA MET B 300 41.60 16.91 -18.30
C MET B 300 41.82 16.66 -16.81
N LEU B 301 40.83 17.02 -16.01
CA LEU B 301 41.03 17.26 -14.59
C LEU B 301 41.15 15.95 -13.83
N ALA B 302 42.26 15.77 -13.12
CA ALA B 302 42.44 14.60 -12.31
C ALA B 302 41.46 14.60 -11.14
N ALA B 303 41.36 13.45 -10.49
CA ALA B 303 40.34 13.21 -9.48
C ALA B 303 40.85 13.33 -8.05
N ALA B 304 42.02 12.79 -7.75
CA ALA B 304 42.60 12.87 -6.42
C ALA B 304 43.58 14.04 -6.36
N PRO B 305 44.03 14.39 -5.15
CA PRO B 305 45.12 15.38 -5.05
C PRO B 305 46.50 14.82 -5.30
N ASN B 306 46.65 13.49 -5.42
CA ASN B 306 47.97 12.89 -5.56
C ASN B 306 48.10 12.23 -6.92
N PHE B 307 47.71 12.94 -7.96
CA PHE B 307 47.56 12.36 -9.29
C PHE B 307 48.90 12.23 -10.01
N TYR B 308 48.89 11.39 -11.04
CA TYR B 308 49.94 11.31 -12.05
C TYR B 308 49.40 11.88 -13.36
N LYS B 309 50.31 12.27 -14.24
CA LYS B 309 49.89 12.71 -15.57
C LYS B 309 50.99 12.38 -16.56
N LEU B 310 50.58 12.07 -17.78
CA LEU B 310 51.50 11.57 -18.79
C LEU B 310 52.22 12.72 -19.47
N TYR B 311 53.53 12.56 -19.63
CA TYR B 311 54.37 13.57 -20.29
C TYR B 311 54.96 13.06 -21.60
N GLN B 312 55.70 11.94 -21.57
CA GLN B 312 56.35 11.43 -22.77
C GLN B 312 56.02 9.96 -22.99
N LYS B 313 56.60 9.35 -24.02
CA LYS B 313 56.56 7.90 -24.20
C LYS B 313 57.45 7.47 -25.36
N ASN B 314 57.58 6.16 -25.55
CA ASN B 314 58.28 5.60 -26.71
C ASN B 314 57.76 4.21 -26.96
N ASP B 315 57.35 3.95 -28.20
CA ASP B 315 56.64 2.73 -28.55
C ASP B 315 57.47 1.73 -29.33
N THR B 316 58.68 2.09 -29.77
CA THR B 316 59.34 1.32 -30.81
C THR B 316 60.75 0.86 -30.45
N HIS B 317 61.18 1.05 -29.20
CA HIS B 317 62.54 0.62 -28.85
C HIS B 317 62.64 0.39 -27.36
N PRO B 318 63.37 -0.63 -26.92
CA PRO B 318 63.47 -0.91 -25.49
C PRO B 318 64.62 -0.18 -24.80
N MET B 319 64.31 0.50 -23.69
CA MET B 319 65.35 1.11 -22.88
C MET B 319 66.22 0.03 -22.26
N LEU B 320 67.53 0.15 -22.45
CA LEU B 320 68.46 -0.85 -21.92
C LEU B 320 68.85 -0.51 -20.49
N ALA B 321 69.42 -1.49 -19.81
CA ALA B 321 69.98 -1.26 -18.48
C ALA B 321 71.12 -0.26 -18.59
N GLY B 322 71.03 0.81 -17.83
CA GLY B 322 72.02 1.86 -17.95
C GLY B 322 71.81 2.94 -16.92
N GLN B 323 72.84 3.77 -16.75
CA GLN B 323 72.83 4.88 -15.80
C GLN B 323 72.39 6.12 -16.56
N TYR B 324 71.10 6.25 -16.78
CA TYR B 324 70.55 7.33 -17.57
C TYR B 324 70.60 8.64 -16.78
N GLU B 325 70.45 9.74 -17.50
CA GLU B 325 70.48 11.07 -16.89
C GLU B 325 69.42 11.95 -17.53
N ILE B 326 68.59 12.56 -16.68
CA ILE B 326 67.49 13.40 -17.12
C ILE B 326 67.73 14.83 -16.65
N GLU B 327 67.38 15.79 -17.50
CA GLU B 327 67.54 17.21 -17.15
C GLU B 327 66.16 17.81 -16.88
N ILE B 328 65.83 18.00 -15.62
CA ILE B 328 64.52 18.45 -15.20
C ILE B 328 64.62 19.93 -14.86
N GLU B 329 64.17 20.78 -15.77
CA GLU B 329 64.03 22.19 -15.47
C GLU B 329 62.92 22.35 -14.43
N SER B 330 63.32 22.64 -13.19
CA SER B 330 62.40 22.74 -12.06
C SER B 330 61.79 24.13 -12.02
N ASN B 331 60.85 24.35 -12.94
CA ASN B 331 60.20 25.64 -13.08
C ASN B 331 59.03 25.81 -12.12
N PHE B 332 58.50 24.72 -11.57
CA PHE B 332 57.30 24.73 -10.75
C PHE B 332 57.72 24.75 -9.29
N ASP B 333 57.48 25.87 -8.61
CA ASP B 333 57.77 26.00 -7.19
C ASP B 333 56.64 25.35 -6.40
N VAL B 334 56.87 24.13 -5.91
CA VAL B 334 55.81 23.31 -5.37
C VAL B 334 55.89 23.16 -3.85
N THR B 335 57.07 23.24 -3.24
CA THR B 335 57.11 23.19 -1.79
C THR B 335 56.52 24.43 -1.14
N VAL B 336 56.04 25.39 -1.93
CA VAL B 336 55.44 26.58 -1.40
C VAL B 336 54.14 26.27 -0.68
N TYR B 337 53.46 25.19 -1.06
CA TYR B 337 52.25 24.75 -0.38
C TYR B 337 52.38 23.33 0.15
N LYS B 338 53.59 22.95 0.56
CA LYS B 338 53.91 21.64 1.10
C LYS B 338 53.62 20.50 0.13
N GLY B 339 53.40 20.81 -1.14
CA GLY B 339 53.23 19.76 -2.13
C GLY B 339 54.54 19.07 -2.45
N ARG B 340 54.44 18.03 -3.28
CA ARG B 340 55.60 17.29 -3.74
C ARG B 340 55.40 16.93 -5.20
N LYS B 341 56.51 16.83 -5.94
CA LYS B 341 56.48 16.46 -7.34
C LYS B 341 57.54 15.40 -7.59
N ALA B 342 57.31 14.58 -8.61
CA ALA B 342 58.18 13.45 -8.89
C ALA B 342 57.96 13.03 -10.33
N PHE B 343 58.74 12.04 -10.77
CA PHE B 343 58.58 11.48 -12.11
C PHE B 343 58.73 9.98 -12.05
N VAL B 344 57.97 9.29 -12.92
CA VAL B 344 57.95 7.83 -12.99
C VAL B 344 58.12 7.40 -14.44
N ILE B 345 58.75 6.23 -14.61
CA ILE B 345 59.12 5.72 -15.94
C ILE B 345 58.49 4.34 -16.14
N THR B 346 57.26 4.16 -15.67
CA THR B 346 56.60 2.87 -15.69
C THR B 346 56.53 2.27 -17.09
N THR B 347 56.50 0.94 -17.13
CA THR B 347 56.18 0.17 -18.33
C THR B 347 54.83 -0.51 -18.12
N LEU B 348 54.08 -0.63 -19.20
CA LEU B 348 52.67 -1.00 -19.11
C LEU B 348 52.43 -2.47 -19.44
N SER B 349 51.24 -2.94 -19.08
CA SER B 349 50.71 -4.23 -19.53
C SER B 349 49.24 -4.04 -19.90
N THR B 350 48.53 -5.14 -20.18
CA THR B 350 47.13 -5.02 -20.52
C THR B 350 46.30 -4.49 -19.36
N MET B 351 46.74 -4.71 -18.13
CA MET B 351 46.01 -4.23 -16.97
C MET B 351 46.14 -2.73 -16.83
N GLY B 352 47.37 -2.23 -16.75
CA GLY B 352 47.66 -0.82 -16.59
C GLY B 352 49.08 -0.65 -16.15
N SER B 353 49.32 0.16 -15.12
CA SER B 353 50.62 0.21 -14.49
C SER B 353 50.61 -0.65 -13.24
N ARG B 354 51.69 -0.60 -12.47
CA ARG B 354 51.84 -1.51 -11.34
C ARG B 354 50.88 -1.11 -10.22
N ASN B 355 49.85 -1.92 -10.01
CA ASN B 355 48.87 -1.72 -8.94
C ASN B 355 48.66 -3.07 -8.27
N ILE B 356 49.29 -3.27 -7.11
CA ILE B 356 49.21 -4.55 -6.43
C ILE B 356 47.85 -4.81 -5.81
N TRP B 357 46.99 -3.81 -5.73
CA TRP B 357 45.75 -3.91 -4.97
C TRP B 357 44.63 -4.68 -5.66
N PRO B 358 44.45 -4.58 -6.98
CA PRO B 358 43.43 -5.42 -7.62
C PRO B 358 43.64 -6.91 -7.36
N GLY B 359 44.88 -7.38 -7.45
CA GLY B 359 45.13 -8.78 -7.17
C GLY B 359 44.78 -9.16 -5.75
N ILE B 360 45.16 -8.33 -4.79
CA ILE B 360 44.88 -8.64 -3.39
C ILE B 360 43.39 -8.57 -3.10
N ILE B 361 42.67 -7.62 -3.70
CA ILE B 361 41.23 -7.53 -3.47
C ILE B 361 40.51 -8.73 -4.05
N PHE B 362 40.87 -9.12 -5.28
CA PHE B 362 40.25 -10.30 -5.87
C PHE B 362 40.57 -11.56 -5.07
N LEU B 363 41.82 -11.70 -4.63
CA LEU B 363 42.18 -12.86 -3.83
C LEU B 363 41.46 -12.87 -2.49
N ILE B 364 41.24 -11.70 -1.89
CA ILE B 364 40.55 -11.66 -0.60
C ILE B 364 39.08 -12.02 -0.76
N VAL B 365 38.43 -11.46 -1.78
CA VAL B 365 37.03 -11.79 -2.01
C VAL B 365 36.88 -13.28 -2.32
N GLY B 366 37.75 -13.82 -3.18
CA GLY B 366 37.69 -15.24 -3.48
C GLY B 366 37.96 -16.10 -2.25
N GLY B 367 38.90 -15.67 -1.41
CA GLY B 367 39.21 -16.46 -0.22
C GLY B 367 38.07 -16.47 0.77
N ILE B 368 37.40 -15.33 0.97
CA ILE B 368 36.29 -15.34 1.91
C ILE B 368 35.10 -16.11 1.33
N CYS B 369 34.88 -16.01 0.01
CA CYS B 369 33.84 -16.83 -0.60
C CYS B 369 34.17 -18.32 -0.46
N LEU B 370 35.44 -18.69 -0.56
CA LEU B 370 35.82 -20.09 -0.42
C LEU B 370 35.64 -20.57 1.01
N VAL B 371 36.01 -19.75 2.00
CA VAL B 371 35.86 -20.21 3.37
C VAL B 371 34.40 -20.27 3.76
N LEU B 372 33.57 -19.38 3.22
CA LEU B 372 32.14 -19.48 3.49
C LEU B 372 31.50 -20.64 2.75
N ASP B 373 32.02 -20.98 1.56
CA ASP B 373 31.58 -22.21 0.89
C ASP B 373 31.91 -23.43 1.75
N ILE B 374 33.13 -23.48 2.27
CA ILE B 374 33.51 -24.62 3.11
C ILE B 374 32.60 -24.70 4.33
N TYR B 375 32.39 -23.58 5.00
CA TYR B 375 31.55 -23.61 6.20
C TYR B 375 30.11 -23.96 5.88
N PHE B 376 29.60 -23.54 4.73
CA PHE B 376 28.22 -23.86 4.40
C PHE B 376 28.05 -25.32 4.00
N ILE B 377 28.96 -25.83 3.18
CA ILE B 377 28.88 -27.26 2.83
C ILE B 377 29.02 -28.10 4.09
N LEU B 378 29.83 -27.66 5.04
CA LEU B 378 29.96 -28.38 6.30
C LEU B 378 28.67 -28.34 7.09
N SER B 379 28.17 -27.14 7.39
CA SER B 379 27.01 -26.99 8.26
C SER B 379 25.71 -27.41 7.60
N PHE B 380 25.70 -27.71 6.30
CA PHE B 380 24.49 -28.17 5.66
C PHE B 380 24.56 -29.60 5.16
N PHE B 381 25.75 -30.20 5.09
CA PHE B 381 25.87 -31.59 4.66
C PHE B 381 26.39 -32.49 5.76
N ILE B 382 27.52 -32.15 6.37
CA ILE B 382 28.17 -33.03 7.34
C ILE B 382 27.57 -32.86 8.73
N TRP B 383 27.37 -31.62 9.17
CA TRP B 383 26.71 -31.37 10.44
C TRP B 383 25.21 -31.50 10.25
N ARG B 384 24.43 -31.08 11.25
CA ARG B 384 22.99 -31.26 11.20
C ARG B 384 22.42 -30.50 10.00
N PRO B 385 21.62 -31.15 9.15
CA PRO B 385 21.20 -30.54 7.90
C PRO B 385 19.87 -29.80 7.95
N ARG B 386 19.07 -29.94 9.01
CA ARG B 386 17.80 -29.24 9.12
C ARG B 386 16.91 -29.55 7.91
N LYS B 387 16.46 -30.81 7.86
CA LYS B 387 15.70 -31.30 6.72
C LYS B 387 14.57 -30.33 6.37
N LEU B 388 14.27 -30.26 5.07
CA LEU B 388 13.52 -29.13 4.53
C LEU B 388 12.05 -29.16 4.96
N GLY B 389 11.55 -28.00 5.38
CA GLY B 389 10.13 -27.78 5.48
C GLY B 389 9.41 -28.41 6.65
N ASP B 390 10.13 -28.89 7.64
CA ASP B 390 9.47 -29.58 8.75
C ASP B 390 8.51 -28.64 9.47
N PRO B 391 7.34 -29.12 9.87
CA PRO B 391 6.40 -28.25 10.57
C PRO B 391 6.71 -28.17 12.07
N SER B 392 7.98 -28.01 12.40
CA SER B 392 8.42 -27.84 13.78
C SER B 392 8.90 -26.44 14.07
N TYR B 393 9.53 -25.78 13.10
CA TYR B 393 9.99 -24.41 13.26
C TYR B 393 8.91 -23.38 12.94
N LEU B 394 7.72 -23.82 12.56
CA LEU B 394 6.73 -22.92 11.99
C LEU B 394 6.28 -21.83 12.96
N SER B 395 6.72 -21.91 14.21
CA SER B 395 6.52 -20.87 15.21
C SER B 395 5.05 -20.73 15.62
N TRP B 396 4.16 -21.48 14.98
CA TRP B 396 2.80 -21.69 15.48
C TRP B 396 2.57 -23.16 15.80
N ASN B 397 3.65 -23.90 16.02
CA ASN B 397 3.61 -25.29 16.41
C ASN B 397 4.49 -25.55 17.62
N GLN B 398 4.60 -24.56 18.51
CA GLN B 398 5.48 -24.68 19.67
C GLN B 398 4.73 -24.44 20.97
#